data_4FUQ
#
_entry.id   4FUQ
#
_cell.length_a   133.872
_cell.length_b   58.813
_cell.length_c   138.957
_cell.angle_alpha   90.000
_cell.angle_beta   91.660
_cell.angle_gamma   90.000
#
_symmetry.space_group_name_H-M   'P 1 21 1'
#
loop_
_entity.id
_entity.type
_entity.pdbx_description
1 polymer 'Malonyl CoA synthetase'
2 non-polymer 'SULFATE ION'
3 non-polymer GLYCEROL
4 water water
#
_entity_poly.entity_id   1
_entity_poly.type   'polypeptide(L)'
_entity_poly.pdbx_seq_one_letter_code
;(MSE)NANLFARLFDKLDDPHKLAIETAAGDKISYAELVARAGRVANVLVARGLQVGDRVAAQTEKSVEALVLYLATVRA
GGVYLPLNTAYTLHELDYFITDAEPKIVVCDPSKRDGIAAIAAKVGATVETLGPDGRGSLTDAAAGASEAFATIDRGADD
LAAILYTSGTTGRSKGA(MSE)LSHDNLASNSLTLVDYWRFTPDDVLIHALPIYHTHGLFVASNVTLFARGS(MSE)IFL
PKFDPDKILDL(MSE)ARATVL(MSE)GVPTFYTRLLQSPRLTKETTGH(MSE)RLFISGSAPLLADTHREWSAKTGHAV
LERYG(MSE)TETN(MSE)NTSNPYDGDRVPGAVGPALPGVSARVTDPETGKELPRGDIG(MSE)IEVKGPNVFKGYWR
(MSE)PEKTKSEFRDDGFFITGDLGKIDERGYVHILGRGKDLVITGGFNVYPKEIESEIDA(MSE)PGVVESAVIGVPHA
DFGEGVTAVVVRDKGATIDEAQVLHGLDGQLAKFK(MSE)PKKVIFVDDLPRNT(MSE)GKVQKNVLRETYKDIYK
;
_entity_poly.pdbx_strand_id   A,B,C,D
#
# COMPACT_ATOMS: atom_id res chain seq x y z
N ASN A 2 30.96 15.01 21.95
CA ASN A 2 31.10 13.63 22.40
C ASN A 2 29.93 12.75 21.99
N ALA A 3 30.24 11.66 21.29
CA ALA A 3 29.20 10.74 20.83
C ALA A 3 28.84 9.69 21.88
N ASN A 4 29.56 9.70 23.00
CA ASN A 4 29.24 8.79 24.10
C ASN A 4 27.76 8.93 24.42
N LEU A 5 27.07 7.80 24.44
CA LEU A 5 25.63 7.80 24.69
C LEU A 5 25.30 8.53 26.01
N PHE A 6 26.16 8.39 27.01
CA PHE A 6 25.90 9.10 28.27
C PHE A 6 25.92 10.62 28.08
N ALA A 7 26.86 11.10 27.29
CA ALA A 7 26.94 12.53 26.97
C ALA A 7 25.73 12.96 26.14
N ARG A 8 25.34 12.16 25.14
CA ARG A 8 24.17 12.50 24.33
C ARG A 8 22.94 12.63 25.22
N LEU A 9 22.81 11.72 26.18
CA LEU A 9 21.68 11.73 27.11
C LEU A 9 21.69 12.91 28.07
N PHE A 10 22.86 13.22 28.63
CA PHE A 10 22.89 14.09 29.80
C PHE A 10 23.68 15.39 29.69
N ASP A 11 24.30 15.63 28.54
CA ASP A 11 25.15 16.81 28.36
C ASP A 11 24.42 18.12 28.51
N LYS A 12 23.32 18.27 27.78
CA LYS A 12 22.58 19.51 27.80
C LYS A 12 21.17 19.29 28.35
N LEU A 13 20.98 19.64 29.60
CA LEU A 13 19.67 19.54 30.23
C LEU A 13 19.16 20.92 30.58
N ASP A 14 17.98 21.26 30.07
CA ASP A 14 17.38 22.55 30.38
C ASP A 14 16.88 22.59 31.82
N ASP A 15 16.60 21.42 32.37
CA ASP A 15 15.87 21.33 33.63
C ASP A 15 16.37 20.11 34.42
N PRO A 16 17.58 20.21 34.97
CA PRO A 16 18.20 19.02 35.56
C PRO A 16 17.53 18.52 36.83
N HIS A 17 16.67 19.34 37.42
CA HIS A 17 16.08 18.94 38.68
C HIS A 17 14.71 18.28 38.51
N LYS A 18 14.29 18.12 37.26
CA LYS A 18 13.03 17.43 37.00
C LYS A 18 13.17 15.92 37.23
N LEU A 19 12.05 15.27 37.54
CA LEU A 19 12.03 13.83 37.77
C LEU A 19 12.56 13.05 36.57
N ALA A 20 13.48 12.12 36.83
CA ALA A 20 13.92 11.14 35.82
C ALA A 20 13.25 9.80 36.07
N ILE A 21 13.31 9.35 37.33
CA ILE A 21 12.89 8.00 37.70
C ILE A 21 12.18 7.97 39.05
N GLU A 22 10.96 7.44 39.05
CA GLU A 22 10.29 7.11 40.32
C GLU A 22 10.47 5.61 40.55
N THR A 23 11.01 5.25 41.71
CA THR A 23 11.26 3.83 41.99
C THR A 23 9.98 3.13 42.40
N ALA A 24 10.01 1.81 42.41
CA ALA A 24 8.85 1.03 42.81
C ALA A 24 8.41 1.34 44.25
N ALA A 25 9.36 1.81 45.06
CA ALA A 25 9.05 2.17 46.45
C ALA A 25 8.57 3.62 46.57
N GLY A 26 8.62 4.38 45.47
CA GLY A 26 8.10 5.72 45.45
C GLY A 26 9.16 6.80 45.56
N ASP A 27 10.42 6.40 45.62
CA ASP A 27 11.50 7.38 45.69
C ASP A 27 11.65 8.14 44.36
N LYS A 28 11.95 9.42 44.46
CA LYS A 28 12.11 10.28 43.28
C LYS A 28 13.58 10.56 43.03
N ILE A 29 14.02 10.36 41.79
CA ILE A 29 15.40 10.61 41.39
C ILE A 29 15.39 11.58 40.22
N SER A 30 15.98 12.76 40.41
CA SER A 30 16.01 13.75 39.34
C SER A 30 17.06 13.40 38.30
N TYR A 31 17.04 14.12 37.18
CA TYR A 31 18.10 13.92 36.18
C TYR A 31 19.49 14.19 36.77
N ALA A 32 19.62 15.28 37.54
CA ALA A 32 20.89 15.59 38.19
C ALA A 32 21.32 14.47 39.13
N GLU A 33 20.37 13.95 39.91
CA GLU A 33 20.66 12.87 40.86
C GLU A 33 21.06 11.59 40.14
N LEU A 34 20.44 11.34 38.99
CA LEU A 34 20.76 10.15 38.20
C LEU A 34 22.19 10.24 37.64
N VAL A 35 22.56 11.43 37.16
CA VAL A 35 23.90 11.65 36.64
C VAL A 35 24.96 11.45 37.74
N ALA A 36 24.68 12.02 38.90
CA ALA A 36 25.59 11.88 40.03
C ALA A 36 25.72 10.41 40.45
N ARG A 37 24.60 9.68 40.46
CA ARG A 37 24.69 8.26 40.79
C ARG A 37 25.62 7.53 39.83
N ALA A 38 25.47 7.83 38.56
CA ALA A 38 26.28 7.23 37.53
C ALA A 38 27.76 7.60 37.69
N GLY A 39 28.02 8.82 38.14
CA GLY A 39 29.41 9.25 38.32
C GLY A 39 30.08 8.44 39.41
N ARG A 40 29.36 8.23 40.51
CA ARG A 40 29.92 7.45 41.60
C ARG A 40 30.23 6.02 41.15
N VAL A 41 29.27 5.39 40.46
CA VAL A 41 29.49 4.03 40.00
C VAL A 41 30.63 3.96 38.97
N ALA A 42 30.69 4.96 38.09
CA ALA A 42 31.75 4.96 37.09
C ALA A 42 33.12 5.02 37.79
N ASN A 43 33.24 5.85 38.82
CA ASN A 43 34.48 5.90 39.58
C ASN A 43 34.83 4.55 40.21
N VAL A 44 33.81 3.84 40.72
CA VAL A 44 34.08 2.50 41.26
C VAL A 44 34.57 1.54 40.19
N LEU A 45 33.91 1.52 39.03
CA LEU A 45 34.34 0.62 37.97
C LEU A 45 35.80 0.86 37.59
N VAL A 46 36.17 2.13 37.45
CA VAL A 46 37.53 2.48 37.03
C VAL A 46 38.51 2.06 38.14
N ALA A 47 38.11 2.31 39.38
CA ALA A 47 38.94 1.90 40.53
C ALA A 47 39.20 0.41 40.55
N ARG A 48 38.22 -0.37 40.13
CA ARG A 48 38.32 -1.82 40.10
C ARG A 48 39.00 -2.35 38.84
N GLY A 49 39.48 -1.45 37.99
CA GLY A 49 40.29 -1.85 36.85
C GLY A 49 39.64 -1.73 35.49
N LEU A 50 38.42 -1.20 35.43
CA LEU A 50 37.76 -1.03 34.13
C LEU A 50 38.56 -0.05 33.30
N GLN A 51 38.98 -0.47 32.12
CA GLN A 51 39.62 0.43 31.19
C GLN A 51 38.75 0.62 29.96
N VAL A 52 39.01 1.68 29.22
CA VAL A 52 38.20 1.92 28.04
C VAL A 52 38.20 0.70 27.10
N GLY A 53 37.00 0.29 26.73
CA GLY A 53 36.81 -0.83 25.82
C GLY A 53 36.53 -2.16 26.52
N ASP A 54 36.78 -2.22 27.82
CA ASP A 54 36.50 -3.44 28.60
C ASP A 54 35.00 -3.64 28.73
N ARG A 55 34.60 -4.90 28.90
CA ARG A 55 33.19 -5.23 29.11
C ARG A 55 32.86 -5.30 30.59
N VAL A 56 31.65 -4.86 30.94
CA VAL A 56 31.09 -5.14 32.26
C VAL A 56 29.92 -6.09 32.03
N ALA A 57 30.01 -7.30 32.57
CA ALA A 57 28.90 -8.26 32.44
C ALA A 57 28.06 -8.18 33.71
N ALA A 58 26.75 -8.08 33.53
CA ALA A 58 25.86 -7.89 34.67
C ALA A 58 24.66 -8.81 34.62
N GLN A 59 24.56 -9.69 35.63
CA GLN A 59 23.35 -10.47 35.81
C GLN A 59 22.67 -9.99 37.09
N THR A 60 21.75 -9.06 36.91
CA THR A 60 21.15 -8.34 38.02
C THR A 60 19.65 -8.40 37.91
N GLU A 61 18.96 -8.44 39.05
CA GLU A 61 17.52 -8.24 39.02
C GLU A 61 17.27 -6.76 38.79
N LYS A 62 16.07 -6.45 38.32
CA LYS A 62 15.76 -5.09 37.91
C LYS A 62 15.65 -4.09 39.08
N SER A 63 16.47 -3.04 39.04
CA SER A 63 16.45 -1.99 40.05
C SER A 63 16.98 -0.73 39.41
N VAL A 64 16.76 0.42 40.05
CA VAL A 64 17.35 1.65 39.54
C VAL A 64 18.88 1.54 39.55
N GLU A 65 19.42 0.88 40.56
CA GLU A 65 20.87 0.71 40.63
C GLU A 65 21.40 -0.10 39.43
N ALA A 66 20.63 -1.09 38.98
CA ALA A 66 21.02 -1.88 37.83
C ALA A 66 21.01 -1.02 36.56
N LEU A 67 20.04 -0.12 36.46
CA LEU A 67 20.00 0.78 35.30
C LEU A 67 21.18 1.75 35.34
N VAL A 68 21.48 2.23 36.55
CA VAL A 68 22.62 3.11 36.73
C VAL A 68 23.93 2.43 36.31
N LEU A 69 24.08 1.15 36.62
CA LEU A 69 25.29 0.43 36.21
C LEU A 69 25.47 0.46 34.68
N TYR A 70 24.38 0.29 33.94
CA TYR A 70 24.44 0.37 32.49
C TYR A 70 24.94 1.77 32.08
N LEU A 71 24.31 2.80 32.62
CA LEU A 71 24.72 4.16 32.28
C LEU A 71 26.18 4.45 32.65
N ALA A 72 26.57 4.00 33.84
CA ALA A 72 27.93 4.23 34.34
C ALA A 72 28.96 3.50 33.49
N THR A 73 28.64 2.27 33.07
CA THR A 73 29.54 1.51 32.23
C THR A 73 29.82 2.26 30.93
N VAL A 74 28.77 2.74 30.28
CA VAL A 74 28.99 3.40 29.00
C VAL A 74 29.70 4.74 29.22
N ARG A 75 29.37 5.42 30.31
CA ARG A 75 30.01 6.70 30.65
C ARG A 75 31.53 6.53 30.77
N ALA A 76 31.94 5.41 31.35
CA ALA A 76 33.36 5.15 31.63
C ALA A 76 34.08 4.56 30.43
N GLY A 77 33.40 4.55 29.29
CA GLY A 77 33.99 4.04 28.06
C GLY A 77 33.97 2.52 27.95
N GLY A 78 33.23 1.88 28.85
CA GLY A 78 33.09 0.43 28.86
C GLY A 78 32.01 -0.04 27.92
N VAL A 79 31.87 -1.35 27.83
CA VAL A 79 30.90 -1.99 26.95
C VAL A 79 30.00 -2.81 27.85
N TYR A 80 28.73 -2.43 27.91
CA TYR A 80 27.77 -3.01 28.85
C TYR A 80 27.18 -4.29 28.29
N LEU A 81 27.25 -5.34 29.10
CA LEU A 81 26.79 -6.68 28.72
C LEU A 81 25.78 -7.21 29.74
N PRO A 82 24.48 -6.95 29.50
CA PRO A 82 23.47 -7.49 30.42
C PRO A 82 23.25 -8.98 30.16
N LEU A 83 22.94 -9.73 31.20
CA LEU A 83 22.73 -11.16 31.08
C LEU A 83 21.43 -11.57 31.73
N ASN A 84 20.65 -12.35 31.01
CA ASN A 84 19.40 -12.89 31.51
C ASN A 84 19.55 -13.45 32.91
N THR A 85 18.62 -13.09 33.80
CA THR A 85 18.68 -13.52 35.20
C THR A 85 18.44 -15.04 35.30
N ALA A 86 17.93 -15.62 34.22
CA ALA A 86 17.64 -17.05 34.24
C ALA A 86 18.89 -17.94 34.11
N TYR A 87 19.99 -17.38 33.63
CA TYR A 87 21.19 -18.20 33.39
C TYR A 87 21.73 -18.84 34.66
N THR A 88 21.98 -20.14 34.59
CA THR A 88 22.64 -20.87 35.66
C THR A 88 24.13 -20.52 35.70
N LEU A 89 24.83 -20.98 36.74
CA LEU A 89 26.27 -20.74 36.79
C LEU A 89 26.97 -21.35 35.58
N HIS A 90 26.53 -22.55 35.18
CA HIS A 90 27.12 -23.22 34.01
C HIS A 90 26.89 -22.39 32.73
N GLU A 91 25.70 -21.85 32.61
CA GLU A 91 25.34 -21.02 31.46
C GLU A 91 26.13 -19.71 31.46
N LEU A 92 26.32 -19.12 32.64
CA LEU A 92 27.12 -17.90 32.73
C LEU A 92 28.54 -18.11 32.25
N ASP A 93 29.07 -19.30 32.48
CA ASP A 93 30.43 -19.63 32.08
C ASP A 93 30.61 -19.37 30.58
N TYR A 94 29.60 -19.72 29.78
CA TYR A 94 29.68 -19.51 28.33
C TYR A 94 29.87 -18.04 27.99
N PHE A 95 29.02 -17.19 28.58
CA PHE A 95 29.02 -15.77 28.24
C PHE A 95 30.27 -15.06 28.77
N ILE A 96 30.69 -15.43 29.98
CA ILE A 96 31.86 -14.78 30.57
C ILE A 96 33.13 -15.18 29.82
N THR A 97 33.20 -16.44 29.40
CA THR A 97 34.33 -16.89 28.61
C THR A 97 34.36 -16.21 27.23
N ASP A 98 33.19 -16.07 26.63
CA ASP A 98 33.09 -15.53 25.28
C ASP A 98 33.47 -14.06 25.27
N ALA A 99 32.94 -13.32 26.25
CA ALA A 99 33.06 -11.86 26.25
C ALA A 99 34.30 -11.33 26.98
N GLU A 100 34.89 -12.14 27.84
CA GLU A 100 36.03 -11.73 28.66
C GLU A 100 35.85 -10.37 29.33
N PRO A 101 34.79 -10.21 30.12
CA PRO A 101 34.58 -8.96 30.83
C PRO A 101 35.66 -8.75 31.88
N LYS A 102 35.93 -7.49 32.21
CA LYS A 102 36.87 -7.11 33.26
C LYS A 102 36.17 -7.04 34.63
N ILE A 103 34.86 -6.77 34.62
CA ILE A 103 34.07 -6.73 35.84
C ILE A 103 32.82 -7.57 35.63
N VAL A 104 32.48 -8.39 36.62
CA VAL A 104 31.23 -9.14 36.57
C VAL A 104 30.40 -8.71 37.77
N VAL A 105 29.17 -8.28 37.53
CA VAL A 105 28.28 -7.89 38.60
C VAL A 105 27.14 -8.90 38.67
N CYS A 106 26.90 -9.44 39.85
CA CYS A 106 25.92 -10.52 40.00
C CYS A 106 25.15 -10.38 41.31
N ASP A 107 24.14 -11.21 41.49
CA ASP A 107 23.42 -11.24 42.75
C ASP A 107 24.38 -11.73 43.85
N PRO A 108 24.23 -11.17 45.08
CA PRO A 108 25.11 -11.61 46.16
C PRO A 108 25.10 -13.13 46.33
N SER A 109 23.99 -13.79 45.99
CA SER A 109 23.89 -15.24 46.13
C SER A 109 24.84 -16.03 45.22
N LYS A 110 25.35 -15.39 44.17
CA LYS A 110 26.23 -16.07 43.22
CA LYS A 110 26.24 -16.06 43.22
C LYS A 110 27.68 -15.63 43.36
N ARG A 111 27.96 -14.73 44.30
CA ARG A 111 29.28 -14.12 44.40
C ARG A 111 30.42 -15.14 44.39
N ASP A 112 30.42 -16.05 45.36
CA ASP A 112 31.51 -17.01 45.46
C ASP A 112 31.45 -18.03 44.32
N GLY A 113 30.24 -18.34 43.88
CA GLY A 113 30.01 -19.27 42.79
C GLY A 113 30.63 -18.85 41.47
N ILE A 114 30.54 -17.57 41.14
CA ILE A 114 31.11 -17.13 39.88
C ILE A 114 32.60 -16.78 39.97
N ALA A 115 33.19 -16.98 41.15
CA ALA A 115 34.57 -16.55 41.38
C ALA A 115 35.56 -17.21 40.43
N ALA A 116 35.42 -18.52 40.24
CA ALA A 116 36.35 -19.28 39.41
C ALA A 116 36.21 -18.91 37.94
N ILE A 117 34.96 -18.80 37.50
CA ILE A 117 34.65 -18.33 36.15
C ILE A 117 35.27 -16.96 35.92
N ALA A 118 35.03 -16.04 36.84
CA ALA A 118 35.60 -14.70 36.71
C ALA A 118 37.12 -14.71 36.72
N ALA A 119 37.71 -15.51 37.61
CA ALA A 119 39.16 -15.58 37.70
C ALA A 119 39.79 -16.10 36.40
N LYS A 120 39.08 -17.01 35.72
CA LYS A 120 39.56 -17.60 34.48
C LYS A 120 39.84 -16.54 33.40
N VAL A 121 39.02 -15.49 33.37
CA VAL A 121 39.20 -14.42 32.40
C VAL A 121 39.80 -13.15 33.01
N GLY A 122 40.16 -13.21 34.29
CA GLY A 122 40.78 -12.09 34.96
C GLY A 122 39.82 -10.98 35.36
N ALA A 123 38.57 -11.33 35.65
CA ALA A 123 37.56 -10.35 36.04
C ALA A 123 37.42 -10.25 37.56
N THR A 124 37.04 -9.05 38.01
CA THR A 124 36.72 -8.77 39.40
C THR A 124 35.22 -8.87 39.56
N VAL A 125 34.76 -9.37 40.70
CA VAL A 125 33.33 -9.54 40.94
C VAL A 125 32.78 -8.50 41.90
N GLU A 126 31.66 -7.88 41.55
CA GLU A 126 30.93 -7.04 42.48
C GLU A 126 29.51 -7.54 42.49
N THR A 127 28.74 -7.11 43.48
CA THR A 127 27.38 -7.60 43.62
C THR A 127 26.33 -6.50 43.66
N LEU A 128 25.14 -6.86 43.21
CA LEU A 128 23.99 -5.99 43.25
C LEU A 128 22.77 -6.87 43.33
N GLY A 129 21.99 -6.69 44.39
CA GLY A 129 20.82 -7.53 44.64
C GLY A 129 19.54 -6.89 44.15
N PRO A 130 18.41 -7.58 44.35
CA PRO A 130 17.12 -7.10 43.84
C PRO A 130 16.70 -5.81 44.54
N ASP A 131 17.24 -5.59 45.73
CA ASP A 131 16.95 -4.37 46.49
C ASP A 131 17.87 -3.21 46.12
N GLY A 132 18.74 -3.44 45.13
CA GLY A 132 19.72 -2.45 44.73
C GLY A 132 20.88 -2.27 45.71
N ARG A 133 21.04 -3.20 46.65
CA ARG A 133 22.16 -3.15 47.60
C ARG A 133 23.18 -4.21 47.19
N GLY A 134 24.39 -4.12 47.73
CA GLY A 134 25.46 -5.03 47.33
C GLY A 134 26.80 -4.34 47.41
N SER A 135 27.87 -5.05 47.03
CA SER A 135 29.19 -4.45 47.12
C SER A 135 29.32 -3.25 46.17
N LEU A 136 28.63 -3.28 45.04
CA LEU A 136 28.75 -2.15 44.10
C LEU A 136 28.19 -0.89 44.75
N THR A 137 27.05 -1.05 45.39
CA THR A 137 26.36 0.06 46.04
C THR A 137 27.14 0.53 47.27
N ASP A 138 27.73 -0.41 48.01
CA ASP A 138 28.54 -0.05 49.19
C ASP A 138 29.69 0.85 48.72
N ALA A 139 30.33 0.45 47.64
CA ALA A 139 31.51 1.17 47.15
C ALA A 139 31.10 2.50 46.52
N ALA A 140 30.01 2.50 45.77
CA ALA A 140 29.60 3.73 45.12
C ALA A 140 29.32 4.87 46.12
N ALA A 141 28.76 4.53 47.28
CA ALA A 141 28.39 5.52 48.27
C ALA A 141 29.60 6.35 48.69
N GLY A 142 30.76 5.71 48.72
CA GLY A 142 31.99 6.32 49.18
C GLY A 142 32.85 6.89 48.06
N ALA A 143 32.31 6.83 46.84
CA ALA A 143 33.05 7.33 45.67
C ALA A 143 32.66 8.76 45.34
N SER A 144 33.59 9.49 44.70
CA SER A 144 33.29 10.83 44.21
C SER A 144 32.22 10.80 43.10
N GLU A 145 31.39 11.83 43.03
CA GLU A 145 30.38 11.91 41.97
C GLU A 145 30.96 12.51 40.68
N ALA A 146 32.05 13.26 40.79
CA ALA A 146 32.67 13.86 39.61
C ALA A 146 33.33 12.81 38.71
N PHE A 147 32.93 12.79 37.44
CA PHE A 147 33.52 11.87 36.49
C PHE A 147 33.54 12.48 35.08
N ALA A 148 34.72 12.52 34.48
CA ALA A 148 34.85 13.02 33.12
C ALA A 148 34.40 11.95 32.14
N THR A 149 33.21 12.13 31.58
CA THR A 149 32.66 11.16 30.64
C THR A 149 33.66 10.90 29.51
N ILE A 150 33.92 9.64 29.24
CA ILE A 150 34.92 9.24 28.25
C ILE A 150 34.50 9.59 26.82
N ASP A 151 35.43 10.13 26.04
CA ASP A 151 35.13 10.44 24.66
C ASP A 151 34.93 9.14 23.87
N ARG A 152 33.82 9.06 23.14
CA ARG A 152 33.55 7.92 22.29
C ARG A 152 33.07 8.43 20.94
N GLY A 153 33.36 7.69 19.90
CA GLY A 153 32.87 8.04 18.58
C GLY A 153 31.60 7.26 18.26
N ALA A 154 30.92 7.68 17.21
CA ALA A 154 29.67 7.06 16.76
C ALA A 154 29.76 5.55 16.68
N ASP A 155 30.86 5.04 16.13
CA ASP A 155 30.95 3.61 15.85
C ASP A 155 31.61 2.79 16.96
N ASP A 156 32.05 3.45 18.04
CA ASP A 156 32.59 2.73 19.19
C ASP A 156 31.51 1.92 19.88
N LEU A 157 31.89 0.79 20.45
CA LEU A 157 30.93 -0.06 21.13
C LEU A 157 30.39 0.53 22.44
N ALA A 158 29.09 0.38 22.65
CA ALA A 158 28.46 0.71 23.93
C ALA A 158 27.94 -0.52 24.68
N ALA A 159 27.57 -1.57 23.94
CA ALA A 159 26.95 -2.72 24.56
C ALA A 159 27.10 -3.98 23.71
N ILE A 160 27.01 -5.13 24.37
CA ILE A 160 26.88 -6.40 23.69
C ILE A 160 25.65 -7.09 24.29
N LEU A 161 24.72 -7.48 23.44
CA LEU A 161 23.57 -8.25 23.89
C LEU A 161 23.58 -9.58 23.15
N TYR A 162 23.47 -10.67 23.89
CA TYR A 162 23.50 -12.00 23.27
C TYR A 162 22.12 -12.44 22.74
N THR A 163 22.15 -13.12 21.59
CA THR A 163 20.93 -13.59 20.95
C THR A 163 20.48 -14.91 21.55
N SER A 164 19.27 -15.32 21.16
CA SER A 164 18.73 -16.62 21.53
C SER A 164 18.64 -17.50 20.28
N THR A 167 19.77 -21.31 16.20
CA THR A 167 20.05 -22.73 15.93
C THR A 167 21.45 -23.12 16.41
N GLY A 168 22.35 -22.15 16.47
CA GLY A 168 23.70 -22.39 16.95
C GLY A 168 23.93 -21.76 18.31
N ARG A 169 25.19 -21.64 18.71
CA ARG A 169 25.52 -21.02 20.00
C ARG A 169 25.04 -19.57 20.01
N SER A 170 24.77 -19.03 21.19
CA SER A 170 24.29 -17.67 21.37
C SER A 170 25.36 -16.69 20.94
N LYS A 171 24.97 -15.66 20.18
CA LYS A 171 25.93 -14.74 19.56
C LYS A 171 25.85 -13.36 20.18
N GLY A 172 27.01 -12.74 20.41
CA GLY A 172 27.06 -11.42 21.02
C GLY A 172 26.91 -10.30 20.00
N ALA A 173 25.73 -9.66 20.01
CA ALA A 173 25.50 -8.56 19.06
C ALA A 173 26.19 -7.30 19.57
N LEU A 175 26.77 -3.52 19.72
CA LEU A 175 25.97 -2.32 19.50
C LEU A 175 26.78 -1.06 19.80
N SER A 176 26.78 -0.13 18.87
CA SER A 176 27.57 1.10 19.02
C SER A 176 26.81 2.21 19.73
N HIS A 177 27.56 3.23 20.14
CA HIS A 177 26.97 4.44 20.70
C HIS A 177 25.95 5.04 19.75
N ASP A 178 26.29 5.14 18.47
CA ASP A 178 25.32 5.74 17.55
C ASP A 178 24.16 4.81 17.22
N ASN A 179 24.38 3.49 17.28
CA ASN A 179 23.24 2.57 17.11
C ASN A 179 22.17 2.96 18.11
N LEU A 180 22.59 3.11 19.37
CA LEU A 180 21.64 3.34 20.45
C LEU A 180 21.10 4.77 20.45
N ALA A 181 21.97 5.75 20.24
CA ALA A 181 21.51 7.14 20.26
C ALA A 181 20.61 7.45 19.08
N SER A 182 21.02 7.06 17.88
CA SER A 182 20.23 7.40 16.70
C SER A 182 18.82 6.83 16.80
N ASN A 183 18.72 5.57 17.22
CA ASN A 183 17.42 4.92 17.19
C ASN A 183 16.43 5.52 18.20
N SER A 184 16.89 5.73 19.43
CA SER A 184 15.97 6.28 20.41
CA SER A 184 16.02 6.29 20.45
C SER A 184 15.64 7.74 20.15
N LEU A 185 16.59 8.51 19.60
CA LEU A 185 16.27 9.88 19.23
C LEU A 185 15.21 9.90 18.14
N THR A 186 15.33 8.99 17.18
CA THR A 186 14.30 8.89 16.15
C THR A 186 12.92 8.59 16.73
N LEU A 187 12.88 7.66 17.68
CA LEU A 187 11.63 7.27 18.33
C LEU A 187 11.01 8.37 19.19
N VAL A 188 11.84 9.19 19.83
CA VAL A 188 11.33 10.33 20.60
C VAL A 188 10.42 11.15 19.70
N ASP A 189 10.89 11.44 18.50
CA ASP A 189 10.10 12.22 17.57
C ASP A 189 8.95 11.42 16.97
N TYR A 190 9.21 10.18 16.57
CA TYR A 190 8.18 9.39 15.91
C TYR A 190 7.01 9.07 16.82
N TRP A 191 7.29 8.80 18.09
CA TRP A 191 6.27 8.50 19.08
C TRP A 191 5.84 9.74 19.87
N ARG A 192 6.28 10.92 19.41
CA ARG A 192 5.83 12.19 19.96
C ARG A 192 6.02 12.34 21.48
N PHE A 193 7.16 11.90 21.99
CA PHE A 193 7.48 12.06 23.40
C PHE A 193 7.79 13.51 23.73
N THR A 194 7.44 13.92 24.95
CA THR A 194 7.77 15.25 25.46
C THR A 194 8.26 15.11 26.90
N PRO A 195 8.82 16.18 27.47
CA PRO A 195 9.28 16.08 28.86
C PRO A 195 8.16 15.79 29.87
N ASP A 196 6.90 16.01 29.47
CA ASP A 196 5.78 15.75 30.36
C ASP A 196 5.37 14.28 30.40
N ASP A 197 5.93 13.46 29.52
CA ASP A 197 5.58 12.04 29.52
C ASP A 197 6.06 11.29 30.76
N VAL A 198 5.25 10.33 31.19
CA VAL A 198 5.58 9.44 32.28
C VAL A 198 5.36 8.01 31.79
N LEU A 199 6.45 7.27 31.67
CA LEU A 199 6.40 5.92 31.15
C LEU A 199 6.30 4.90 32.26
N ILE A 200 5.29 4.04 32.19
CA ILE A 200 5.21 2.90 33.10
C ILE A 200 6.17 1.84 32.60
N HIS A 201 7.23 1.57 33.36
CA HIS A 201 8.31 0.68 32.90
C HIS A 201 8.23 -0.66 33.65
N ALA A 202 7.68 -1.67 32.98
CA ALA A 202 7.41 -2.96 33.63
C ALA A 202 8.09 -4.09 32.89
N LEU A 203 9.12 -3.77 32.13
CA LEU A 203 9.81 -4.73 31.29
C LEU A 203 11.18 -5.04 31.87
N PRO A 204 11.72 -6.22 31.56
CA PRO A 204 13.08 -6.55 32.01
C PRO A 204 14.09 -5.64 31.35
N ILE A 205 15.21 -5.42 32.00
CA ILE A 205 16.25 -4.58 31.39
C ILE A 205 17.47 -5.35 30.94
N TYR A 206 17.29 -6.64 30.65
CA TYR A 206 18.35 -7.40 29.98
C TYR A 206 18.00 -7.73 28.53
N HIS A 207 16.93 -7.10 28.01
CA HIS A 207 16.63 -7.18 26.58
C HIS A 207 16.55 -5.76 26.00
N THR A 208 16.66 -5.66 24.69
CA THR A 208 16.60 -4.37 23.99
C THR A 208 15.41 -3.50 24.38
N HIS A 209 14.23 -4.12 24.48
CA HIS A 209 12.98 -3.37 24.66
C HIS A 209 13.00 -2.58 25.97
N GLY A 210 13.24 -3.25 27.09
CA GLY A 210 13.22 -2.57 28.38
C GLY A 210 14.49 -1.78 28.66
N LEU A 211 15.63 -2.30 28.23
CA LEU A 211 16.90 -1.64 28.55
C LEU A 211 17.07 -0.37 27.72
N PHE A 212 16.91 -0.48 26.40
CA PHE A 212 17.25 0.62 25.52
C PHE A 212 16.01 1.43 25.10
N VAL A 213 15.01 0.75 24.53
CA VAL A 213 13.89 1.47 23.97
C VAL A 213 13.16 2.25 25.06
N ALA A 214 12.72 1.56 26.11
CA ALA A 214 11.95 2.24 27.14
C ALA A 214 12.80 3.28 27.86
N SER A 215 14.00 2.89 28.29
CA SER A 215 14.83 3.82 29.08
C SER A 215 15.38 4.98 28.29
N ASN A 216 16.00 4.67 27.15
CA ASN A 216 16.65 5.70 26.37
C ASN A 216 15.66 6.67 25.72
N VAL A 217 14.52 6.17 25.27
CA VAL A 217 13.53 7.07 24.67
C VAL A 217 13.03 8.05 25.73
N THR A 218 12.73 7.54 26.93
CA THR A 218 12.26 8.37 28.02
C THR A 218 13.31 9.42 28.40
N LEU A 219 14.56 9.00 28.51
CA LEU A 219 15.62 9.90 28.93
C LEU A 219 15.97 10.94 27.85
N PHE A 220 16.00 10.52 26.59
CA PHE A 220 16.22 11.50 25.51
C PHE A 220 15.06 12.50 25.43
N ALA A 221 13.85 12.08 25.79
CA ALA A 221 12.70 12.98 25.78
C ALA A 221 12.68 13.96 26.97
N ARG A 222 13.55 13.70 27.94
CA ARG A 222 13.56 14.42 29.21
C ARG A 222 12.27 14.18 30.04
N GLY A 223 11.59 13.09 29.74
CA GLY A 223 10.46 12.64 30.54
C GLY A 223 10.90 11.84 31.74
N SER A 224 9.98 11.10 32.35
CA SER A 224 10.31 10.25 33.49
C SER A 224 9.69 8.87 33.36
N ILE A 226 8.32 5.29 35.72
CA ILE A 226 8.01 4.68 37.01
C ILE A 226 8.51 3.25 36.89
N PHE A 227 9.55 2.95 37.65
CA PHE A 227 10.38 1.78 37.41
C PHE A 227 9.91 0.59 38.22
N LEU A 228 9.00 -0.19 37.65
CA LEU A 228 8.44 -1.36 38.33
C LEU A 228 9.36 -2.58 38.19
N PRO A 229 9.49 -3.36 39.27
CA PRO A 229 10.34 -4.57 39.23
C PRO A 229 9.81 -5.63 38.28
N LYS A 230 8.50 -5.63 38.04
CA LYS A 230 7.89 -6.60 37.15
C LYS A 230 6.46 -6.20 36.77
N PHE A 231 5.83 -6.99 35.91
CA PHE A 231 4.48 -6.71 35.44
C PHE A 231 3.44 -7.16 36.46
N ASP A 232 2.54 -6.25 36.82
CA ASP A 232 1.45 -6.56 37.72
C ASP A 232 0.24 -5.75 37.26
N PRO A 233 -0.80 -6.43 36.79
CA PRO A 233 -1.98 -5.81 36.16
C PRO A 233 -2.67 -4.76 37.03
N ASP A 234 -2.83 -5.04 38.32
CA ASP A 234 -3.48 -4.08 39.20
C ASP A 234 -2.62 -2.84 39.45
N LYS A 235 -1.32 -3.04 39.67
CA LYS A 235 -0.43 -1.91 39.87
C LYS A 235 -0.39 -1.02 38.63
N ILE A 236 -0.34 -1.64 37.45
CA ILE A 236 -0.32 -0.86 36.22
C ILE A 236 -1.61 -0.05 36.06
N LEU A 237 -2.74 -0.70 36.32
CA LEU A 237 -4.02 0.00 36.32
C LEU A 237 -4.00 1.18 37.29
N ASP A 238 -3.52 0.93 38.50
CA ASP A 238 -3.33 1.99 39.49
C ASP A 238 -2.58 3.18 38.90
N LEU A 239 -1.45 2.90 38.25
CA LEU A 239 -0.52 3.94 37.81
C LEU A 239 -1.00 4.75 36.61
N ALA A 241 -3.47 6.36 36.03
CA ALA A 241 -4.09 7.62 36.41
C ALA A 241 -3.07 8.76 36.46
N ARG A 242 -1.80 8.43 36.66
CA ARG A 242 -0.75 9.44 36.73
C ARG A 242 0.44 9.16 35.80
N ALA A 243 0.18 8.45 34.71
CA ALA A 243 1.22 8.19 33.72
C ALA A 243 0.69 8.51 32.32
N THR A 244 1.54 8.43 31.31
CA THR A 244 1.09 8.72 29.94
C THR A 244 1.43 7.65 28.92
N VAL A 245 2.49 6.88 29.16
CA VAL A 245 2.89 5.88 28.18
C VAL A 245 3.03 4.50 28.80
N LEU A 246 2.59 3.47 28.08
CA LEU A 246 2.91 2.10 28.45
C LEU A 246 3.57 1.36 27.28
N GLY A 248 4.69 -2.47 26.31
CA GLY A 248 4.54 -3.84 26.76
C GLY A 248 4.63 -4.86 25.65
N VAL A 249 4.16 -6.05 25.95
CA VAL A 249 4.10 -7.16 25.02
C VAL A 249 2.65 -7.61 25.00
N PRO A 250 2.27 -8.42 24.01
CA PRO A 250 0.85 -8.73 23.88
C PRO A 250 0.24 -9.23 25.20
N THR A 251 0.95 -10.06 25.94
CA THR A 251 0.38 -10.59 27.17
C THR A 251 0.03 -9.48 28.17
N PHE A 252 0.70 -8.35 28.10
CA PHE A 252 0.31 -7.21 28.93
C PHE A 252 -1.13 -6.84 28.63
N TYR A 253 -1.41 -6.72 27.34
CA TYR A 253 -2.70 -6.24 26.88
C TYR A 253 -3.82 -7.26 27.07
N THR A 254 -3.53 -8.53 26.81
CA THR A 254 -4.52 -9.57 27.01
C THR A 254 -4.84 -9.76 28.49
N ARG A 255 -3.81 -9.73 29.34
CA ARG A 255 -4.04 -9.83 30.78
C ARG A 255 -4.81 -8.62 31.31
N LEU A 256 -4.43 -7.42 30.87
CA LEU A 256 -5.12 -6.21 31.27
C LEU A 256 -6.60 -6.26 30.86
N LEU A 257 -6.86 -6.81 29.68
CA LEU A 257 -8.22 -6.92 29.18
C LEU A 257 -9.10 -7.82 30.05
N GLN A 258 -8.47 -8.77 30.72
CA GLN A 258 -9.20 -9.68 31.60
C GLN A 258 -9.70 -9.00 32.88
N SER A 259 -9.30 -7.75 33.08
CA SER A 259 -9.67 -7.02 34.29
C SER A 259 -10.92 -6.17 34.09
N PRO A 260 -11.90 -6.29 35.01
CA PRO A 260 -13.11 -5.46 34.97
C PRO A 260 -12.74 -3.98 35.11
N ARG A 261 -11.57 -3.72 35.67
CA ARG A 261 -11.10 -2.35 35.90
C ARG A 261 -10.78 -1.59 34.62
N LEU A 262 -10.49 -2.32 33.54
CA LEU A 262 -10.06 -1.67 32.29
C LEU A 262 -11.20 -0.98 31.57
N THR A 263 -11.21 0.35 31.64
CA THR A 263 -12.26 1.15 31.01
C THR A 263 -11.70 2.45 30.44
N LYS A 264 -12.54 3.19 29.72
CA LYS A 264 -12.11 4.47 29.17
C LYS A 264 -11.67 5.42 30.27
N GLU A 265 -12.29 5.31 31.44
CA GLU A 265 -11.97 6.19 32.56
C GLU A 265 -10.61 5.87 33.17
N THR A 266 -10.33 4.59 33.38
CA THR A 266 -9.06 4.21 34.00
C THR A 266 -7.88 4.43 33.06
N THR A 267 -8.17 4.59 31.77
CA THR A 267 -7.11 4.85 30.79
C THR A 267 -7.16 6.27 30.24
N GLY A 268 -8.05 7.09 30.80
CA GLY A 268 -8.28 8.43 30.31
C GLY A 268 -7.07 9.35 30.30
N HIS A 269 -6.12 9.10 31.19
CA HIS A 269 -4.96 9.97 31.33
C HIS A 269 -3.85 9.55 30.37
N ARG A 271 -1.64 8.50 27.12
CA ARG A 271 -1.44 9.07 25.79
C ARG A 271 -1.11 8.01 24.74
N LEU A 272 -0.28 7.04 25.11
CA LEU A 272 0.27 6.12 24.12
C LEU A 272 0.49 4.71 24.67
N PHE A 273 0.04 3.73 23.90
CA PHE A 273 0.29 2.33 24.23
C PHE A 273 1.07 1.71 23.07
N ILE A 274 2.11 0.94 23.43
CA ILE A 274 2.98 0.28 22.45
C ILE A 274 3.14 -1.19 22.84
N SER A 275 3.21 -2.05 21.84
CA SER A 275 3.44 -3.48 22.04
C SER A 275 4.54 -3.96 21.11
N GLY A 276 5.39 -4.85 21.59
CA GLY A 276 6.42 -5.43 20.76
C GLY A 276 6.67 -6.89 21.07
N SER A 277 7.74 -7.44 20.50
CA SER A 277 8.18 -8.81 20.75
C SER A 277 7.43 -9.88 19.96
N ALA A 278 6.11 -9.82 20.03
CA ALA A 278 5.26 -10.79 19.33
C ALA A 278 4.06 -10.03 18.83
N PRO A 279 3.41 -10.54 17.78
CA PRO A 279 2.26 -9.82 17.22
C PRO A 279 1.06 -9.80 18.15
N LEU A 280 0.36 -8.67 18.20
CA LEU A 280 -0.96 -8.61 18.83
C LEU A 280 -1.99 -9.16 17.86
N LEU A 281 -2.93 -9.95 18.34
CA LEU A 281 -4.07 -10.35 17.55
C LEU A 281 -4.89 -9.12 17.17
N ALA A 282 -5.42 -9.13 15.94
CA ALA A 282 -6.34 -8.08 15.52
C ALA A 282 -7.52 -7.96 16.50
N ASP A 283 -8.02 -9.09 16.97
CA ASP A 283 -9.09 -9.08 17.97
C ASP A 283 -8.67 -8.29 19.20
N THR A 284 -7.39 -8.39 19.59
CA THR A 284 -6.92 -7.65 20.75
C THR A 284 -6.87 -6.15 20.48
N HIS A 285 -6.40 -5.77 19.29
CA HIS A 285 -6.48 -4.38 18.86
C HIS A 285 -7.91 -3.87 18.99
N ARG A 286 -8.85 -4.64 18.48
CA ARG A 286 -10.24 -4.21 18.49
C ARG A 286 -10.79 -4.07 19.91
N GLU A 287 -10.58 -5.09 20.73
CA GLU A 287 -11.03 -5.05 22.12
C GLU A 287 -10.41 -3.90 22.88
N TRP A 288 -9.09 -3.72 22.74
CA TRP A 288 -8.42 -2.64 23.43
C TRP A 288 -9.05 -1.32 23.04
N SER A 289 -9.31 -1.15 21.76
CA SER A 289 -9.90 0.09 21.27
C SER A 289 -11.31 0.25 21.83
N ALA A 290 -12.06 -0.83 21.89
CA ALA A 290 -13.44 -0.77 22.37
C ALA A 290 -13.52 -0.45 23.86
N LYS A 291 -12.60 -1.02 24.64
CA LYS A 291 -12.65 -0.85 26.09
C LYS A 291 -11.98 0.43 26.58
N THR A 292 -10.95 0.89 25.87
CA THR A 292 -10.15 2.01 26.34
C THR A 292 -10.23 3.24 25.44
N GLY A 293 -10.61 3.06 24.18
CA GLY A 293 -10.61 4.17 23.25
C GLY A 293 -9.27 4.44 22.59
N HIS A 294 -8.26 3.65 22.95
CA HIS A 294 -6.89 3.83 22.45
C HIS A 294 -6.49 2.79 21.39
N ALA A 295 -5.65 3.20 20.46
CA ALA A 295 -4.93 2.26 19.60
C ALA A 295 -3.68 1.80 20.33
N VAL A 296 -3.12 0.67 19.90
CA VAL A 296 -1.84 0.20 20.39
C VAL A 296 -0.86 0.12 19.23
N LEU A 297 0.24 0.87 19.31
CA LEU A 297 1.23 0.83 18.25
C LEU A 297 2.07 -0.43 18.29
N GLU A 298 2.33 -1.00 17.12
CA GLU A 298 3.28 -2.09 16.98
C GLU A 298 4.49 -1.64 16.16
N ARG A 299 5.59 -2.36 16.27
CA ARG A 299 6.85 -1.94 15.66
C ARG A 299 7.79 -3.14 15.54
N TYR A 300 8.52 -3.19 14.43
CA TYR A 300 9.42 -4.32 14.16
C TYR A 300 10.80 -4.00 14.67
N GLY A 301 11.35 -4.87 15.50
CA GLY A 301 12.70 -4.64 15.99
C GLY A 301 13.33 -5.94 16.41
N THR A 303 17.34 -7.48 18.43
CA THR A 303 18.57 -7.09 19.10
C THR A 303 19.58 -6.47 18.14
N GLU A 304 19.78 -7.11 16.98
CA GLU A 304 20.79 -6.66 16.02
C GLU A 304 20.46 -5.34 15.35
N THR A 305 19.19 -4.92 15.37
CA THR A 305 18.78 -3.76 14.58
C THR A 305 18.11 -2.65 15.37
N ASN A 306 17.92 -2.87 16.67
CA ASN A 306 17.03 -2.01 17.43
C ASN A 306 15.70 -1.88 16.68
N ASN A 308 13.16 -0.99 13.68
CA ASN A 308 13.21 -0.76 12.23
C ASN A 308 12.01 0.00 11.66
N THR A 309 10.83 -0.28 12.19
CA THR A 309 9.58 0.31 11.69
C THR A 309 8.73 0.72 12.88
N SER A 310 7.61 1.39 12.62
CA SER A 310 6.57 1.52 13.63
C SER A 310 5.29 1.90 12.93
N ASN A 311 4.17 1.40 13.43
CA ASN A 311 2.90 1.94 12.97
C ASN A 311 2.93 3.44 13.24
N PRO A 312 2.30 4.22 12.35
CA PRO A 312 2.27 5.68 12.52
C PRO A 312 1.51 6.10 13.78
N TYR A 313 1.98 7.17 14.42
CA TYR A 313 1.33 7.68 15.62
C TYR A 313 -0.12 8.01 15.34
N ASP A 314 -0.37 8.60 14.18
CA ASP A 314 -1.71 8.99 13.78
C ASP A 314 -2.15 8.13 12.61
N GLY A 315 -3.36 7.59 12.69
CA GLY A 315 -3.96 6.96 11.55
C GLY A 315 -3.83 5.45 11.45
N ASP A 316 -4.00 4.98 10.21
CA ASP A 316 -4.25 3.57 9.92
C ASP A 316 -3.19 2.57 10.34
N ARG A 317 -3.66 1.56 11.05
CA ARG A 317 -2.96 0.31 11.21
C ARG A 317 -3.35 -0.53 9.99
N VAL A 318 -2.39 -1.25 9.42
CA VAL A 318 -2.65 -2.13 8.29
C VAL A 318 -2.58 -3.57 8.78
N PRO A 319 -3.60 -4.38 8.46
CA PRO A 319 -3.63 -5.74 9.01
C PRO A 319 -2.40 -6.56 8.60
N GLY A 320 -1.77 -7.19 9.58
CA GLY A 320 -0.63 -8.05 9.30
C GLY A 320 0.68 -7.29 9.22
N ALA A 321 0.62 -5.96 9.33
CA ALA A 321 1.80 -5.12 9.13
C ALA A 321 2.23 -4.44 10.42
N VAL A 322 3.51 -4.05 10.47
CA VAL A 322 4.04 -3.32 11.62
C VAL A 322 4.60 -1.95 11.23
N GLY A 323 4.07 -1.39 10.15
CA GLY A 323 4.39 -0.02 9.77
C GLY A 323 5.54 0.09 8.79
N PRO A 324 5.76 1.29 8.26
CA PRO A 324 6.87 1.55 7.34
C PRO A 324 8.16 1.73 8.12
N ALA A 325 9.26 1.63 7.38
CA ALA A 325 10.56 1.87 7.95
C ALA A 325 10.61 3.24 8.62
N LEU A 326 11.27 3.28 9.78
CA LEU A 326 11.46 4.54 10.51
C LEU A 326 12.38 5.49 9.74
N PRO A 327 12.28 6.79 10.04
CA PRO A 327 13.22 7.74 9.46
C PRO A 327 14.66 7.26 9.62
N GLY A 328 15.42 7.28 8.53
CA GLY A 328 16.81 6.89 8.56
C GLY A 328 17.06 5.42 8.29
N VAL A 329 16.00 4.62 8.33
CA VAL A 329 16.12 3.16 8.19
C VAL A 329 15.64 2.74 6.82
N SER A 330 16.39 1.84 6.18
CA SER A 330 16.01 1.27 4.89
C SER A 330 15.62 -0.18 5.09
N ALA A 331 14.51 -0.57 4.50
CA ALA A 331 14.09 -1.97 4.54
C ALA A 331 13.78 -2.45 3.13
N ARG A 332 14.15 -3.69 2.83
CA ARG A 332 13.84 -4.24 1.52
C ARG A 332 13.59 -5.73 1.61
N VAL A 333 13.00 -6.29 0.55
CA VAL A 333 12.70 -7.72 0.51
C VAL A 333 13.44 -8.31 -0.69
N THR A 334 14.13 -9.42 -0.47
CA THR A 334 14.98 -10.00 -1.49
C THR A 334 14.73 -11.49 -1.67
N ASP A 335 15.17 -12.03 -2.81
CA ASP A 335 15.17 -13.47 -2.99
C ASP A 335 16.17 -14.08 -2.03
N PRO A 336 15.71 -15.01 -1.18
CA PRO A 336 16.56 -15.48 -0.07
C PRO A 336 17.89 -16.01 -0.57
N GLU A 337 17.86 -16.69 -1.70
CA GLU A 337 19.07 -17.27 -2.28
C GLU A 337 19.87 -16.24 -3.09
N THR A 338 19.30 -15.79 -4.20
CA THR A 338 20.02 -14.92 -5.15
C THR A 338 20.31 -13.52 -4.61
N GLY A 339 19.47 -13.05 -3.68
CA GLY A 339 19.69 -11.78 -3.01
C GLY A 339 19.18 -10.55 -3.74
N LYS A 340 18.52 -10.77 -4.87
CA LYS A 340 17.98 -9.65 -5.63
C LYS A 340 16.68 -9.15 -5.02
N GLU A 341 16.49 -7.83 -5.02
CA GLU A 341 15.27 -7.26 -4.49
C GLU A 341 14.05 -7.69 -5.29
N LEU A 342 12.96 -8.01 -4.58
CA LEU A 342 11.71 -8.42 -5.21
C LEU A 342 10.75 -7.25 -5.41
N PRO A 343 9.80 -7.41 -6.34
CA PRO A 343 8.78 -6.36 -6.51
C PRO A 343 7.99 -6.20 -5.22
N ARG A 344 7.49 -4.99 -4.95
CA ARG A 344 6.67 -4.77 -3.76
C ARG A 344 5.49 -5.71 -3.75
N GLY A 345 5.27 -6.35 -2.61
CA GLY A 345 4.15 -7.23 -2.42
C GLY A 345 4.56 -8.67 -2.52
N ASP A 346 5.72 -8.93 -3.10
CA ASP A 346 6.22 -10.29 -3.17
C ASP A 346 6.93 -10.69 -1.88
N ILE A 347 6.87 -11.97 -1.54
CA ILE A 347 7.41 -12.46 -0.28
C ILE A 347 8.83 -12.98 -0.42
N GLY A 348 9.69 -12.58 0.52
CA GLY A 348 11.09 -12.96 0.51
C GLY A 348 11.76 -12.61 1.82
N ILE A 350 13.54 -10.35 4.51
CA ILE A 350 13.62 -8.96 4.92
C ILE A 350 15.07 -8.59 5.27
N GLU A 351 15.54 -7.47 4.72
CA GLU A 351 16.88 -6.99 5.02
C GLU A 351 16.79 -5.54 5.42
N VAL A 352 17.65 -5.11 6.34
CA VAL A 352 17.60 -3.72 6.79
C VAL A 352 18.97 -3.09 6.83
N LYS A 353 19.01 -1.79 6.61
CA LYS A 353 20.25 -1.04 6.65
C LYS A 353 19.97 0.33 7.27
N GLY A 354 20.88 0.80 8.11
CA GLY A 354 20.68 2.12 8.69
C GLY A 354 21.55 2.29 9.92
N PRO A 355 21.46 3.48 10.53
CA PRO A 355 22.37 3.80 11.64
C PRO A 355 21.99 2.98 12.87
N ASN A 356 20.84 2.29 12.81
CA ASN A 356 20.36 1.43 13.89
C ASN A 356 21.00 0.04 13.87
N VAL A 357 21.59 -0.32 12.74
CA VAL A 357 22.04 -1.71 12.56
C VAL A 357 23.39 -1.96 13.24
N PHE A 358 23.45 -3.05 13.98
CA PHE A 358 24.63 -3.40 14.76
C PHE A 358 25.90 -3.59 13.95
N LYS A 359 27.01 -3.78 14.68
CA LYS A 359 28.33 -3.77 14.07
C LYS A 359 28.83 -5.17 13.72
N GLY A 360 28.13 -6.20 14.18
CA GLY A 360 28.53 -7.58 13.92
C GLY A 360 28.48 -8.42 15.19
N TYR A 361 28.87 -9.68 15.07
CA TYR A 361 28.87 -10.58 16.22
C TYR A 361 30.26 -10.71 16.84
N TRP A 362 30.30 -10.62 18.17
CA TRP A 362 31.54 -10.61 18.94
C TRP A 362 32.40 -11.85 18.65
N ARG A 363 33.61 -11.61 18.17
CA ARG A 363 34.61 -12.67 17.88
C ARG A 363 34.07 -13.74 16.93
N PRO A 365 33.76 -13.46 13.15
CA PRO A 365 33.87 -12.76 11.87
C PRO A 365 33.18 -13.46 10.70
N GLU A 366 33.23 -14.79 10.66
CA GLU A 366 32.61 -15.50 9.54
C GLU A 366 31.09 -15.39 9.55
N LYS A 367 30.49 -15.53 10.73
CA LYS A 367 29.05 -15.39 10.86
C LYS A 367 28.65 -13.96 10.51
N THR A 368 29.41 -13.00 11.00
CA THR A 368 29.15 -11.60 10.67
C THR A 368 29.21 -11.37 9.16
N LYS A 369 30.21 -11.94 8.50
CA LYS A 369 30.30 -11.76 7.07
C LYS A 369 29.09 -12.37 6.34
N SER A 370 28.63 -13.53 6.79
CA SER A 370 27.58 -14.23 6.06
C SER A 370 26.22 -13.55 6.20
N GLU A 371 26.04 -12.75 7.24
CA GLU A 371 24.74 -12.15 7.49
C GLU A 371 24.60 -10.72 6.98
N PHE A 372 25.65 -10.20 6.33
CA PHE A 372 25.59 -8.89 5.69
C PHE A 372 25.77 -9.00 4.17
N ARG A 373 24.93 -8.30 3.42
CA ARG A 373 25.10 -8.26 1.97
CA ARG A 373 25.07 -8.22 1.97
C ARG A 373 26.24 -7.31 1.62
N ASP A 374 26.72 -7.39 0.38
CA ASP A 374 27.82 -6.55 -0.06
C ASP A 374 27.54 -5.05 0.10
N ASP A 375 26.27 -4.66 0.01
CA ASP A 375 25.93 -3.25 0.15
C ASP A 375 25.53 -2.83 1.57
N GLY A 376 25.83 -3.68 2.55
CA GLY A 376 25.69 -3.29 3.95
C GLY A 376 24.35 -3.60 4.60
N PHE A 377 23.43 -4.16 3.84
CA PHE A 377 22.15 -4.58 4.40
C PHE A 377 22.35 -5.82 5.25
N PHE A 378 21.69 -5.85 6.40
CA PHE A 378 21.72 -7.00 7.31
C PHE A 378 20.56 -7.95 7.00
N ILE A 379 20.88 -9.23 6.85
CA ILE A 379 19.89 -10.27 6.60
C ILE A 379 19.21 -10.63 7.92
N THR A 380 17.93 -10.35 8.06
CA THR A 380 17.28 -10.48 9.37
C THR A 380 16.93 -11.91 9.75
N GLY A 381 16.82 -12.77 8.75
CA GLY A 381 16.26 -14.10 8.94
C GLY A 381 14.75 -14.17 8.87
N ASP A 382 14.08 -13.01 8.88
CA ASP A 382 12.62 -12.97 8.81
C ASP A 382 12.15 -12.89 7.37
N LEU A 383 11.16 -13.71 7.02
CA LEU A 383 10.53 -13.58 5.71
C LEU A 383 9.34 -12.63 5.80
N GLY A 384 8.99 -12.00 4.69
CA GLY A 384 7.85 -11.10 4.69
C GLY A 384 7.71 -10.35 3.39
N LYS A 385 6.91 -9.31 3.41
CA LYS A 385 6.73 -8.48 2.23
C LYS A 385 6.62 -7.04 2.64
N ILE A 386 6.85 -6.15 1.69
CA ILE A 386 6.60 -4.74 1.90
C ILE A 386 5.54 -4.34 0.90
N ASP A 387 4.44 -3.79 1.39
CA ASP A 387 3.30 -3.51 0.51
C ASP A 387 3.50 -2.19 -0.26
N GLU A 388 2.58 -1.84 -1.15
CA GLU A 388 2.78 -0.67 -1.99
C GLU A 388 2.70 0.63 -1.19
N ARG A 389 2.27 0.51 0.06
CA ARG A 389 2.18 1.65 0.96
C ARG A 389 3.48 1.79 1.76
N GLY A 390 4.37 0.81 1.58
CA GLY A 390 5.63 0.80 2.29
C GLY A 390 5.58 0.16 3.65
N TYR A 391 4.44 -0.41 4.03
CA TYR A 391 4.35 -1.07 5.34
C TYR A 391 4.98 -2.45 5.30
N VAL A 392 5.70 -2.82 6.36
CA VAL A 392 6.39 -4.10 6.43
C VAL A 392 5.48 -5.14 7.06
N HIS A 393 5.36 -6.30 6.41
CA HIS A 393 4.62 -7.44 6.94
C HIS A 393 5.61 -8.57 7.27
N ILE A 394 5.68 -8.96 8.54
CA ILE A 394 6.54 -10.08 8.94
C ILE A 394 5.74 -11.37 8.82
N LEU A 395 6.24 -12.33 8.04
CA LEU A 395 5.47 -13.55 7.74
C LEU A 395 6.11 -14.82 8.28
N GLY A 396 7.03 -14.66 9.23
CA GLY A 396 7.62 -15.80 9.88
C GLY A 396 9.02 -16.12 9.38
N ARG A 397 9.51 -17.29 9.74
CA ARG A 397 10.89 -17.64 9.38
C ARG A 397 10.95 -18.89 8.49
N GLY A 398 9.80 -19.22 7.91
CA GLY A 398 9.75 -20.16 6.82
C GLY A 398 9.47 -21.61 7.18
N LYS A 399 9.41 -21.93 8.47
CA LYS A 399 9.26 -23.34 8.86
C LYS A 399 7.83 -23.84 8.70
N ASP A 400 6.90 -22.91 8.53
CA ASP A 400 5.47 -23.21 8.50
C ASP A 400 4.91 -23.25 7.09
N LEU A 401 5.79 -23.30 6.09
CA LEU A 401 5.40 -23.24 4.69
C LEU A 401 4.37 -24.29 4.29
N VAL A 402 3.40 -23.87 3.49
CA VAL A 402 2.44 -24.77 2.88
C VAL A 402 2.70 -24.73 1.39
N ILE A 403 2.62 -25.88 0.73
CA ILE A 403 2.88 -25.95 -0.69
C ILE A 403 1.68 -26.50 -1.41
N THR A 404 1.02 -25.63 -2.18
CA THR A 404 -0.21 -26.02 -2.83
C THR A 404 -0.05 -25.87 -4.34
N GLY A 405 -0.27 -26.96 -5.06
CA GLY A 405 -0.07 -26.95 -6.50
C GLY A 405 1.33 -26.49 -6.88
N GLY A 406 2.28 -26.76 -6.00
CA GLY A 406 3.67 -26.41 -6.26
C GLY A 406 4.05 -24.99 -5.87
N PHE A 407 3.09 -24.22 -5.34
CA PHE A 407 3.36 -22.84 -4.97
C PHE A 407 3.47 -22.67 -3.46
N ASN A 408 4.47 -21.90 -3.03
CA ASN A 408 4.64 -21.60 -1.61
C ASN A 408 3.55 -20.69 -1.07
N VAL A 409 3.00 -21.06 0.08
CA VAL A 409 2.02 -20.24 0.78
C VAL A 409 2.51 -20.00 2.20
N TYR A 410 2.46 -18.75 2.65
CA TYR A 410 2.85 -18.40 4.01
C TYR A 410 1.61 -18.17 4.85
N PRO A 411 1.30 -19.09 5.78
CA PRO A 411 0.05 -18.99 6.55
C PRO A 411 -0.25 -17.62 7.16
N LYS A 412 0.74 -16.91 7.71
CA LYS A 412 0.48 -15.63 8.34
C LYS A 412 -0.15 -14.62 7.39
N GLU A 413 0.14 -14.75 6.10
CA GLU A 413 -0.39 -13.78 5.14
C GLU A 413 -1.90 -13.89 5.06
N ILE A 414 -2.39 -15.12 5.12
CA ILE A 414 -3.81 -15.39 5.07
C ILE A 414 -4.45 -15.14 6.43
N GLU A 415 -3.76 -15.57 7.49
CA GLU A 415 -4.27 -15.40 8.84
C GLU A 415 -4.58 -13.93 9.16
N SER A 416 -3.71 -13.01 8.74
CA SER A 416 -3.93 -11.61 9.05
CA SER A 416 -3.93 -11.60 9.03
C SER A 416 -5.21 -11.08 8.39
N GLU A 417 -5.50 -11.53 7.18
CA GLU A 417 -6.73 -11.12 6.49
C GLU A 417 -8.00 -11.65 7.16
N ILE A 418 -7.96 -12.91 7.58
CA ILE A 418 -9.11 -13.49 8.26
C ILE A 418 -9.31 -12.86 9.65
N ASP A 419 -8.21 -12.67 10.38
CA ASP A 419 -8.25 -12.10 11.73
C ASP A 419 -8.85 -10.70 11.73
N ALA A 420 -8.73 -10.01 10.60
CA ALA A 420 -9.22 -8.63 10.47
C ALA A 420 -10.73 -8.57 10.27
N PRO A 422 -14.68 -8.93 11.16
CA PRO A 422 -15.46 -8.81 12.39
C PRO A 422 -15.97 -10.16 12.88
N GLY A 423 -15.83 -10.42 14.17
CA GLY A 423 -16.30 -11.66 14.76
C GLY A 423 -15.23 -12.73 14.86
N VAL A 424 -14.08 -12.48 14.24
CA VAL A 424 -12.97 -13.44 14.29
C VAL A 424 -12.00 -13.18 15.44
N VAL A 425 -11.82 -14.16 16.30
CA VAL A 425 -10.84 -14.02 17.37
C VAL A 425 -9.46 -14.32 16.84
N GLU A 426 -9.30 -15.47 16.20
CA GLU A 426 -8.00 -15.88 15.72
C GLU A 426 -8.15 -16.98 14.69
N SER A 427 -7.27 -16.99 13.70
CA SER A 427 -7.26 -18.05 12.73
C SER A 427 -5.89 -18.72 12.68
N ALA A 428 -5.91 -19.99 12.28
CA ALA A 428 -4.68 -20.74 12.07
C ALA A 428 -4.82 -21.38 10.71
N VAL A 429 -3.89 -21.05 9.81
CA VAL A 429 -3.93 -21.62 8.47
C VAL A 429 -2.91 -22.76 8.35
N ILE A 430 -3.38 -23.90 7.87
CA ILE A 430 -2.54 -25.09 7.75
C ILE A 430 -2.68 -25.71 6.35
N GLY A 431 -1.79 -26.65 6.05
CA GLY A 431 -1.87 -27.42 4.82
C GLY A 431 -2.03 -28.89 5.14
N VAL A 432 -3.11 -29.50 4.67
CA VAL A 432 -3.30 -30.94 4.86
C VAL A 432 -3.41 -31.65 3.51
N PRO A 433 -3.17 -32.98 3.48
CA PRO A 433 -3.14 -33.70 2.21
C PRO A 433 -4.36 -33.43 1.33
N HIS A 434 -4.11 -33.26 0.05
CA HIS A 434 -5.17 -32.99 -0.94
C HIS A 434 -4.71 -33.62 -2.25
N ALA A 435 -5.43 -34.64 -2.71
CA ALA A 435 -4.98 -35.37 -3.89
C ALA A 435 -4.70 -34.47 -5.09
N ASP A 436 -5.41 -33.35 -5.19
CA ASP A 436 -5.26 -32.48 -6.36
C ASP A 436 -4.12 -31.46 -6.24
N PHE A 437 -3.87 -30.96 -5.03
CA PHE A 437 -2.95 -29.84 -4.86
C PHE A 437 -1.75 -30.17 -3.98
N GLY A 438 -1.66 -31.42 -3.53
CA GLY A 438 -0.61 -31.84 -2.63
C GLY A 438 -0.99 -31.48 -1.20
N GLU A 439 -1.00 -30.18 -0.91
CA GLU A 439 -1.56 -29.70 0.35
C GLU A 439 -2.70 -28.73 0.05
N GLY A 440 -3.81 -28.90 0.77
CA GLY A 440 -4.92 -27.98 0.63
C GLY A 440 -4.90 -26.92 1.71
N VAL A 441 -4.86 -25.65 1.31
CA VAL A 441 -4.89 -24.55 2.27
C VAL A 441 -6.20 -24.62 3.06
N THR A 442 -6.09 -24.55 4.38
CA THR A 442 -7.24 -24.77 5.26
C THR A 442 -7.20 -23.78 6.40
N ALA A 443 -8.30 -23.11 6.64
CA ALA A 443 -8.36 -22.15 7.76
C ALA A 443 -9.19 -22.70 8.90
N VAL A 444 -8.61 -22.67 10.09
CA VAL A 444 -9.27 -23.08 11.32
C VAL A 444 -9.46 -21.83 12.17
N VAL A 445 -10.71 -21.50 12.46
CA VAL A 445 -11.06 -20.17 12.94
C VAL A 445 -11.85 -20.17 14.24
N VAL A 446 -11.40 -19.39 15.22
CA VAL A 446 -12.18 -19.19 16.43
C VAL A 446 -12.99 -17.90 16.26
N ARG A 447 -14.30 -18.01 16.43
CA ARG A 447 -15.20 -16.86 16.33
C ARG A 447 -15.64 -16.42 17.72
N ASP A 448 -16.02 -15.14 17.82
CA ASP A 448 -16.71 -14.65 19.00
C ASP A 448 -18.00 -15.44 19.22
N LYS A 449 -18.37 -15.62 20.48
CA LYS A 449 -19.64 -16.25 20.81
C LYS A 449 -20.77 -15.48 20.12
N GLY A 450 -21.49 -16.15 19.22
CA GLY A 450 -22.63 -15.55 18.56
C GLY A 450 -22.32 -14.76 17.30
N ALA A 451 -21.04 -14.68 16.94
CA ALA A 451 -20.64 -13.99 15.72
C ALA A 451 -21.36 -14.60 14.52
N THR A 452 -21.73 -13.76 13.55
CA THR A 452 -22.53 -14.23 12.43
C THR A 452 -21.71 -14.69 11.22
N ILE A 453 -20.41 -14.44 11.22
CA ILE A 453 -19.57 -14.79 10.07
C ILE A 453 -19.53 -16.31 9.86
N ASP A 454 -19.67 -16.74 8.62
CA ASP A 454 -19.65 -18.18 8.32
C ASP A 454 -18.60 -18.49 7.28
N GLU A 455 -18.53 -19.75 6.84
CA GLU A 455 -17.47 -20.16 5.91
C GLU A 455 -17.51 -19.35 4.62
N ALA A 456 -18.70 -19.24 4.03
CA ALA A 456 -18.89 -18.48 2.79
C ALA A 456 -18.45 -17.03 2.94
N GLN A 457 -18.74 -16.42 4.08
CA GLN A 457 -18.39 -15.03 4.31
C GLN A 457 -16.87 -14.85 4.39
N VAL A 458 -16.18 -15.84 4.95
CA VAL A 458 -14.72 -15.73 5.08
C VAL A 458 -14.12 -15.83 3.69
N LEU A 459 -14.55 -16.82 2.92
CA LEU A 459 -14.05 -17.01 1.57
C LEU A 459 -14.32 -15.80 0.68
N HIS A 460 -15.52 -15.25 0.78
CA HIS A 460 -15.85 -14.04 0.02
C HIS A 460 -14.95 -12.87 0.43
N GLY A 461 -14.76 -12.69 1.74
CA GLY A 461 -13.91 -11.63 2.24
C GLY A 461 -12.49 -11.71 1.73
N LEU A 462 -12.01 -12.94 1.53
CA LEU A 462 -10.65 -13.17 1.04
C LEU A 462 -10.56 -12.97 -0.47
N ASP A 463 -11.69 -13.05 -1.15
CA ASP A 463 -11.74 -12.87 -2.60
C ASP A 463 -11.20 -11.49 -2.97
N GLY A 464 -10.17 -11.47 -3.81
CA GLY A 464 -9.58 -10.21 -4.25
C GLY A 464 -8.44 -9.75 -3.36
N GLN A 465 -8.52 -10.03 -2.07
CA GLN A 465 -7.48 -9.63 -1.13
C GLN A 465 -6.18 -10.41 -1.32
N LEU A 466 -6.29 -11.62 -1.87
CA LEU A 466 -5.14 -12.49 -2.07
C LEU A 466 -5.19 -13.24 -3.39
N ALA A 467 -4.03 -13.67 -3.89
CA ALA A 467 -3.96 -14.45 -5.10
C ALA A 467 -4.78 -15.74 -4.98
N LYS A 468 -5.43 -16.13 -6.07
CA LYS A 468 -6.35 -17.27 -6.03
C LYS A 468 -5.75 -18.55 -5.44
N PHE A 469 -4.49 -18.84 -5.76
CA PHE A 469 -3.88 -20.08 -5.28
C PHE A 469 -3.74 -20.10 -3.76
N LYS A 470 -3.93 -18.96 -3.12
CA LYS A 470 -3.79 -18.87 -1.66
C LYS A 470 -5.10 -19.08 -0.92
N PRO A 472 -8.13 -20.51 0.97
CA PRO A 472 -8.47 -21.75 1.69
C PRO A 472 -9.55 -22.52 0.97
N LYS A 473 -9.42 -23.84 0.95
CA LYS A 473 -10.40 -24.71 0.33
C LYS A 473 -11.58 -24.92 1.28
N LYS A 474 -11.27 -24.89 2.57
CA LYS A 474 -12.25 -25.04 3.63
C LYS A 474 -11.96 -24.07 4.77
N VAL A 475 -13.02 -23.61 5.42
CA VAL A 475 -12.90 -22.86 6.67
C VAL A 475 -13.66 -23.64 7.73
N ILE A 476 -12.97 -23.94 8.82
CA ILE A 476 -13.50 -24.79 9.88
C ILE A 476 -13.53 -23.98 11.18
N PHE A 477 -14.68 -23.97 11.84
CA PHE A 477 -14.80 -23.18 13.07
C PHE A 477 -14.66 -24.04 14.32
N VAL A 478 -13.94 -23.50 15.30
CA VAL A 478 -13.64 -24.22 16.53
C VAL A 478 -13.78 -23.29 17.73
N ASP A 479 -13.98 -23.87 18.90
CA ASP A 479 -14.11 -23.08 20.12
C ASP A 479 -12.75 -22.58 20.60
N ASP A 480 -11.70 -23.30 20.24
CA ASP A 480 -10.35 -22.90 20.62
C ASP A 480 -9.30 -23.62 19.78
N LEU A 481 -8.09 -23.07 19.76
CA LEU A 481 -6.97 -23.66 19.05
C LEU A 481 -6.08 -24.42 20.02
N PRO A 482 -5.53 -25.56 19.58
CA PRO A 482 -4.60 -26.29 20.44
C PRO A 482 -3.31 -25.49 20.60
N ARG A 483 -2.87 -25.32 21.84
CA ARG A 483 -1.66 -24.55 22.10
C ARG A 483 -0.72 -25.36 22.96
N ASN A 484 0.58 -25.17 22.74
CA ASN A 484 1.56 -25.84 23.57
C ASN A 484 1.62 -25.13 24.92
N THR A 485 2.47 -25.63 25.82
CA THR A 485 2.53 -25.07 27.16
C THR A 485 2.95 -23.61 27.14
N GLY A 487 1.83 -21.52 24.93
CA GLY A 487 0.74 -20.78 24.31
C GLY A 487 0.84 -20.60 22.81
N LYS A 488 1.80 -21.28 22.17
CA LYS A 488 1.88 -21.24 20.73
C LYS A 488 0.94 -22.25 20.09
N VAL A 489 0.24 -21.83 19.06
CA VAL A 489 -0.70 -22.72 18.36
C VAL A 489 0.06 -23.87 17.72
N GLN A 490 -0.41 -25.09 17.95
CA GLN A 490 0.25 -26.30 17.47
C GLN A 490 -0.31 -26.73 16.12
N LYS A 491 0.37 -26.34 15.05
CA LYS A 491 -0.16 -26.68 13.73
C LYS A 491 0.02 -28.15 13.38
N ASN A 492 0.95 -28.83 14.04
CA ASN A 492 1.06 -30.27 13.84
C ASN A 492 -0.17 -30.99 14.38
N VAL A 493 -0.64 -30.53 15.54
CA VAL A 493 -1.86 -31.10 16.12
C VAL A 493 -3.05 -30.84 15.18
N LEU A 494 -3.15 -29.62 14.65
CA LEU A 494 -4.22 -29.29 13.72
C LEU A 494 -4.17 -30.15 12.47
N ARG A 495 -2.97 -30.33 11.91
CA ARG A 495 -2.82 -31.19 10.74
C ARG A 495 -3.24 -32.63 11.00
N GLU A 496 -2.95 -33.14 12.20
CA GLU A 496 -3.38 -34.50 12.57
C GLU A 496 -4.91 -34.57 12.67
N THR A 497 -5.49 -33.63 13.40
CA THR A 497 -6.95 -33.56 13.55
C THR A 497 -7.69 -33.52 12.22
N TYR A 498 -7.19 -32.72 11.28
CA TYR A 498 -7.88 -32.50 10.00
C TYR A 498 -7.24 -33.22 8.82
N LYS A 499 -6.51 -34.29 9.09
CA LYS A 499 -5.73 -34.96 8.06
C LYS A 499 -6.58 -35.53 6.92
N ASP A 500 -7.84 -35.83 7.22
CA ASP A 500 -8.71 -36.50 6.26
C ASP A 500 -9.80 -35.62 5.66
N ILE A 501 -9.71 -34.31 5.83
CA ILE A 501 -10.81 -33.45 5.40
C ILE A 501 -11.00 -33.41 3.88
N TYR A 502 -9.96 -33.75 3.13
CA TYR A 502 -10.07 -33.76 1.67
C TYR A 502 -10.09 -35.17 1.06
N LYS A 503 -10.27 -36.18 1.91
CA LYS A 503 -10.38 -37.55 1.43
C LYS A 503 -11.58 -37.72 0.49
N ASN B 2 2.67 19.17 20.27
CA ASN B 2 1.71 19.92 19.46
C ASN B 2 1.83 19.51 18.00
N ALA B 3 0.71 19.15 17.37
CA ALA B 3 0.73 18.80 15.95
C ALA B 3 0.62 20.02 15.04
N ASN B 4 0.46 21.21 15.63
CA ASN B 4 0.42 22.44 14.85
C ASN B 4 1.62 22.45 13.89
N LEU B 5 1.35 22.63 12.60
CA LEU B 5 2.41 22.61 11.58
C LEU B 5 3.55 23.55 11.95
N PHE B 6 3.22 24.71 12.49
CA PHE B 6 4.26 25.65 12.89
C PHE B 6 5.20 25.04 13.95
N ALA B 7 4.60 24.38 14.92
CA ALA B 7 5.37 23.67 15.94
C ALA B 7 6.21 22.55 15.34
N ARG B 8 5.64 21.80 14.41
CA ARG B 8 6.40 20.69 13.81
C ARG B 8 7.61 21.26 13.10
N LEU B 9 7.42 22.40 12.44
CA LEU B 9 8.47 23.03 11.66
C LEU B 9 9.56 23.62 12.53
N PHE B 10 9.19 24.27 13.62
CA PHE B 10 10.13 25.15 14.32
C PHE B 10 10.41 24.79 15.78
N ASP B 11 9.69 23.80 16.31
CA ASP B 11 9.84 23.40 17.72
C ASP B 11 11.27 23.10 18.10
N LYS B 12 11.95 22.28 17.30
CA LYS B 12 13.28 21.85 17.65
C LYS B 12 14.27 22.16 16.53
N LEU B 13 15.06 23.21 16.75
CA LEU B 13 16.11 23.60 15.83
C LEU B 13 17.48 23.46 16.47
N ASP B 14 18.33 22.66 15.85
CA ASP B 14 19.69 22.49 16.34
C ASP B 14 20.48 23.78 16.10
N ASP B 15 20.12 24.47 15.04
CA ASP B 15 20.91 25.59 14.53
C ASP B 15 19.97 26.71 14.06
N PRO B 16 19.33 27.40 15.02
CA PRO B 16 18.29 28.36 14.65
C PRO B 16 18.82 29.60 13.91
N HIS B 17 20.11 29.88 14.01
CA HIS B 17 20.65 31.09 13.38
C HIS B 17 21.18 30.88 11.96
N LYS B 18 21.03 29.66 11.44
CA LYS B 18 21.36 29.38 10.05
C LYS B 18 20.34 30.02 9.12
N LEU B 19 20.76 30.25 7.87
CA LEU B 19 19.91 30.89 6.89
C LEU B 19 18.65 30.07 6.57
N ALA B 20 17.52 30.76 6.51
CA ALA B 20 16.28 30.15 6.02
C ALA B 20 15.88 30.69 4.66
N ILE B 21 15.88 32.02 4.51
CA ILE B 21 15.44 32.64 3.28
C ILE B 21 16.35 33.79 2.85
N GLU B 22 16.78 33.75 1.58
CA GLU B 22 17.42 34.90 0.97
C GLU B 22 16.40 35.53 0.04
N THR B 23 16.18 36.83 0.20
CA THR B 23 15.18 37.52 -0.61
C THR B 23 15.75 37.86 -1.97
N ALA B 24 14.88 38.27 -2.88
CA ALA B 24 15.32 38.71 -4.20
C ALA B 24 16.32 39.85 -4.08
N ALA B 25 16.16 40.68 -3.06
CA ALA B 25 17.04 41.81 -2.83
C ALA B 25 18.36 41.41 -2.15
N GLY B 26 18.46 40.14 -1.73
CA GLY B 26 19.68 39.63 -1.16
C GLY B 26 19.78 39.69 0.35
N ASP B 27 18.69 40.07 1.00
CA ASP B 27 18.67 40.12 2.46
C ASP B 27 18.55 38.72 3.04
N LYS B 28 19.25 38.48 4.14
CA LYS B 28 19.32 37.15 4.75
C LYS B 28 18.43 37.05 5.97
N ILE B 29 17.53 36.06 5.96
CA ILE B 29 16.64 35.85 7.10
C ILE B 29 16.86 34.46 7.72
N SER B 30 17.30 34.44 8.97
CA SER B 30 17.60 33.19 9.65
C SER B 30 16.31 32.50 10.08
N TYR B 31 16.42 31.25 10.51
CA TYR B 31 15.29 30.52 11.06
C TYR B 31 14.75 31.27 12.27
N ALA B 32 15.66 31.71 13.13
CA ALA B 32 15.28 32.45 14.32
C ALA B 32 14.47 33.69 13.97
N GLU B 33 14.90 34.45 12.95
CA GLU B 33 14.17 35.66 12.58
C GLU B 33 12.82 35.33 11.93
N LEU B 34 12.81 34.28 11.13
CA LEU B 34 11.59 33.81 10.51
C LEU B 34 10.54 33.49 11.58
N VAL B 35 10.97 32.76 12.61
CA VAL B 35 10.08 32.44 13.73
C VAL B 35 9.62 33.70 14.50
N ALA B 36 10.54 34.62 14.74
CA ALA B 36 10.18 35.86 15.44
C ALA B 36 9.18 36.70 14.65
N ARG B 37 9.40 36.82 13.34
CA ARG B 37 8.45 37.51 12.47
C ARG B 37 7.06 36.88 12.55
N ALA B 38 7.00 35.54 12.49
CA ALA B 38 5.74 34.86 12.60
C ALA B 38 5.05 35.15 13.93
N GLY B 39 5.85 35.24 14.99
CA GLY B 39 5.32 35.57 16.31
C GLY B 39 4.67 36.95 16.34
N ARG B 40 5.35 37.91 15.75
CA ARG B 40 4.83 39.28 15.72
C ARG B 40 3.54 39.34 14.91
N VAL B 41 3.55 38.70 13.75
CA VAL B 41 2.36 38.71 12.89
C VAL B 41 1.20 37.95 13.54
N ALA B 42 1.49 36.81 14.19
CA ALA B 42 0.47 36.05 14.91
C ALA B 42 -0.20 36.90 15.98
N ASN B 43 0.59 37.72 16.67
CA ASN B 43 0.03 38.59 17.69
C ASN B 43 -0.91 39.62 17.07
N VAL B 44 -0.55 40.14 15.91
CA VAL B 44 -1.43 41.06 15.20
C VAL B 44 -2.73 40.39 14.80
N LEU B 45 -2.66 39.16 14.29
CA LEU B 45 -3.87 38.49 13.83
C LEU B 45 -4.84 38.29 15.00
N VAL B 46 -4.30 37.85 16.13
CA VAL B 46 -5.13 37.61 17.30
C VAL B 46 -5.69 38.92 17.83
N ALA B 47 -4.90 39.99 17.77
CA ALA B 47 -5.35 41.32 18.19
C ALA B 47 -6.50 41.79 17.33
N ARG B 48 -6.48 41.40 16.06
CA ARG B 48 -7.53 41.81 15.12
C ARG B 48 -8.74 40.90 15.19
N GLY B 49 -8.72 39.95 16.13
CA GLY B 49 -9.89 39.12 16.39
C GLY B 49 -9.85 37.72 15.81
N LEU B 50 -8.70 37.29 15.30
CA LEU B 50 -8.60 35.92 14.80
C LEU B 50 -8.82 34.90 15.91
N GLN B 51 -9.85 34.08 15.76
CA GLN B 51 -10.10 33.01 16.72
CA GLN B 51 -10.12 33.00 16.71
C GLN B 51 -9.60 31.68 16.15
N VAL B 52 -9.36 30.71 17.01
CA VAL B 52 -8.91 29.41 16.53
C VAL B 52 -9.89 28.90 15.47
N GLY B 53 -9.37 28.46 14.33
CA GLY B 53 -10.21 27.93 13.27
C GLY B 53 -10.68 28.96 12.27
N ASP B 54 -10.55 30.25 12.61
CA ASP B 54 -10.92 31.32 11.67
C ASP B 54 -10.02 31.30 10.45
N ARG B 55 -10.55 31.70 9.30
CA ARG B 55 -9.76 31.78 8.07
C ARG B 55 -9.13 33.16 7.89
N VAL B 56 -7.93 33.15 7.34
CA VAL B 56 -7.26 34.35 6.84
C VAL B 56 -7.14 34.20 5.34
N ALA B 57 -7.82 35.07 4.58
CA ALA B 57 -7.75 35.04 3.13
C ALA B 57 -6.71 36.03 2.68
N ALA B 58 -5.73 35.58 1.89
CA ALA B 58 -4.64 36.46 1.49
C ALA B 58 -4.47 36.52 -0.01
N GLN B 59 -4.60 37.72 -0.59
CA GLN B 59 -4.22 37.92 -1.99
C GLN B 59 -2.99 38.81 -1.95
N THR B 60 -1.83 38.16 -1.99
CA THR B 60 -0.57 38.86 -1.80
C THR B 60 0.42 38.45 -2.87
N GLU B 61 1.27 39.38 -3.27
CA GLU B 61 2.37 39.01 -4.15
C GLU B 61 3.48 38.39 -3.33
N LYS B 62 4.25 37.53 -3.98
CA LYS B 62 5.26 36.73 -3.30
C LYS B 62 6.34 37.58 -2.64
N SER B 63 6.59 37.30 -1.36
CA SER B 63 7.61 38.00 -0.58
C SER B 63 7.80 37.20 0.68
N VAL B 64 8.84 37.51 1.45
CA VAL B 64 9.03 36.82 2.73
CA VAL B 64 9.03 36.83 2.73
C VAL B 64 7.87 37.15 3.66
N GLU B 65 7.39 38.40 3.60
CA GLU B 65 6.27 38.82 4.42
C GLU B 65 5.03 38.00 4.11
N ALA B 66 4.82 37.67 2.83
CA ALA B 66 3.65 36.88 2.43
C ALA B 66 3.77 35.46 2.99
N LEU B 67 4.99 34.92 2.97
CA LEU B 67 5.20 33.58 3.51
C LEU B 67 5.03 33.58 5.02
N VAL B 68 5.49 34.65 5.67
CA VAL B 68 5.34 34.77 7.11
C VAL B 68 3.87 34.81 7.51
N LEU B 69 3.04 35.49 6.70
CA LEU B 69 1.61 35.53 7.00
C LEU B 69 1.01 34.11 7.02
N TYR B 70 1.43 33.27 6.08
CA TYR B 70 1.01 31.87 6.06
C TYR B 70 1.43 31.17 7.37
N LEU B 71 2.71 31.28 7.72
CA LEU B 71 3.21 30.64 8.95
C LEU B 71 2.50 31.15 10.21
N ALA B 72 2.25 32.46 10.26
CA ALA B 72 1.65 33.09 11.43
C ALA B 72 0.19 32.68 11.58
N THR B 73 -0.51 32.61 10.44
CA THR B 73 -1.90 32.19 10.44
C THR B 73 -2.02 30.80 11.06
N VAL B 74 -1.21 29.87 10.58
CA VAL B 74 -1.21 28.50 11.10
CA VAL B 74 -1.29 28.51 11.13
C VAL B 74 -0.82 28.49 12.58
N ARG B 75 0.21 29.26 12.90
CA ARG B 75 0.71 29.33 14.29
C ARG B 75 -0.38 29.78 15.26
N ALA B 76 -1.20 30.74 14.81
CA ALA B 76 -2.29 31.31 15.61
C ALA B 76 -3.54 30.43 15.64
N GLY B 77 -3.44 29.23 15.08
CA GLY B 77 -4.57 28.31 15.08
C GLY B 77 -5.56 28.59 13.98
N GLY B 78 -5.20 29.50 13.08
CA GLY B 78 -6.07 29.91 11.99
C GLY B 78 -5.94 28.99 10.80
N VAL B 79 -6.69 29.29 9.75
CA VAL B 79 -6.72 28.49 8.55
C VAL B 79 -6.35 29.37 7.38
N TYR B 80 -5.20 29.09 6.78
CA TYR B 80 -4.67 29.94 5.73
C TYR B 80 -5.32 29.70 4.36
N LEU B 81 -5.80 30.77 3.73
CA LEU B 81 -6.45 30.68 2.41
C LEU B 81 -5.77 31.60 1.40
N PRO B 82 -4.82 31.07 0.62
CA PRO B 82 -4.12 31.89 -0.38
C PRO B 82 -4.99 32.08 -1.62
N LEU B 83 -4.91 33.27 -2.23
CA LEU B 83 -5.68 33.53 -3.44
C LEU B 83 -4.82 34.11 -4.55
N ASN B 84 -5.02 33.57 -5.76
CA ASN B 84 -4.32 34.04 -6.96
C ASN B 84 -4.34 35.57 -7.06
N THR B 85 -3.19 36.16 -7.33
CA THR B 85 -3.12 37.60 -7.41
C THR B 85 -3.85 38.18 -8.64
N ALA B 86 -4.21 37.32 -9.58
CA ALA B 86 -4.90 37.82 -10.78
C ALA B 86 -6.42 37.98 -10.59
N TYR B 87 -6.97 37.46 -9.49
CA TYR B 87 -8.42 37.57 -9.27
C TYR B 87 -8.91 39.00 -9.15
N THR B 88 -9.98 39.29 -9.89
CA THR B 88 -10.66 40.56 -9.80
C THR B 88 -11.42 40.63 -8.47
N LEU B 89 -11.95 41.81 -8.15
CA LEU B 89 -12.71 41.98 -6.91
C LEU B 89 -13.92 41.05 -6.92
N HIS B 90 -14.58 40.94 -8.07
CA HIS B 90 -15.76 40.08 -8.19
C HIS B 90 -15.37 38.62 -7.98
N GLU B 91 -14.22 38.23 -8.53
CA GLU B 91 -13.71 36.88 -8.35
C GLU B 91 -13.34 36.61 -6.89
N LEU B 92 -12.73 37.60 -6.23
CA LEU B 92 -12.41 37.46 -4.80
C LEU B 92 -13.68 37.29 -3.98
N ASP B 93 -14.74 37.98 -4.40
CA ASP B 93 -15.99 37.96 -3.66
C ASP B 93 -16.49 36.52 -3.51
N TYR B 94 -16.29 35.70 -4.53
CA TYR B 94 -16.75 34.32 -4.47
C TYR B 94 -16.08 33.59 -3.30
N PHE B 95 -14.76 33.71 -3.24
CA PHE B 95 -13.99 32.98 -2.23
C PHE B 95 -14.22 33.54 -0.84
N ILE B 96 -14.31 34.86 -0.73
CA ILE B 96 -14.54 35.47 0.57
C ILE B 96 -15.92 35.09 1.11
N THR B 97 -16.91 35.08 0.22
CA THR B 97 -18.25 34.68 0.61
C THR B 97 -18.30 33.19 1.04
N ASP B 98 -17.63 32.34 0.27
CA ASP B 98 -17.65 30.91 0.58
C ASP B 98 -16.91 30.59 1.88
N ALA B 99 -15.74 31.18 2.04
CA ALA B 99 -14.87 30.84 3.19
C ALA B 99 -15.17 31.62 4.48
N GLU B 100 -15.84 32.76 4.34
CA GLU B 100 -16.11 33.65 5.48
C GLU B 100 -14.90 33.85 6.40
N PRO B 101 -13.81 34.38 5.84
CA PRO B 101 -12.63 34.68 6.64
C PRO B 101 -12.89 35.79 7.64
N LYS B 102 -12.10 35.78 8.72
CA LYS B 102 -12.19 36.79 9.75
C LYS B 102 -11.28 37.95 9.38
N ILE B 103 -10.20 37.63 8.66
CA ILE B 103 -9.21 38.61 8.24
C ILE B 103 -8.93 38.43 6.76
N VAL B 104 -8.94 39.53 6.00
CA VAL B 104 -8.56 39.50 4.61
C VAL B 104 -7.32 40.38 4.44
N VAL B 105 -6.29 39.84 3.78
CA VAL B 105 -5.07 40.59 3.53
C VAL B 105 -4.94 40.81 2.04
N CYS B 106 -4.78 42.07 1.63
CA CYS B 106 -4.74 42.40 0.21
C CYS B 106 -3.71 43.47 -0.09
N ASP B 107 -3.49 43.74 -1.37
CA ASP B 107 -2.60 44.83 -1.78
C ASP B 107 -3.18 46.16 -1.34
N PRO B 108 -2.32 47.09 -0.89
CA PRO B 108 -2.83 48.39 -0.43
C PRO B 108 -3.76 49.07 -1.45
N SER B 109 -3.54 48.81 -2.74
CA SER B 109 -4.33 49.44 -3.79
C SER B 109 -5.80 49.00 -3.79
N LYS B 110 -6.06 47.85 -3.18
CA LYS B 110 -7.41 47.29 -3.20
C LYS B 110 -8.09 47.48 -1.85
N ARG B 111 -7.38 48.09 -0.91
CA ARG B 111 -7.89 48.19 0.46
C ARG B 111 -9.34 48.64 0.53
N ASP B 112 -9.61 49.82 0.00
CA ASP B 112 -10.94 50.40 0.11
C ASP B 112 -11.97 49.58 -0.68
N GLY B 113 -11.57 49.01 -1.79
CA GLY B 113 -12.43 48.15 -2.58
C GLY B 113 -12.70 46.80 -1.93
N ILE B 114 -11.67 46.23 -1.32
CA ILE B 114 -11.76 44.91 -0.69
C ILE B 114 -12.39 44.99 0.71
N ALA B 115 -12.16 46.09 1.40
CA ALA B 115 -12.80 46.32 2.70
C ALA B 115 -14.32 46.26 2.56
N ALA B 116 -14.82 46.76 1.44
CA ALA B 116 -16.27 46.71 1.15
C ALA B 116 -16.82 45.28 1.01
N ILE B 117 -16.08 44.42 0.33
CA ILE B 117 -16.47 43.01 0.19
C ILE B 117 -16.29 42.28 1.53
N ALA B 118 -15.25 42.67 2.27
CA ALA B 118 -14.95 42.05 3.55
C ALA B 118 -16.07 42.29 4.56
N ALA B 119 -16.67 43.47 4.52
CA ALA B 119 -17.71 43.84 5.47
C ALA B 119 -18.87 42.87 5.41
N LYS B 120 -19.19 42.39 4.21
CA LYS B 120 -20.30 41.47 4.01
C LYS B 120 -20.20 40.21 4.86
N VAL B 121 -18.97 39.76 5.15
CA VAL B 121 -18.78 38.57 5.99
C VAL B 121 -18.23 38.90 7.37
N GLY B 122 -18.08 40.19 7.64
CA GLY B 122 -17.63 40.66 8.94
C GLY B 122 -16.13 40.56 9.11
N ALA B 123 -15.40 40.60 7.99
CA ALA B 123 -13.94 40.49 8.02
C ALA B 123 -13.25 41.85 8.14
N THR B 124 -12.12 41.85 8.83
CA THR B 124 -11.26 42.99 9.01
C THR B 124 -10.21 42.93 7.91
N VAL B 125 -9.84 44.06 7.34
CA VAL B 125 -8.83 44.08 6.27
C VAL B 125 -7.48 44.64 6.74
N GLU B 126 -6.40 43.97 6.33
CA GLU B 126 -5.05 44.50 6.50
C GLU B 126 -4.37 44.46 5.14
N THR B 127 -3.33 45.26 4.96
CA THR B 127 -2.69 45.33 3.65
C THR B 127 -1.24 44.86 3.69
N LEU B 128 -0.79 44.34 2.55
CA LEU B 128 0.58 43.88 2.37
C LEU B 128 0.90 43.92 0.89
N GLY B 129 1.86 44.75 0.52
CA GLY B 129 2.19 44.96 -0.87
C GLY B 129 3.36 44.10 -1.30
N PRO B 130 3.70 44.17 -2.59
CA PRO B 130 4.77 43.35 -3.17
C PRO B 130 6.12 43.66 -2.53
N ASP B 131 6.24 44.84 -1.93
CA ASP B 131 7.48 45.24 -1.27
C ASP B 131 7.51 44.86 0.22
N GLY B 132 6.49 44.14 0.67
CA GLY B 132 6.43 43.70 2.05
C GLY B 132 5.94 44.77 3.01
N ARG B 133 5.48 45.89 2.46
CA ARG B 133 4.96 47.00 3.27
C ARG B 133 3.44 47.02 3.29
N GLY B 134 2.87 47.70 4.29
CA GLY B 134 1.43 47.78 4.43
C GLY B 134 0.99 47.84 5.87
N SER B 135 -0.31 47.86 6.11
CA SER B 135 -0.81 47.96 7.47
C SER B 135 -0.47 46.72 8.31
N LEU B 136 -0.43 45.55 7.68
CA LEU B 136 -0.06 44.32 8.38
C LEU B 136 1.35 44.46 8.94
N THR B 137 2.27 44.89 8.08
CA THR B 137 3.65 45.11 8.46
C THR B 137 3.81 46.20 9.53
N ASP B 138 3.08 47.30 9.37
CA ASP B 138 3.13 48.37 10.37
C ASP B 138 2.68 47.86 11.74
N ALA B 139 1.60 47.09 11.77
CA ALA B 139 1.11 46.56 13.04
C ALA B 139 2.11 45.56 13.64
N ALA B 140 2.67 44.70 12.81
CA ALA B 140 3.62 43.69 13.30
C ALA B 140 4.90 44.33 13.84
N ALA B 141 5.22 45.54 13.36
CA ALA B 141 6.46 46.20 13.74
C ALA B 141 6.48 46.55 15.21
N GLY B 142 5.30 46.72 15.79
CA GLY B 142 5.19 47.04 17.20
C GLY B 142 4.73 45.88 18.08
N ALA B 143 4.68 44.68 17.49
CA ALA B 143 4.19 43.51 18.22
C ALA B 143 5.33 42.80 18.92
N SER B 144 4.98 42.06 19.97
CA SER B 144 5.93 41.21 20.67
C SER B 144 6.26 39.99 19.82
N GLU B 145 7.48 39.47 19.97
CA GLU B 145 7.89 38.28 19.23
C GLU B 145 7.30 37.03 19.85
N ALA B 146 6.98 37.11 21.15
CA ALA B 146 6.51 35.95 21.90
C ALA B 146 5.07 35.58 21.57
N PHE B 147 4.88 34.32 21.18
CA PHE B 147 3.54 33.83 20.90
C PHE B 147 3.47 32.36 21.24
N ALA B 148 2.52 32.00 22.10
CA ALA B 148 2.32 30.61 22.48
C ALA B 148 1.54 29.94 21.34
N THR B 149 2.27 29.21 20.52
CA THR B 149 1.70 28.50 19.37
C THR B 149 0.45 27.72 19.79
N ILE B 150 -0.63 27.89 19.04
CA ILE B 150 -1.90 27.32 19.45
C ILE B 150 -1.85 25.81 19.28
N ASP B 151 -2.34 25.08 20.28
CA ASP B 151 -2.40 23.63 20.16
CA ASP B 151 -2.39 23.63 20.14
C ASP B 151 -3.40 23.23 19.07
N ARG B 152 -2.96 22.37 18.16
CA ARG B 152 -3.82 21.85 17.09
C ARG B 152 -3.59 20.35 16.99
N GLY B 153 -4.65 19.62 16.66
CA GLY B 153 -4.53 18.19 16.44
C GLY B 153 -4.24 17.86 14.98
N ALA B 154 -3.91 16.59 14.74
CA ALA B 154 -3.52 16.12 13.42
C ALA B 154 -4.59 16.44 12.39
N ASP B 155 -5.85 16.35 12.79
CA ASP B 155 -6.94 16.44 11.82
C ASP B 155 -7.58 17.84 11.80
N ASP B 156 -7.07 18.75 12.62
CA ASP B 156 -7.54 20.13 12.59
C ASP B 156 -7.08 20.83 11.32
N LEU B 157 -7.84 21.82 10.88
CA LEU B 157 -7.51 22.55 9.66
C LEU B 157 -6.30 23.47 9.79
N ALA B 158 -5.47 23.48 8.74
CA ALA B 158 -4.36 24.43 8.62
C ALA B 158 -4.53 25.35 7.42
N ALA B 159 -5.19 24.86 6.37
CA ALA B 159 -5.34 25.65 5.15
C ALA B 159 -6.55 25.23 4.32
N ILE B 160 -7.02 26.15 3.48
CA ILE B 160 -7.98 25.82 2.45
C ILE B 160 -7.45 26.34 1.12
N LEU B 161 -7.30 25.46 0.15
CA LEU B 161 -6.92 25.89 -1.21
C LEU B 161 -8.03 25.49 -2.18
N TYR B 162 -8.46 26.45 -2.99
CA TYR B 162 -9.56 26.18 -3.92
C TYR B 162 -9.09 25.48 -5.18
N THR B 163 -9.95 24.63 -5.73
CA THR B 163 -9.65 23.85 -6.91
C THR B 163 -10.64 24.23 -8.01
N SER B 164 -10.41 23.70 -9.21
CA SER B 164 -11.40 23.85 -10.28
C SER B 164 -11.00 23.07 -11.53
N THR B 167 -16.06 21.62 -13.86
CA THR B 167 -17.47 21.49 -13.58
C THR B 167 -17.83 21.99 -12.19
N GLY B 168 -18.85 22.83 -12.10
CA GLY B 168 -19.34 23.31 -10.83
C GLY B 168 -18.51 24.45 -10.27
N ARG B 169 -18.97 25.03 -9.18
CA ARG B 169 -18.25 26.15 -8.57
C ARG B 169 -16.93 25.65 -7.99
N SER B 170 -16.01 26.57 -7.80
CA SER B 170 -14.69 26.24 -7.25
C SER B 170 -14.86 25.75 -5.81
N LYS B 171 -14.24 24.63 -5.50
CA LYS B 171 -14.44 23.97 -4.20
C LYS B 171 -13.20 24.18 -3.33
N GLY B 172 -13.40 24.46 -2.04
CA GLY B 172 -12.28 24.65 -1.15
C GLY B 172 -11.79 23.34 -0.55
N ALA B 173 -10.57 22.94 -0.88
CA ALA B 173 -9.97 21.74 -0.33
C ALA B 173 -9.46 22.01 1.08
N LEU B 175 -7.32 21.28 4.19
CA LEU B 175 -6.06 20.62 4.45
C LEU B 175 -5.71 20.69 5.93
N SER B 176 -5.42 19.53 6.51
CA SER B 176 -5.13 19.45 7.93
C SER B 176 -3.66 19.68 8.23
N HIS B 177 -3.38 19.88 9.50
CA HIS B 177 -2.02 19.99 9.96
C HIS B 177 -1.19 18.75 9.63
N ASP B 178 -1.78 17.56 9.80
CA ASP B 178 -1.04 16.34 9.49
C ASP B 178 -0.94 16.09 7.99
N ASN B 179 -1.94 16.55 7.23
CA ASN B 179 -1.84 16.47 5.77
C ASN B 179 -0.53 17.13 5.33
N LEU B 180 -0.31 18.36 5.78
CA LEU B 180 0.83 19.15 5.33
C LEU B 180 2.14 18.64 5.95
N ALA B 181 2.13 18.35 7.24
CA ALA B 181 3.35 17.86 7.88
C ALA B 181 3.79 16.49 7.36
N SER B 182 2.86 15.55 7.25
CA SER B 182 3.25 14.19 6.86
C SER B 182 3.84 14.19 5.46
N ASN B 183 3.22 14.90 4.54
CA ASN B 183 3.67 14.86 3.14
C ASN B 183 5.05 15.46 2.93
N SER B 184 5.29 16.63 3.52
CA SER B 184 6.60 17.24 3.36
C SER B 184 7.72 16.51 4.09
N LEU B 185 7.44 15.97 5.27
CA LEU B 185 8.43 15.14 5.97
C LEU B 185 8.81 13.93 5.12
N THR B 186 7.82 13.32 4.48
CA THR B 186 8.10 12.19 3.62
C THR B 186 9.01 12.59 2.46
N LEU B 187 8.75 13.77 1.89
CA LEU B 187 9.53 14.23 0.76
C LEU B 187 10.94 14.62 1.14
N VAL B 188 11.14 15.16 2.35
CA VAL B 188 12.49 15.46 2.81
C VAL B 188 13.39 14.24 2.67
N ASP B 189 12.89 13.11 3.14
CA ASP B 189 13.63 11.85 3.09
C ASP B 189 13.73 11.30 1.65
N TYR B 190 12.60 11.26 0.97
CA TYR B 190 12.54 10.67 -0.36
C TYR B 190 13.42 11.41 -1.37
N TRP B 191 13.51 12.74 -1.23
CA TRP B 191 14.30 13.54 -2.15
C TRP B 191 15.66 13.86 -1.56
N ARG B 192 15.96 13.21 -0.44
CA ARG B 192 17.28 13.29 0.21
C ARG B 192 17.76 14.72 0.48
N PHE B 193 16.84 15.54 0.99
CA PHE B 193 17.16 16.91 1.41
C PHE B 193 18.01 16.87 2.67
N THR B 194 18.91 17.85 2.81
CA THR B 194 19.70 17.99 4.04
C THR B 194 19.73 19.47 4.42
N PRO B 195 20.29 19.80 5.60
CA PRO B 195 20.31 21.21 5.96
C PRO B 195 21.23 22.05 5.06
N ASP B 196 22.04 21.38 4.24
CA ASP B 196 22.94 22.08 3.34
C ASP B 196 22.27 22.43 2.00
N ASP B 197 21.03 21.99 1.80
CA ASP B 197 20.35 22.30 0.55
C ASP B 197 19.96 23.77 0.43
N VAL B 198 20.01 24.27 -0.79
CA VAL B 198 19.63 25.64 -1.10
C VAL B 198 18.72 25.54 -2.31
N LEU B 199 17.45 25.90 -2.13
CA LEU B 199 16.46 25.75 -3.18
C LEU B 199 16.21 27.08 -3.86
N ILE B 200 16.31 27.09 -5.18
CA ILE B 200 15.89 28.23 -5.98
C ILE B 200 14.36 28.18 -6.07
N HIS B 201 13.72 29.17 -5.46
CA HIS B 201 12.26 29.21 -5.35
C HIS B 201 11.72 30.33 -6.23
N ALA B 202 11.22 29.96 -7.41
CA ALA B 202 10.72 30.93 -8.36
C ALA B 202 9.26 30.65 -8.74
N LEU B 203 8.56 29.99 -7.83
CA LEU B 203 7.17 29.59 -8.06
C LEU B 203 6.25 30.52 -7.28
N PRO B 204 4.98 30.62 -7.71
CA PRO B 204 4.01 31.36 -6.89
C PRO B 204 3.80 30.63 -5.58
N ILE B 205 3.38 31.33 -4.54
CA ILE B 205 3.08 30.67 -3.27
C ILE B 205 1.61 30.69 -2.94
N TYR B 206 0.76 30.83 -3.96
CA TYR B 206 -0.68 30.64 -3.75
C TYR B 206 -1.17 29.29 -4.28
N HIS B 207 -0.25 28.43 -4.71
CA HIS B 207 -0.59 27.07 -5.10
C HIS B 207 0.18 26.09 -4.23
N THR B 208 -0.26 24.84 -4.24
CA THR B 208 0.36 23.76 -3.48
C THR B 208 1.87 23.64 -3.73
N HIS B 209 2.28 23.70 -5.00
CA HIS B 209 3.67 23.48 -5.37
C HIS B 209 4.60 24.48 -4.66
N GLY B 210 4.37 25.77 -4.88
CA GLY B 210 5.24 26.79 -4.31
C GLY B 210 5.07 27.00 -2.81
N LEU B 211 3.83 26.92 -2.33
CA LEU B 211 3.56 27.21 -0.92
C LEU B 211 3.99 26.07 -0.01
N PHE B 212 3.49 24.87 -0.28
CA PHE B 212 3.72 23.73 0.59
C PHE B 212 4.94 22.89 0.22
N VAL B 213 4.99 22.42 -1.03
CA VAL B 213 6.05 21.50 -1.40
C VAL B 213 7.42 22.19 -1.30
N ALA B 214 7.59 23.27 -2.06
CA ALA B 214 8.86 23.97 -2.05
C ALA B 214 9.22 24.47 -0.64
N SER B 215 8.31 25.21 -0.02
CA SER B 215 8.62 25.88 1.23
C SER B 215 8.72 24.91 2.42
N ASN B 216 7.72 24.06 2.59
CA ASN B 216 7.70 23.18 3.75
C ASN B 216 8.81 22.13 3.70
N VAL B 217 9.10 21.61 2.50
CA VAL B 217 10.15 20.63 2.41
C VAL B 217 11.47 21.26 2.80
N THR B 218 11.73 22.47 2.29
CA THR B 218 12.97 23.15 2.61
C THR B 218 13.08 23.40 4.11
N LEU B 219 12.00 23.88 4.73
CA LEU B 219 12.02 24.19 6.15
C LEU B 219 12.12 22.96 7.07
N PHE B 220 11.42 21.88 6.71
CA PHE B 220 11.56 20.64 7.47
C PHE B 220 12.98 20.09 7.32
N ALA B 221 13.60 20.34 6.17
CA ALA B 221 14.96 19.87 5.94
C ALA B 221 16.00 20.74 6.68
N ARG B 222 15.54 21.88 7.19
CA ARG B 222 16.44 22.89 7.78
C ARG B 222 17.43 23.45 6.77
N GLY B 223 17.05 23.45 5.50
CA GLY B 223 17.86 24.06 4.46
C GLY B 223 17.41 25.50 4.25
N SER B 224 17.76 26.08 3.11
CA SER B 224 17.35 27.44 2.82
C SER B 224 16.86 27.59 1.39
N ILE B 226 16.21 30.57 -1.95
CA ILE B 226 16.39 31.88 -2.54
C ILE B 226 15.10 32.24 -3.27
N PHE B 227 14.49 33.35 -2.89
CA PHE B 227 13.27 33.83 -3.53
C PHE B 227 13.52 34.60 -4.82
N LEU B 228 12.77 34.26 -5.85
CA LEU B 228 12.67 35.08 -7.04
C LEU B 228 11.19 35.34 -7.30
N PRO B 229 10.85 36.52 -7.85
CA PRO B 229 9.46 36.89 -8.12
C PRO B 229 8.85 36.05 -9.23
N LYS B 230 9.67 35.66 -10.21
CA LYS B 230 9.21 34.83 -11.31
C LYS B 230 10.38 34.07 -11.91
N PHE B 231 10.11 33.32 -12.97
CA PHE B 231 11.15 32.62 -13.68
C PHE B 231 11.99 33.61 -14.48
N ASP B 232 13.28 33.63 -14.21
CA ASP B 232 14.22 34.40 -15.00
C ASP B 232 15.39 33.48 -15.35
N PRO B 233 15.48 33.09 -16.63
CA PRO B 233 16.47 32.09 -17.04
C PRO B 233 17.87 32.45 -16.58
N ASP B 234 18.30 33.67 -16.87
CA ASP B 234 19.65 34.11 -16.55
C ASP B 234 19.89 34.19 -15.04
N LYS B 235 18.95 34.75 -14.31
CA LYS B 235 19.07 34.83 -12.86
C LYS B 235 19.18 33.44 -12.25
N ILE B 236 18.38 32.51 -12.75
CA ILE B 236 18.39 31.14 -12.26
C ILE B 236 19.70 30.43 -12.60
N LEU B 237 20.19 30.63 -13.82
CA LEU B 237 21.48 30.07 -14.21
C LEU B 237 22.59 30.61 -13.31
N ASP B 238 22.51 31.90 -12.98
CA ASP B 238 23.49 32.53 -12.09
C ASP B 238 23.48 31.86 -10.72
N LEU B 239 22.28 31.64 -10.20
CA LEU B 239 22.12 31.12 -8.85
C LEU B 239 22.55 29.67 -8.73
N ALA B 241 25.14 28.17 -9.43
CA ALA B 241 26.51 28.00 -8.94
C ALA B 241 26.59 28.03 -7.41
N ARG B 242 25.51 28.47 -6.75
CA ARG B 242 25.50 28.51 -5.30
C ARG B 242 24.20 27.95 -4.72
N ALA B 243 23.51 27.12 -5.49
CA ALA B 243 22.28 26.49 -5.03
C ALA B 243 22.38 24.99 -5.28
N THR B 244 21.41 24.22 -4.80
CA THR B 244 21.47 22.77 -5.00
C THR B 244 20.20 22.17 -5.55
N VAL B 245 19.06 22.85 -5.37
CA VAL B 245 17.79 22.32 -5.84
C VAL B 245 17.00 23.33 -6.65
N LEU B 246 16.35 22.86 -7.71
CA LEU B 246 15.40 23.65 -8.47
C LEU B 246 14.09 22.87 -8.59
N GLY B 248 10.52 23.21 -10.56
CA GLY B 248 9.87 23.99 -11.59
C GLY B 248 8.74 23.26 -12.28
N VAL B 249 8.33 23.82 -13.42
CA VAL B 249 7.36 23.21 -14.29
C VAL B 249 8.04 23.09 -15.66
N PRO B 250 7.45 22.32 -16.58
CA PRO B 250 8.14 22.05 -17.85
C PRO B 250 8.75 23.27 -18.52
N THR B 251 8.06 24.40 -18.54
CA THR B 251 8.55 25.58 -19.25
C THR B 251 9.84 26.13 -18.66
N PHE B 252 10.08 25.89 -17.37
CA PHE B 252 11.36 26.29 -16.78
C PHE B 252 12.45 25.59 -17.57
N TYR B 253 12.27 24.30 -17.76
CA TYR B 253 13.28 23.46 -18.38
C TYR B 253 13.42 23.71 -19.87
N THR B 254 12.31 23.85 -20.58
CA THR B 254 12.40 24.10 -22.01
C THR B 254 13.02 25.47 -22.30
N ARG B 255 12.69 26.46 -21.45
CA ARG B 255 13.29 27.77 -21.58
C ARG B 255 14.78 27.76 -21.25
N LEU B 256 15.16 27.07 -20.19
CA LEU B 256 16.59 27.01 -19.83
C LEU B 256 17.42 26.31 -20.91
N LEU B 257 16.81 25.33 -21.58
CA LEU B 257 17.50 24.58 -22.62
C LEU B 257 17.81 25.47 -23.82
N GLN B 258 17.13 26.60 -23.91
CA GLN B 258 17.36 27.54 -25.00
C GLN B 258 18.65 28.33 -24.79
N SER B 259 19.15 28.32 -23.56
CA SER B 259 20.37 29.05 -23.22
C SER B 259 21.65 28.27 -23.55
N PRO B 260 22.59 28.93 -24.24
CA PRO B 260 23.88 28.30 -24.52
C PRO B 260 24.70 28.16 -23.24
N ARG B 261 24.24 28.81 -22.17
CA ARG B 261 24.91 28.76 -20.88
C ARG B 261 24.70 27.43 -20.17
N LEU B 262 23.59 26.77 -20.46
CA LEU B 262 23.27 25.51 -19.82
C LEU B 262 24.27 24.41 -20.17
N THR B 263 25.18 24.14 -19.26
CA THR B 263 26.21 23.13 -19.46
C THR B 263 26.38 22.27 -18.22
N LYS B 264 27.18 21.22 -18.33
CA LYS B 264 27.48 20.39 -17.18
C LYS B 264 28.30 21.17 -16.17
N GLU B 265 29.12 22.10 -16.68
CA GLU B 265 29.87 22.98 -15.80
C GLU B 265 28.94 23.93 -15.07
N THR B 266 28.02 24.54 -15.82
CA THR B 266 27.14 25.56 -15.25
C THR B 266 26.15 24.98 -14.24
N THR B 267 25.89 23.67 -14.33
CA THR B 267 24.94 23.03 -13.43
C THR B 267 25.62 22.06 -12.47
N GLY B 268 26.94 22.10 -12.44
CA GLY B 268 27.72 21.12 -11.70
C GLY B 268 27.50 21.13 -10.20
N HIS B 269 27.09 22.28 -9.67
CA HIS B 269 26.90 22.43 -8.24
C HIS B 269 25.53 21.95 -7.81
N ARG B 271 22.26 19.58 -7.18
CA ARG B 271 22.06 18.21 -6.72
C ARG B 271 20.78 17.61 -7.30
N LEU B 272 19.75 18.43 -7.44
CA LEU B 272 18.43 17.88 -7.76
C LEU B 272 17.54 18.84 -8.56
N PHE B 273 16.93 18.29 -9.61
CA PHE B 273 15.94 19.02 -10.40
C PHE B 273 14.62 18.29 -10.35
N ILE B 274 13.55 19.04 -10.09
CA ILE B 274 12.20 18.48 -10.04
C ILE B 274 11.25 19.27 -10.94
N SER B 275 10.35 18.57 -11.61
CA SER B 275 9.34 19.23 -12.42
C SER B 275 7.96 18.79 -11.95
N GLY B 276 7.02 19.74 -11.92
CA GLY B 276 5.69 19.49 -11.43
C GLY B 276 4.64 20.07 -12.33
N SER B 277 3.38 19.88 -11.94
CA SER B 277 2.24 20.19 -12.78
C SER B 277 2.29 19.38 -14.06
N ALA B 278 2.38 20.05 -15.20
CA ALA B 278 2.29 19.39 -16.48
C ALA B 278 3.43 18.41 -16.70
N PRO B 279 3.18 17.37 -17.48
CA PRO B 279 4.21 16.37 -17.80
C PRO B 279 5.34 16.99 -18.62
N LEU B 280 6.58 16.58 -18.36
CA LEU B 280 7.69 16.92 -19.24
C LEU B 280 7.62 16.05 -20.47
N LEU B 281 7.95 16.61 -21.64
CA LEU B 281 8.14 15.81 -22.83
C LEU B 281 9.38 14.93 -22.68
N ALA B 282 9.30 13.70 -23.21
CA ALA B 282 10.48 12.84 -23.28
C ALA B 282 11.68 13.59 -23.87
N ASP B 283 11.42 14.34 -24.94
CA ASP B 283 12.47 15.12 -25.60
C ASP B 283 13.18 16.01 -24.58
N THR B 284 12.42 16.57 -23.66
CA THR B 284 12.99 17.49 -22.68
C THR B 284 13.87 16.75 -21.68
N HIS B 285 13.42 15.57 -21.23
CA HIS B 285 14.24 14.70 -20.40
C HIS B 285 15.57 14.40 -21.08
N ARG B 286 15.50 14.10 -22.38
CA ARG B 286 16.69 13.74 -23.14
C ARG B 286 17.64 14.92 -23.27
N GLU B 287 17.11 16.07 -23.66
CA GLU B 287 17.94 17.25 -23.84
C GLU B 287 18.56 17.69 -22.50
N TRP B 288 17.77 17.62 -21.43
CA TRP B 288 18.29 18.01 -20.13
C TRP B 288 19.48 17.14 -19.74
N SER B 289 19.32 15.83 -19.88
CA SER B 289 20.42 14.91 -19.58
C SER B 289 21.63 15.18 -20.47
N ALA B 290 21.40 15.29 -21.77
CA ALA B 290 22.51 15.51 -22.70
C ALA B 290 23.30 16.77 -22.37
N LYS B 291 22.60 17.82 -21.94
CA LYS B 291 23.23 19.12 -21.73
C LYS B 291 23.79 19.34 -20.32
N THR B 292 23.18 18.70 -19.31
CA THR B 292 23.58 18.95 -17.92
C THR B 292 24.05 17.71 -17.20
N GLY B 293 23.79 16.54 -17.78
CA GLY B 293 24.13 15.28 -17.15
C GLY B 293 23.24 14.94 -15.98
N HIS B 294 22.18 15.73 -15.79
CA HIS B 294 21.23 15.51 -14.71
C HIS B 294 19.92 14.90 -15.18
N ALA B 295 19.26 14.19 -14.29
CA ALA B 295 17.87 13.78 -14.52
C ALA B 295 16.95 14.88 -14.00
N VAL B 296 15.68 14.84 -14.38
CA VAL B 296 14.68 15.72 -13.78
C VAL B 296 13.60 14.81 -13.21
N LEU B 297 13.35 14.91 -11.91
CA LEU B 297 12.33 14.09 -11.29
C LEU B 297 10.94 14.63 -11.56
N GLU B 298 10.00 13.74 -11.81
CA GLU B 298 8.59 14.12 -11.91
C GLU B 298 7.83 13.46 -10.78
N ARG B 299 6.65 13.99 -10.47
CA ARG B 299 5.88 13.47 -9.35
C ARG B 299 4.40 13.81 -9.48
N TYR B 300 3.53 12.86 -9.11
CA TYR B 300 2.08 13.04 -9.23
C TYR B 300 1.54 13.70 -7.98
N GLY B 301 0.84 14.80 -8.14
CA GLY B 301 0.24 15.47 -7.00
C GLY B 301 -0.96 16.28 -7.41
N THR B 303 -4.00 19.38 -5.50
CA THR B 303 -4.33 20.12 -4.29
C THR B 303 -4.95 19.24 -3.21
N GLU B 304 -5.86 18.36 -3.60
CA GLU B 304 -6.58 17.53 -2.65
C GLU B 304 -5.70 16.49 -1.96
N THR B 305 -4.55 16.17 -2.54
CA THR B 305 -3.78 15.04 -2.04
C THR B 305 -2.34 15.37 -1.71
N ASN B 306 -1.92 16.61 -1.98
CA ASN B 306 -0.50 16.91 -1.94
C ASN B 306 0.22 15.93 -2.87
N ASN B 308 1.61 12.39 -4.26
CA ASN B 308 1.24 10.98 -4.16
C ASN B 308 2.35 10.03 -4.56
N THR B 309 3.14 10.44 -5.57
CA THR B 309 4.23 9.61 -6.09
C THR B 309 5.45 10.46 -6.36
N SER B 310 6.57 9.82 -6.67
CA SER B 310 7.71 10.51 -7.26
C SER B 310 8.61 9.49 -7.96
N ASN B 311 9.17 9.85 -9.11
CA ASN B 311 10.27 9.06 -9.65
C ASN B 311 11.32 8.91 -8.57
N PRO B 312 11.91 7.70 -8.46
CA PRO B 312 12.91 7.48 -7.41
C PRO B 312 14.17 8.31 -7.61
N TYR B 313 14.75 8.74 -6.50
CA TYR B 313 15.94 9.57 -6.53
C TYR B 313 17.09 8.78 -7.16
N ASP B 314 17.15 7.49 -6.83
CA ASP B 314 18.28 6.62 -7.20
C ASP B 314 18.90 6.88 -8.58
N GLY B 315 18.18 6.59 -9.67
CA GLY B 315 16.82 6.08 -9.67
C GLY B 315 16.28 6.21 -11.09
N ASP B 316 15.68 5.15 -11.62
CA ASP B 316 15.29 5.14 -13.04
C ASP B 316 13.83 5.51 -13.29
N ARG B 317 13.60 6.34 -14.31
CA ARG B 317 12.25 6.74 -14.67
C ARG B 317 11.70 5.86 -15.78
N VAL B 318 10.39 5.64 -15.74
CA VAL B 318 9.68 4.88 -16.74
C VAL B 318 8.93 5.85 -17.65
N PRO B 319 9.07 5.69 -18.97
CA PRO B 319 8.34 6.52 -19.92
C PRO B 319 6.84 6.54 -19.64
N GLY B 320 6.25 7.73 -19.60
CA GLY B 320 4.83 7.87 -19.40
C GLY B 320 4.39 7.73 -17.95
N ALA B 321 5.31 7.42 -17.06
CA ALA B 321 4.98 7.28 -15.64
C ALA B 321 5.60 8.37 -14.78
N VAL B 322 5.09 8.48 -13.56
CA VAL B 322 5.56 9.47 -12.61
C VAL B 322 5.95 8.81 -11.29
N GLY B 323 6.40 7.57 -11.38
CA GLY B 323 6.97 6.88 -10.23
C GLY B 323 5.97 6.13 -9.38
N PRO B 324 6.49 5.34 -8.42
CA PRO B 324 5.63 4.59 -7.50
C PRO B 324 5.09 5.50 -6.39
N ALA B 325 4.10 5.02 -5.66
CA ALA B 325 3.58 5.76 -4.51
C ALA B 325 4.69 6.11 -3.52
N LEU B 326 4.58 7.32 -2.97
CA LEU B 326 5.44 7.75 -1.88
C LEU B 326 5.14 6.91 -0.65
N PRO B 327 6.15 6.76 0.22
CA PRO B 327 5.99 6.05 1.48
C PRO B 327 4.75 6.53 2.22
N GLY B 328 3.90 5.60 2.63
CA GLY B 328 2.70 5.93 3.39
C GLY B 328 1.47 6.18 2.54
N VAL B 329 1.65 6.35 1.24
CA VAL B 329 0.54 6.63 0.35
C VAL B 329 0.11 5.37 -0.38
N SER B 330 -1.19 5.12 -0.40
CA SER B 330 -1.76 4.01 -1.14
C SER B 330 -2.39 4.52 -2.44
N ALA B 331 -1.94 4.00 -3.57
CA ALA B 331 -2.56 4.34 -4.86
C ALA B 331 -3.06 3.07 -5.52
N ARG B 332 -4.28 3.10 -6.02
CA ARG B 332 -4.81 1.92 -6.69
C ARG B 332 -5.63 2.33 -7.90
N VAL B 333 -5.87 1.36 -8.77
CA VAL B 333 -6.61 1.56 -10.01
C VAL B 333 -7.85 0.69 -9.95
N THR B 334 -9.03 1.29 -10.16
CA THR B 334 -10.28 0.56 -10.00
C THR B 334 -11.11 0.62 -11.27
N ASP B 335 -12.00 -0.35 -11.43
CA ASP B 335 -12.92 -0.35 -12.55
C ASP B 335 -13.84 0.84 -12.37
N PRO B 336 -13.94 1.71 -13.38
CA PRO B 336 -14.77 2.91 -13.29
C PRO B 336 -16.16 2.61 -12.73
N GLU B 337 -16.75 1.48 -13.13
CA GLU B 337 -17.94 0.97 -12.47
C GLU B 337 -17.66 -0.40 -11.86
N THR B 338 -18.45 -0.78 -10.87
CA THR B 338 -18.17 -1.90 -9.98
C THR B 338 -17.14 -1.49 -8.92
N GLY B 339 -16.22 -0.61 -9.30
CA GLY B 339 -15.28 -0.02 -8.36
C GLY B 339 -14.23 -0.98 -7.83
N LYS B 340 -14.23 -2.20 -8.36
CA LYS B 340 -13.27 -3.22 -7.95
C LYS B 340 -11.87 -2.90 -8.46
N GLU B 341 -10.86 -3.16 -7.65
CA GLU B 341 -9.48 -2.98 -8.08
C GLU B 341 -9.18 -3.85 -9.31
N LEU B 342 -8.47 -3.26 -10.27
CA LEU B 342 -8.13 -3.96 -11.50
C LEU B 342 -6.78 -4.65 -11.38
N PRO B 343 -6.58 -5.72 -12.18
CA PRO B 343 -5.26 -6.36 -12.24
C PRO B 343 -4.19 -5.34 -12.62
N ARG B 344 -2.98 -5.53 -12.12
CA ARG B 344 -1.90 -4.61 -12.42
C ARG B 344 -1.74 -4.46 -13.94
N GLY B 345 -1.55 -3.23 -14.40
CA GLY B 345 -1.36 -2.99 -15.82
C GLY B 345 -2.63 -2.64 -16.57
N ASP B 346 -3.78 -2.87 -15.95
CA ASP B 346 -5.05 -2.52 -16.57
C ASP B 346 -5.41 -1.06 -16.30
N ILE B 347 -6.09 -0.43 -17.26
CA ILE B 347 -6.42 0.99 -17.16
C ILE B 347 -7.76 1.24 -16.49
N GLY B 348 -7.78 2.16 -15.53
CA GLY B 348 -8.99 2.47 -14.80
C GLY B 348 -8.88 3.74 -14.00
N ILE B 350 -7.80 6.09 -11.02
CA ILE B 350 -6.82 6.20 -9.94
C ILE B 350 -7.49 6.69 -8.67
N GLU B 351 -7.25 5.97 -7.58
CA GLU B 351 -7.76 6.34 -6.27
C GLU B 351 -6.59 6.37 -5.29
N VAL B 352 -6.64 7.28 -4.31
CA VAL B 352 -5.55 7.47 -3.36
CA VAL B 352 -5.56 7.37 -3.34
C VAL B 352 -6.05 7.51 -1.91
N LYS B 353 -5.30 6.91 -1.00
CA LYS B 353 -5.60 6.98 0.42
C LYS B 353 -4.29 7.14 1.17
N GLY B 354 -4.28 7.96 2.21
CA GLY B 354 -3.09 8.13 3.01
C GLY B 354 -3.16 9.39 3.85
N PRO B 355 -2.12 9.64 4.65
CA PRO B 355 -2.15 10.80 5.54
C PRO B 355 -2.06 12.13 4.79
N ASN B 356 -1.74 12.05 3.50
CA ASN B 356 -1.64 13.23 2.64
C ASN B 356 -3.02 13.68 2.12
N VAL B 357 -3.99 12.79 2.17
CA VAL B 357 -5.28 13.07 1.51
C VAL B 357 -6.15 14.03 2.33
N PHE B 358 -6.66 15.06 1.66
CA PHE B 358 -7.42 16.14 2.32
C PHE B 358 -8.64 15.68 3.10
N LYS B 359 -9.23 16.63 3.82
CA LYS B 359 -10.29 16.33 4.76
C LYS B 359 -11.68 16.47 4.13
N GLY B 360 -11.73 16.98 2.91
CA GLY B 360 -12.99 17.18 2.22
C GLY B 360 -13.12 18.60 1.70
N TYR B 361 -14.25 18.88 1.06
CA TYR B 361 -14.49 20.21 0.52
C TYR B 361 -15.25 21.05 1.52
N TRP B 362 -14.79 22.28 1.69
CA TRP B 362 -15.30 23.21 2.67
C TRP B 362 -16.80 23.42 2.56
N ARG B 363 -17.51 23.05 3.63
CA ARG B 363 -18.96 23.23 3.70
C ARG B 363 -19.71 22.58 2.56
N PRO B 365 -20.41 18.83 2.51
CA PRO B 365 -20.33 17.46 3.04
C PRO B 365 -20.88 16.44 2.03
N GLU B 366 -21.91 16.81 1.29
CA GLU B 366 -22.47 15.90 0.29
C GLU B 366 -21.53 15.63 -0.87
N LYS B 367 -20.97 16.70 -1.44
CA LYS B 367 -20.01 16.56 -2.52
C LYS B 367 -18.81 15.75 -2.07
N THR B 368 -18.37 16.00 -0.83
CA THR B 368 -17.24 15.28 -0.26
C THR B 368 -17.51 13.78 -0.26
N LYS B 369 -18.67 13.40 0.26
CA LYS B 369 -19.04 11.98 0.31
C LYS B 369 -18.98 11.30 -1.06
N SER B 370 -19.42 12.02 -2.09
CA SER B 370 -19.49 11.44 -3.43
C SER B 370 -18.11 11.19 -4.04
N GLU B 371 -17.08 11.84 -3.51
CA GLU B 371 -15.75 11.66 -4.07
C GLU B 371 -14.85 10.71 -3.28
N PHE B 372 -15.40 10.05 -2.26
CA PHE B 372 -14.66 9.06 -1.50
C PHE B 372 -15.32 7.70 -1.57
N ARG B 373 -14.51 6.66 -1.72
CA ARG B 373 -15.01 5.28 -1.63
C ARG B 373 -15.30 4.93 -0.18
N ASP B 374 -16.07 3.88 0.03
CA ASP B 374 -16.45 3.47 1.37
C ASP B 374 -15.24 3.13 2.25
N ASP B 375 -14.16 2.66 1.62
CA ASP B 375 -12.97 2.32 2.39
C ASP B 375 -12.00 3.50 2.56
N GLY B 376 -12.48 4.70 2.24
CA GLY B 376 -11.72 5.90 2.52
C GLY B 376 -10.80 6.37 1.41
N PHE B 377 -10.82 5.69 0.27
CA PHE B 377 -10.01 6.14 -0.87
C PHE B 377 -10.65 7.34 -1.56
N PHE B 378 -9.82 8.32 -1.91
CA PHE B 378 -10.24 9.48 -2.70
C PHE B 378 -10.24 9.14 -4.19
N ILE B 379 -11.35 9.43 -4.85
CA ILE B 379 -11.48 9.26 -6.30
C ILE B 379 -10.89 10.49 -7.00
N THR B 380 -9.75 10.31 -7.67
CA THR B 380 -8.98 11.46 -8.16
C THR B 380 -9.60 12.08 -9.41
N GLY B 381 -10.34 11.26 -10.15
CA GLY B 381 -10.83 11.67 -11.45
C GLY B 381 -9.84 11.43 -12.57
N ASP B 382 -8.60 11.08 -12.22
CA ASP B 382 -7.58 10.70 -13.20
C ASP B 382 -7.67 9.24 -13.55
N LEU B 383 -7.57 8.92 -14.84
CA LEU B 383 -7.50 7.54 -15.29
C LEU B 383 -6.05 7.16 -15.50
N GLY B 384 -5.74 5.88 -15.35
CA GLY B 384 -4.36 5.49 -15.57
C GLY B 384 -4.14 4.05 -15.24
N LYS B 385 -2.87 3.67 -15.10
CA LYS B 385 -2.54 2.31 -14.73
C LYS B 385 -1.33 2.30 -13.83
N ILE B 386 -1.15 1.19 -13.12
CA ILE B 386 0.05 0.99 -12.32
C ILE B 386 0.76 -0.22 -12.89
N ASP B 387 2.05 -0.07 -13.23
CA ASP B 387 2.77 -1.15 -13.91
C ASP B 387 3.35 -2.20 -12.96
N GLU B 388 4.03 -3.19 -13.52
CA GLU B 388 4.57 -4.28 -12.73
C GLU B 388 5.60 -3.79 -11.72
N ARG B 389 6.21 -2.63 -12.01
CA ARG B 389 7.22 -2.05 -11.12
C ARG B 389 6.60 -1.10 -10.10
N GLY B 390 5.28 -0.97 -10.14
CA GLY B 390 4.56 -0.15 -9.19
C GLY B 390 4.50 1.31 -9.58
N TYR B 391 5.02 1.65 -10.77
CA TYR B 391 4.99 3.02 -11.24
C TYR B 391 3.59 3.40 -11.71
N VAL B 392 3.19 4.61 -11.38
CA VAL B 392 1.87 5.11 -11.76
C VAL B 392 1.96 5.84 -13.11
N HIS B 393 1.10 5.46 -14.05
CA HIS B 393 1.01 6.18 -15.33
C HIS B 393 -0.32 6.92 -15.39
N ILE B 394 -0.26 8.24 -15.50
CA ILE B 394 -1.48 9.04 -15.59
C ILE B 394 -1.86 9.16 -17.06
N LEU B 395 -3.08 8.75 -17.40
CA LEU B 395 -3.50 8.69 -18.80
C LEU B 395 -4.62 9.67 -19.16
N GLY B 396 -4.83 10.67 -18.30
CA GLY B 396 -5.80 11.70 -18.59
C GLY B 396 -7.06 11.53 -17.77
N ARG B 397 -8.10 12.29 -18.13
CA ARG B 397 -9.35 12.27 -17.39
C ARG B 397 -10.52 11.75 -18.23
N GLY B 398 -10.18 11.08 -19.32
CA GLY B 398 -11.15 10.29 -20.06
C GLY B 398 -11.85 10.98 -21.22
N LYS B 399 -11.68 12.29 -21.34
CA LYS B 399 -12.47 13.03 -22.33
C LYS B 399 -11.93 12.87 -23.76
N ASP B 400 -10.70 12.36 -23.86
CA ASP B 400 -9.99 12.21 -25.15
C ASP B 400 -10.08 10.79 -25.71
N LEU B 401 -10.98 9.99 -25.16
CA LEU B 401 -11.05 8.58 -25.53
C LEU B 401 -11.22 8.34 -27.04
N VAL B 402 -10.45 7.39 -27.57
CA VAL B 402 -10.61 6.94 -28.94
C VAL B 402 -11.16 5.53 -28.88
N ILE B 403 -12.10 5.20 -29.76
CA ILE B 403 -12.67 3.85 -29.76
C ILE B 403 -12.49 3.23 -31.14
N THR B 404 -11.62 2.22 -31.23
CA THR B 404 -11.32 1.59 -32.51
C THR B 404 -11.65 0.10 -32.45
N GLY B 405 -12.43 -0.38 -33.41
CA GLY B 405 -12.91 -1.74 -33.40
C GLY B 405 -13.62 -2.10 -32.11
N GLY B 406 -14.25 -1.11 -31.49
CA GLY B 406 -14.99 -1.32 -30.26
C GLY B 406 -14.16 -1.29 -29.00
N PHE B 407 -12.86 -1.09 -29.15
CA PHE B 407 -11.96 -1.10 -28.01
C PHE B 407 -11.55 0.32 -27.63
N ASN B 408 -11.56 0.61 -26.33
CA ASN B 408 -11.13 1.89 -25.81
C ASN B 408 -9.62 2.09 -25.96
N VAL B 409 -9.22 3.24 -26.47
CA VAL B 409 -7.82 3.60 -26.60
C VAL B 409 -7.60 4.94 -25.92
N TYR B 410 -6.53 5.02 -25.12
CA TYR B 410 -6.19 6.24 -24.42
C TYR B 410 -4.95 6.84 -25.08
N PRO B 411 -5.14 7.95 -25.81
CA PRO B 411 -4.05 8.54 -26.58
C PRO B 411 -2.72 8.70 -25.83
N LYS B 412 -2.77 9.06 -24.55
CA LYS B 412 -1.51 9.31 -23.84
C LYS B 412 -0.66 8.06 -23.74
N GLU B 413 -1.29 6.89 -23.76
CA GLU B 413 -0.52 5.64 -23.68
C GLU B 413 0.33 5.44 -24.93
N ILE B 414 -0.19 5.87 -26.08
CA ILE B 414 0.49 5.73 -27.35
C ILE B 414 1.48 6.87 -27.55
N GLU B 415 1.06 8.07 -27.16
CA GLU B 415 1.91 9.24 -27.27
C GLU B 415 3.23 9.09 -26.53
N SER B 416 3.21 8.48 -25.36
CA SER B 416 4.45 8.32 -24.60
C SER B 416 5.43 7.39 -25.31
N GLU B 417 4.92 6.40 -26.03
CA GLU B 417 5.79 5.50 -26.76
C GLU B 417 6.42 6.19 -27.97
N ILE B 418 5.63 7.02 -28.65
CA ILE B 418 6.15 7.75 -29.81
C ILE B 418 7.14 8.81 -29.36
N ASP B 419 6.80 9.54 -28.29
CA ASP B 419 7.65 10.61 -27.76
C ASP B 419 9.02 10.11 -27.31
N ALA B 420 9.08 8.86 -26.88
CA ALA B 420 10.33 8.28 -26.37
C ALA B 420 11.37 8.06 -27.47
N PRO B 422 14.05 9.04 -30.15
CA PRO B 422 14.89 10.19 -30.50
C PRO B 422 14.45 10.78 -31.83
N GLY B 423 14.46 12.11 -31.92
CA GLY B 423 13.99 12.78 -33.12
C GLY B 423 12.53 13.18 -33.04
N VAL B 424 11.82 12.66 -32.04
CA VAL B 424 10.43 13.06 -31.83
C VAL B 424 10.32 14.07 -30.69
N VAL B 425 9.81 15.25 -31.00
CA VAL B 425 9.58 16.27 -29.97
C VAL B 425 8.27 16.04 -29.23
N GLU B 426 7.17 15.93 -29.98
CA GLU B 426 5.88 15.67 -29.35
C GLU B 426 4.90 15.05 -30.32
N SER B 427 4.10 14.11 -29.84
CA SER B 427 3.05 13.53 -30.67
C SER B 427 1.65 13.82 -30.10
N ALA B 428 0.68 13.85 -30.99
CA ALA B 428 -0.72 13.93 -30.60
C ALA B 428 -1.46 12.81 -31.34
N VAL B 429 -2.06 11.92 -30.57
CA VAL B 429 -2.77 10.79 -31.15
C VAL B 429 -4.26 11.06 -31.10
N ILE B 430 -4.90 10.88 -32.25
CA ILE B 430 -6.33 11.19 -32.39
C ILE B 430 -7.03 10.02 -33.08
N GLY B 431 -8.36 10.03 -33.03
CA GLY B 431 -9.15 9.08 -33.80
C GLY B 431 -9.98 9.80 -34.84
N VAL B 432 -9.78 9.47 -36.12
CA VAL B 432 -10.58 10.05 -37.19
C VAL B 432 -11.45 9.00 -37.86
N PRO B 433 -12.54 9.42 -38.51
CA PRO B 433 -13.48 8.48 -39.14
C PRO B 433 -12.78 7.48 -40.02
N HIS B 434 -13.10 6.20 -39.80
CA HIS B 434 -12.53 5.13 -40.59
C HIS B 434 -13.58 4.03 -40.75
N ALA B 435 -14.05 3.84 -41.97
CA ALA B 435 -15.07 2.84 -42.26
C ALA B 435 -14.73 1.46 -41.68
N ASP B 436 -13.45 1.12 -41.66
CA ASP B 436 -13.04 -0.21 -41.21
C ASP B 436 -12.87 -0.33 -39.70
N PHE B 437 -12.72 0.80 -39.00
CA PHE B 437 -12.32 0.74 -37.59
C PHE B 437 -13.19 1.56 -36.62
N GLY B 438 -14.11 2.34 -37.17
CA GLY B 438 -14.90 3.27 -36.39
C GLY B 438 -14.11 4.56 -36.32
N GLU B 439 -13.10 4.55 -35.47
CA GLU B 439 -12.10 5.61 -35.47
C GLU B 439 -10.74 4.97 -35.75
N GLY B 440 -10.01 5.54 -36.71
CA GLY B 440 -8.65 5.11 -36.98
C GLY B 440 -7.65 5.88 -36.14
N VAL B 441 -6.89 5.16 -35.32
CA VAL B 441 -5.82 5.75 -34.52
C VAL B 441 -4.80 6.40 -35.44
N THR B 442 -4.51 7.67 -35.19
CA THR B 442 -3.71 8.48 -36.09
C THR B 442 -2.74 9.31 -35.27
N ALA B 443 -1.46 9.25 -35.63
CA ALA B 443 -0.46 10.01 -34.88
C ALA B 443 -0.04 11.25 -35.65
N VAL B 444 -0.18 12.40 -35.02
CA VAL B 444 0.32 13.64 -35.60
C VAL B 444 1.57 14.04 -34.83
N VAL B 445 2.70 14.13 -35.51
CA VAL B 445 3.98 14.17 -34.83
C VAL B 445 4.84 15.36 -35.18
N VAL B 446 5.37 16.02 -34.16
CA VAL B 446 6.35 17.05 -34.39
C VAL B 446 7.74 16.46 -34.17
N ARG B 447 8.55 16.44 -35.23
CA ARG B 447 9.93 15.98 -35.12
C ARG B 447 10.84 17.17 -34.86
N ASP B 448 12.06 16.89 -34.41
CA ASP B 448 13.20 17.81 -34.60
C ASP B 448 13.18 18.25 -36.06
N LYS B 449 13.31 19.55 -36.31
CA LYS B 449 13.30 20.05 -37.69
C LYS B 449 14.30 19.34 -38.58
N GLY B 450 15.41 18.90 -38.00
CA GLY B 450 16.45 18.26 -38.76
C GLY B 450 16.38 16.74 -38.78
N ALA B 451 15.46 16.17 -38.01
CA ALA B 451 15.33 14.71 -37.96
C ALA B 451 14.62 14.19 -39.21
N THR B 452 14.96 12.97 -39.61
CA THR B 452 14.37 12.38 -40.81
C THR B 452 13.51 11.16 -40.53
N ILE B 453 13.33 10.84 -39.26
CA ILE B 453 12.51 9.69 -38.87
C ILE B 453 11.15 9.76 -39.60
N ASP B 454 10.75 8.65 -40.21
CA ASP B 454 9.54 8.65 -41.03
C ASP B 454 8.46 7.73 -40.49
N GLU B 455 7.36 7.64 -41.22
CA GLU B 455 6.19 6.88 -40.78
C GLU B 455 6.57 5.43 -40.48
N ALA B 456 7.23 4.78 -41.45
CA ALA B 456 7.64 3.39 -41.28
C ALA B 456 8.47 3.18 -40.01
N GLN B 457 9.41 4.10 -39.76
CA GLN B 457 10.29 4.00 -38.61
C GLN B 457 9.52 4.09 -37.32
N VAL B 458 8.53 4.99 -37.28
CA VAL B 458 7.75 5.16 -36.06
C VAL B 458 6.91 3.90 -35.82
N LEU B 459 6.23 3.42 -36.85
CA LEU B 459 5.42 2.22 -36.70
C LEU B 459 6.28 1.02 -36.26
N HIS B 460 7.48 0.89 -36.81
CA HIS B 460 8.36 -0.21 -36.42
C HIS B 460 8.80 -0.10 -34.97
N GLY B 461 9.04 1.13 -34.52
CA GLY B 461 9.47 1.36 -33.15
C GLY B 461 8.38 0.99 -32.16
N LEU B 462 7.12 1.12 -32.60
CA LEU B 462 5.98 0.83 -31.74
C LEU B 462 5.66 -0.64 -31.70
N ASP B 463 6.09 -1.37 -32.73
CA ASP B 463 5.83 -2.78 -32.85
C ASP B 463 6.37 -3.51 -31.62
N GLY B 464 5.49 -4.18 -30.88
CA GLY B 464 5.89 -4.88 -29.68
C GLY B 464 5.75 -4.06 -28.41
N GLN B 465 5.56 -2.75 -28.57
CA GLN B 465 5.44 -1.85 -27.42
C GLN B 465 3.97 -1.67 -27.02
N LEU B 466 3.08 -1.85 -27.97
CA LEU B 466 1.65 -1.64 -27.74
C LEU B 466 0.85 -2.80 -28.30
N ALA B 467 -0.30 -3.08 -27.70
CA ALA B 467 -1.22 -4.05 -28.26
C ALA B 467 -1.52 -3.65 -29.70
N LYS B 468 -1.70 -4.65 -30.56
CA LYS B 468 -1.92 -4.38 -31.98
C LYS B 468 -3.07 -3.40 -32.25
N PHE B 469 -4.17 -3.50 -31.52
CA PHE B 469 -5.32 -2.64 -31.80
C PHE B 469 -5.03 -1.17 -31.52
N LYS B 470 -3.92 -0.90 -30.84
CA LYS B 470 -3.55 0.46 -30.47
C LYS B 470 -2.65 1.13 -31.49
N PRO B 472 -1.14 3.14 -34.42
CA PRO B 472 -1.55 4.17 -35.38
C PRO B 472 -1.58 3.61 -36.80
N LYS B 473 -2.58 4.01 -37.58
CA LYS B 473 -2.69 3.55 -38.96
C LYS B 473 -1.85 4.42 -39.89
N LYS B 474 -1.69 5.67 -39.49
CA LYS B 474 -0.95 6.67 -40.24
C LYS B 474 -0.19 7.54 -39.26
N VAL B 475 0.99 7.97 -39.68
CA VAL B 475 1.79 8.91 -38.89
C VAL B 475 2.07 10.10 -39.80
N ILE B 476 1.63 11.28 -39.38
CA ILE B 476 1.73 12.49 -40.18
C ILE B 476 2.63 13.47 -39.45
N PHE B 477 3.58 14.06 -40.17
CA PHE B 477 4.52 14.99 -39.53
C PHE B 477 4.21 16.45 -39.82
N VAL B 478 4.20 17.25 -38.75
CA VAL B 478 3.92 18.68 -38.83
C VAL B 478 4.98 19.46 -38.06
N ASP B 479 5.08 20.76 -38.30
CA ASP B 479 6.11 21.55 -37.63
C ASP B 479 5.65 22.03 -36.27
N ASP B 480 4.33 22.12 -36.11
CA ASP B 480 3.74 22.50 -34.84
CA ASP B 480 3.72 22.56 -34.87
C ASP B 480 2.34 21.95 -34.68
N LEU B 481 1.88 21.86 -33.45
CA LEU B 481 0.53 21.40 -33.14
C LEU B 481 -0.33 22.61 -32.80
N PRO B 482 -1.62 22.56 -33.13
CA PRO B 482 -2.53 23.67 -32.79
C PRO B 482 -2.82 23.65 -31.30
N ARG B 483 -2.72 24.81 -30.65
CA ARG B 483 -2.88 24.91 -29.22
C ARG B 483 -3.84 26.03 -28.87
N ASN B 484 -4.53 25.88 -27.74
CA ASN B 484 -5.29 27.01 -27.21
C ASN B 484 -4.35 27.98 -26.51
N THR B 485 -4.89 29.07 -25.99
CA THR B 485 -4.06 30.07 -25.33
C THR B 485 -3.33 29.48 -24.12
N GLY B 487 -2.15 26.59 -24.02
CA GLY B 487 -1.09 25.76 -24.55
C GLY B 487 -1.47 24.29 -24.67
N LYS B 488 -2.75 23.99 -24.53
CA LYS B 488 -3.23 22.63 -24.70
C LYS B 488 -3.46 22.34 -26.18
N VAL B 489 -2.86 21.25 -26.67
CA VAL B 489 -3.11 20.79 -28.03
C VAL B 489 -4.61 20.60 -28.27
N GLN B 490 -5.09 21.19 -29.35
CA GLN B 490 -6.49 21.13 -29.70
C GLN B 490 -6.79 19.97 -30.64
N LYS B 491 -7.22 18.85 -30.09
CA LYS B 491 -7.43 17.66 -30.92
C LYS B 491 -8.65 17.76 -31.82
N ASN B 492 -9.60 18.61 -31.46
CA ASN B 492 -10.75 18.83 -32.33
C ASN B 492 -10.31 19.50 -33.64
N VAL B 493 -9.34 20.41 -33.53
CA VAL B 493 -8.78 21.01 -34.75
C VAL B 493 -8.06 19.96 -35.59
N LEU B 494 -7.22 19.16 -34.94
CA LEU B 494 -6.53 18.08 -35.64
C LEU B 494 -7.52 17.15 -36.31
N ARG B 495 -8.59 16.78 -35.60
CA ARG B 495 -9.57 15.88 -36.20
C ARG B 495 -10.25 16.49 -37.43
N GLU B 496 -10.48 17.79 -37.41
CA GLU B 496 -11.07 18.49 -38.56
C GLU B 496 -10.10 18.50 -39.73
N THR B 497 -8.84 18.82 -39.44
CA THR B 497 -7.79 18.88 -40.46
C THR B 497 -7.61 17.55 -41.18
N TYR B 498 -7.65 16.46 -40.42
CA TYR B 498 -7.37 15.13 -40.97
C TYR B 498 -8.60 14.25 -41.15
N LYS B 499 -9.76 14.87 -41.20
CA LYS B 499 -11.02 14.12 -41.26
C LYS B 499 -11.11 13.18 -42.46
N ASP B 500 -10.42 13.52 -43.55
CA ASP B 500 -10.52 12.75 -44.79
C ASP B 500 -9.27 11.97 -45.17
N ILE B 501 -8.32 11.83 -44.26
CA ILE B 501 -7.08 11.15 -44.60
C ILE B 501 -7.27 9.67 -44.97
N TYR B 502 -8.34 9.06 -44.49
CA TYR B 502 -8.58 7.65 -44.83
C TYR B 502 -9.62 7.49 -45.93
N LYS B 503 -9.81 8.54 -46.71
CA LYS B 503 -10.67 8.47 -47.89
C LYS B 503 -9.81 8.30 -49.14
N ASN C 2 26.89 -63.82 0.36
CA ASN C 2 26.55 -62.41 0.18
C ASN C 2 26.32 -61.69 1.52
N ALA C 3 26.99 -60.55 1.71
CA ALA C 3 26.83 -59.77 2.95
C ALA C 3 25.58 -58.89 2.93
N ASN C 4 24.90 -58.85 1.79
CA ASN C 4 23.67 -58.11 1.70
C ASN C 4 22.74 -58.49 2.85
N LEU C 5 22.22 -57.48 3.57
CA LEU C 5 21.35 -57.74 4.73
C LEU C 5 20.21 -58.70 4.38
N PHE C 6 19.66 -58.56 3.18
CA PHE C 6 18.55 -59.42 2.76
C PHE C 6 19.00 -60.88 2.70
N ALA C 7 20.19 -61.10 2.15
CA ALA C 7 20.77 -62.44 2.10
C ALA C 7 21.06 -62.96 3.50
N ARG C 8 21.61 -62.12 4.37
CA ARG C 8 21.87 -62.56 5.74
C ARG C 8 20.57 -63.01 6.41
N LEU C 9 19.51 -62.25 6.16
CA LEU C 9 18.21 -62.57 6.74
C LEU C 9 17.59 -63.83 6.18
N PHE C 10 17.64 -64.03 4.88
CA PHE C 10 16.75 -65.02 4.27
C PHE C 10 17.44 -66.15 3.52
N ASP C 11 18.77 -66.11 3.46
CA ASP C 11 19.54 -67.12 2.73
C ASP C 11 19.26 -68.54 3.14
N LYS C 12 19.43 -68.81 4.43
CA LYS C 12 19.29 -70.17 4.92
C LYS C 12 18.13 -70.24 5.88
N LEU C 13 17.02 -70.78 5.39
CA LEU C 13 15.83 -70.93 6.19
C LEU C 13 15.53 -72.41 6.31
N ASP C 14 15.56 -72.92 7.52
CA ASP C 14 15.26 -74.33 7.74
C ASP C 14 13.77 -74.60 7.54
N ASP C 15 12.95 -73.60 7.82
CA ASP C 15 11.50 -73.76 7.83
C ASP C 15 10.86 -72.54 7.16
N PRO C 16 11.03 -72.41 5.84
CA PRO C 16 10.60 -71.19 5.15
C PRO C 16 9.09 -70.95 5.18
N HIS C 17 8.30 -71.98 5.44
CA HIS C 17 6.85 -71.79 5.42
C HIS C 17 6.22 -71.46 6.75
N LYS C 18 7.07 -71.31 7.78
CA LYS C 18 6.58 -70.88 9.08
C LYS C 18 6.20 -69.39 9.01
N LEU C 19 5.34 -68.98 9.93
CA LEU C 19 4.83 -67.62 9.97
C LEU C 19 5.95 -66.61 10.17
N ALA C 20 5.92 -65.52 9.41
CA ALA C 20 6.81 -64.38 9.66
C ALA C 20 6.03 -63.20 10.24
N ILE C 21 4.90 -62.87 9.62
CA ILE C 21 4.13 -61.69 10.03
C ILE C 21 2.62 -61.98 10.02
N GLU C 22 1.96 -61.64 11.12
CA GLU C 22 0.50 -61.60 11.15
C GLU C 22 0.09 -60.13 11.06
N THR C 23 -0.74 -59.80 10.09
CA THR C 23 -1.16 -58.41 9.93
C THR C 23 -2.21 -58.04 10.97
N ALA C 24 -2.52 -56.75 11.08
CA ALA C 24 -3.51 -56.26 12.02
C ALA C 24 -4.87 -56.89 11.74
N ALA C 25 -5.11 -57.24 10.48
CA ALA C 25 -6.38 -57.85 10.07
C ALA C 25 -6.37 -59.36 10.25
N GLY C 26 -5.22 -59.89 10.67
CA GLY C 26 -5.10 -61.30 10.98
C GLY C 26 -4.63 -62.16 9.82
N ASP C 27 -4.18 -61.54 8.74
CA ASP C 27 -3.63 -62.30 7.63
C ASP C 27 -2.25 -62.83 8.00
N LYS C 28 -1.95 -64.05 7.56
CA LYS C 28 -0.69 -64.70 7.92
C LYS C 28 0.24 -64.71 6.72
N ILE C 29 1.46 -64.23 6.93
CA ILE C 29 2.47 -64.18 5.88
C ILE C 29 3.72 -64.95 6.29
N SER C 30 4.02 -66.02 5.56
CA SER C 30 5.15 -66.88 5.88
C SER C 30 6.46 -66.22 5.47
N TYR C 31 7.58 -66.79 5.91
CA TYR C 31 8.89 -66.33 5.44
C TYR C 31 8.97 -66.40 3.92
N ALA C 32 8.53 -67.51 3.35
CA ALA C 32 8.57 -67.69 1.90
C ALA C 32 7.80 -66.60 1.17
N GLU C 33 6.60 -66.27 1.65
CA GLU C 33 5.79 -65.23 1.01
C GLU C 33 6.40 -63.85 1.18
N LEU C 34 7.02 -63.60 2.33
CA LEU C 34 7.69 -62.32 2.56
C LEU C 34 8.85 -62.13 1.59
N VAL C 35 9.63 -63.20 1.39
CA VAL C 35 10.74 -63.15 0.46
C VAL C 35 10.26 -62.95 -0.97
N ALA C 36 9.22 -63.68 -1.34
CA ALA C 36 8.64 -63.56 -2.67
C ALA C 36 8.12 -62.14 -2.95
N ARG C 37 7.40 -61.57 -1.99
CA ARG C 37 6.93 -60.19 -2.11
C ARG C 37 8.08 -59.21 -2.31
N ALA C 38 9.16 -59.39 -1.55
CA ALA C 38 10.33 -58.55 -1.70
C ALA C 38 10.94 -58.69 -3.08
N GLY C 39 10.91 -59.90 -3.63
CA GLY C 39 11.42 -60.12 -4.97
C GLY C 39 10.61 -59.36 -6.01
N ARG C 40 9.29 -59.40 -5.88
CA ARG C 40 8.43 -58.67 -6.80
C ARG C 40 8.66 -57.17 -6.72
N VAL C 41 8.77 -56.65 -5.52
CA VAL C 41 9.00 -55.22 -5.35
C VAL C 41 10.39 -54.82 -5.85
N ALA C 42 11.39 -55.65 -5.59
CA ALA C 42 12.74 -55.37 -6.08
C ALA C 42 12.75 -55.26 -7.60
N ASN C 43 12.06 -56.17 -8.27
CA ASN C 43 11.96 -56.08 -9.73
C ASN C 43 11.34 -54.76 -10.18
N VAL C 44 10.31 -54.31 -9.47
CA VAL C 44 9.69 -53.03 -9.76
C VAL C 44 10.66 -51.87 -9.59
N LEU C 45 11.40 -51.85 -8.48
CA LEU C 45 12.35 -50.77 -8.24
C LEU C 45 13.40 -50.70 -9.34
N VAL C 46 13.98 -51.85 -9.68
CA VAL C 46 15.01 -51.90 -10.71
C VAL C 46 14.43 -51.48 -12.08
N ALA C 47 13.21 -51.91 -12.37
CA ALA C 47 12.52 -51.49 -13.59
C ALA C 47 12.33 -49.98 -13.62
N ARG C 48 12.06 -49.37 -12.47
CA ARG C 48 11.89 -47.92 -12.41
C ARG C 48 13.24 -47.18 -12.41
N GLY C 49 14.33 -47.93 -12.55
CA GLY C 49 15.63 -47.33 -12.73
C GLY C 49 16.53 -47.32 -11.49
N LEU C 50 16.13 -48.04 -10.45
CA LEU C 50 16.97 -48.07 -9.25
C LEU C 50 18.28 -48.76 -9.56
N GLN C 51 19.38 -48.03 -9.37
CA GLN C 51 20.71 -48.62 -9.57
C GLN C 51 21.31 -48.92 -8.21
N VAL C 52 22.40 -49.69 -8.22
CA VAL C 52 23.05 -50.06 -6.97
C VAL C 52 23.52 -48.79 -6.25
N GLY C 53 23.18 -48.68 -4.97
CA GLY C 53 23.54 -47.52 -4.18
C GLY C 53 22.54 -46.38 -4.22
N ASP C 54 21.59 -46.41 -5.16
CA ASP C 54 20.57 -45.37 -5.22
C ASP C 54 19.69 -45.41 -3.98
N ARG C 55 19.19 -44.25 -3.55
CA ARG C 55 18.28 -44.17 -2.41
C ARG C 55 16.82 -44.32 -2.81
N VAL C 56 16.06 -44.98 -1.95
CA VAL C 56 14.61 -45.01 -2.05
C VAL C 56 14.09 -44.28 -0.82
N ALA C 57 13.45 -43.14 -1.00
CA ALA C 57 12.87 -42.42 0.12
C ALA C 57 11.40 -42.80 0.25
N ALA C 58 10.99 -43.21 1.45
CA ALA C 58 9.62 -43.68 1.66
C ALA C 58 8.95 -42.96 2.82
N GLN C 59 7.85 -42.26 2.53
CA GLN C 59 6.97 -41.75 3.56
C GLN C 59 5.69 -42.58 3.48
N THR C 60 5.66 -43.66 4.25
CA THR C 60 4.57 -44.62 4.18
C THR C 60 4.02 -44.87 5.58
N GLU C 61 2.72 -45.09 5.67
CA GLU C 61 2.16 -45.52 6.94
C GLU C 61 2.46 -46.99 7.16
N LYS C 62 2.49 -47.39 8.42
CA LYS C 62 2.92 -48.73 8.76
C LYS C 62 2.03 -49.81 8.17
N SER C 63 2.63 -50.73 7.42
CA SER C 63 1.95 -51.88 6.81
C SER C 63 2.99 -52.93 6.42
N VAL C 64 2.54 -54.15 6.12
CA VAL C 64 3.49 -55.15 5.68
C VAL C 64 4.12 -54.75 4.34
N GLU C 65 3.34 -54.09 3.49
CA GLU C 65 3.86 -53.61 2.22
C GLU C 65 4.97 -52.60 2.45
N ALA C 66 4.80 -51.76 3.46
CA ALA C 66 5.83 -50.77 3.79
C ALA C 66 7.12 -51.43 4.27
N LEU C 67 6.98 -52.51 5.05
CA LEU C 67 8.15 -53.27 5.49
C LEU C 67 8.79 -54.00 4.29
N VAL C 68 7.96 -54.54 3.41
CA VAL C 68 8.49 -55.19 2.21
C VAL C 68 9.32 -54.22 1.36
N LEU C 69 8.86 -52.98 1.25
CA LEU C 69 9.60 -51.96 0.49
C LEU C 69 11.02 -51.77 1.03
N TYR C 70 11.16 -51.71 2.35
CA TYR C 70 12.46 -51.67 3.01
C TYR C 70 13.31 -52.89 2.61
N LEU C 71 12.76 -54.08 2.77
CA LEU C 71 13.51 -55.30 2.44
C LEU C 71 13.89 -55.35 0.95
N ALA C 72 12.96 -54.95 0.10
CA ALA C 72 13.19 -54.97 -1.34
C ALA C 72 14.26 -53.96 -1.75
N THR C 73 14.23 -52.78 -1.12
CA THR C 73 15.22 -51.76 -1.43
C THR C 73 16.61 -52.30 -1.16
N VAL C 74 16.79 -52.85 0.03
CA VAL C 74 18.07 -53.44 0.43
CA VAL C 74 18.11 -53.38 0.35
C VAL C 74 18.47 -54.60 -0.50
N ARG C 75 17.50 -55.45 -0.81
CA ARG C 75 17.75 -56.59 -1.66
C ARG C 75 18.24 -56.17 -3.05
N ALA C 76 17.71 -55.06 -3.55
CA ALA C 76 18.07 -54.55 -4.88
C ALA C 76 19.35 -53.70 -4.87
N GLY C 77 20.07 -53.72 -3.75
CA GLY C 77 21.32 -52.98 -3.63
C GLY C 77 21.13 -51.50 -3.36
N GLY C 78 19.89 -51.10 -3.12
CA GLY C 78 19.56 -49.71 -2.84
C GLY C 78 19.78 -49.34 -1.39
N VAL C 79 19.53 -48.08 -1.08
CA VAL C 79 19.74 -47.54 0.25
C VAL C 79 18.39 -47.03 0.75
N TYR C 80 17.86 -47.65 1.78
CA TYR C 80 16.51 -47.34 2.24
C TYR C 80 16.48 -46.10 3.14
N LEU C 81 15.60 -45.15 2.82
CA LEU C 81 15.47 -43.91 3.58
C LEU C 81 14.04 -43.69 4.05
N PRO C 82 13.73 -44.12 5.29
CA PRO C 82 12.36 -43.93 5.78
C PRO C 82 12.13 -42.50 6.26
N LEU C 83 10.92 -41.97 6.08
CA LEU C 83 10.60 -40.62 6.54
C LEU C 83 9.29 -40.55 7.34
N ASN C 84 9.36 -39.88 8.50
CA ASN C 84 8.22 -39.63 9.37
C ASN C 84 6.98 -39.23 8.56
N THR C 85 5.86 -39.88 8.84
CA THR C 85 4.62 -39.63 8.13
C THR C 85 4.06 -38.23 8.43
N ALA C 86 4.54 -37.61 9.50
CA ALA C 86 4.04 -36.28 9.85
C ALA C 86 4.66 -35.15 9.02
N TYR C 87 5.78 -35.42 8.34
CA TYR C 87 6.44 -34.34 7.57
C TYR C 87 5.53 -33.71 6.52
N THR C 88 5.51 -32.38 6.49
CA THR C 88 4.82 -31.63 5.45
C THR C 88 5.62 -31.72 4.16
N LEU C 89 5.05 -31.24 3.06
CA LEU C 89 5.75 -31.24 1.79
C LEU C 89 7.04 -30.42 1.87
N HIS C 90 6.99 -29.28 2.55
CA HIS C 90 8.16 -28.44 2.72
C HIS C 90 9.25 -29.20 3.48
N GLU C 91 8.85 -29.90 4.53
CA GLU C 91 9.78 -30.68 5.33
C GLU C 91 10.36 -31.83 4.50
N LEU C 92 9.51 -32.53 3.76
CA LEU C 92 9.97 -33.59 2.86
C LEU C 92 11.01 -33.07 1.88
N ASP C 93 10.79 -31.85 1.39
CA ASP C 93 11.67 -31.22 0.41
C ASP C 93 13.12 -31.24 0.91
N TYR C 94 13.32 -30.95 2.18
CA TYR C 94 14.66 -30.97 2.76
C TYR C 94 15.35 -32.32 2.56
N PHE C 95 14.66 -33.38 2.93
CA PHE C 95 15.28 -34.71 2.89
C PHE C 95 15.46 -35.22 1.47
N ILE C 96 14.49 -34.96 0.62
CA ILE C 96 14.59 -35.39 -0.77
C ILE C 96 15.73 -34.65 -1.47
N THR C 97 15.87 -33.36 -1.20
CA THR C 97 16.95 -32.58 -1.77
C THR C 97 18.32 -33.06 -1.25
N ASP C 98 18.39 -33.36 0.05
CA ASP C 98 19.66 -33.80 0.64
C ASP C 98 20.09 -35.18 0.15
N ALA C 99 19.14 -36.11 0.12
CA ALA C 99 19.46 -37.51 -0.18
C ALA C 99 19.48 -37.83 -1.66
N GLU C 100 18.82 -36.99 -2.47
CA GLU C 100 18.68 -37.22 -3.91
C GLU C 100 18.31 -38.67 -4.24
N PRO C 101 17.17 -39.14 -3.72
CA PRO C 101 16.66 -40.49 -4.03
C PRO C 101 16.28 -40.64 -5.50
N LYS C 102 16.41 -41.85 -6.03
CA LYS C 102 16.01 -42.16 -7.39
C LYS C 102 14.52 -42.46 -7.41
N ILE C 103 14.03 -43.01 -6.30
CA ILE C 103 12.62 -43.35 -6.17
C ILE C 103 12.05 -42.78 -4.88
N VAL C 104 10.87 -42.19 -4.96
CA VAL C 104 10.15 -41.70 -3.77
C VAL C 104 8.81 -42.40 -3.69
N VAL C 105 8.53 -42.99 -2.54
CA VAL C 105 7.25 -43.66 -2.33
C VAL C 105 6.47 -42.90 -1.27
N CYS C 106 5.22 -42.59 -1.58
CA CYS C 106 4.41 -41.76 -0.70
C CYS C 106 2.94 -42.17 -0.75
N ASP C 107 2.14 -41.57 0.11
CA ASP C 107 0.71 -41.80 0.09
C ASP C 107 0.13 -41.28 -1.23
N PRO C 108 -0.82 -42.02 -1.81
CA PRO C 108 -1.47 -41.60 -3.05
C PRO C 108 -2.02 -40.17 -2.97
N SER C 109 -2.38 -39.72 -1.77
CA SER C 109 -2.96 -38.38 -1.59
C SER C 109 -1.96 -37.26 -1.85
N LYS C 110 -0.67 -37.59 -1.81
CA LYS C 110 0.38 -36.59 -2.01
C LYS C 110 1.14 -36.82 -3.32
N ARG C 111 0.67 -37.77 -4.12
CA ARG C 111 1.38 -38.13 -5.33
C ARG C 111 1.68 -36.90 -6.18
N ASP C 112 0.67 -36.08 -6.44
CA ASP C 112 0.88 -34.93 -7.31
C ASP C 112 1.73 -33.86 -6.62
N GLY C 113 1.55 -33.70 -5.31
CA GLY C 113 2.35 -32.75 -4.56
C GLY C 113 3.79 -33.18 -4.40
N ILE C 114 4.00 -34.46 -4.11
CA ILE C 114 5.34 -35.01 -3.93
C ILE C 114 6.06 -35.21 -5.27
N ALA C 115 5.32 -35.59 -6.30
CA ALA C 115 5.93 -35.77 -7.62
C ALA C 115 6.66 -34.51 -8.08
N ALA C 116 6.13 -33.33 -7.74
CA ALA C 116 6.77 -32.06 -8.12
C ALA C 116 8.12 -31.85 -7.41
N ILE C 117 8.16 -32.17 -6.12
CA ILE C 117 9.41 -32.10 -5.36
C ILE C 117 10.42 -33.13 -5.84
N ALA C 118 9.92 -34.30 -6.24
CA ALA C 118 10.78 -35.37 -6.74
C ALA C 118 11.44 -35.02 -8.08
N ALA C 119 10.73 -34.28 -8.92
CA ALA C 119 11.27 -33.90 -10.22
C ALA C 119 12.58 -33.14 -10.07
N LYS C 120 12.66 -32.31 -9.03
CA LYS C 120 13.82 -31.47 -8.81
C LYS C 120 15.12 -32.27 -8.71
N VAL C 121 15.02 -33.51 -8.22
CA VAL C 121 16.19 -34.37 -8.09
C VAL C 121 16.17 -35.52 -9.08
N GLY C 122 15.16 -35.55 -9.94
CA GLY C 122 15.05 -36.58 -10.95
C GLY C 122 14.52 -37.92 -10.47
N ALA C 123 13.70 -37.88 -9.42
CA ALA C 123 13.14 -39.08 -8.84
C ALA C 123 11.80 -39.46 -9.46
N THR C 124 11.59 -40.76 -9.61
CA THR C 124 10.29 -41.31 -10.00
C THR C 124 9.46 -41.51 -8.74
N VAL C 125 8.17 -41.23 -8.83
CA VAL C 125 7.27 -41.39 -7.69
C VAL C 125 6.38 -42.63 -7.84
N GLU C 126 6.27 -43.40 -6.77
CA GLU C 126 5.30 -44.50 -6.70
C GLU C 126 4.50 -44.31 -5.42
N THR C 127 3.30 -44.89 -5.35
CA THR C 127 2.48 -44.68 -4.18
C THR C 127 2.17 -45.95 -3.40
N LEU C 128 1.94 -45.79 -2.11
CA LEU C 128 1.63 -46.87 -1.19
C LEU C 128 0.86 -46.30 -0.02
N GLY C 129 -0.40 -46.69 0.11
CA GLY C 129 -1.27 -46.17 1.15
C GLY C 129 -1.27 -47.00 2.40
N PRO C 130 -2.01 -46.55 3.44
CA PRO C 130 -2.04 -47.26 4.72
C PRO C 130 -2.69 -48.63 4.60
N ASP C 131 -3.41 -48.85 3.51
CA ASP C 131 -4.08 -50.12 3.27
C ASP C 131 -3.24 -51.06 2.42
N GLY C 132 -2.02 -50.65 2.12
CA GLY C 132 -1.12 -51.47 1.31
C GLY C 132 -1.37 -51.37 -0.19
N ARG C 133 -2.27 -50.47 -0.60
CA ARG C 133 -2.58 -50.31 -2.02
C ARG C 133 -1.88 -49.10 -2.63
N GLY C 134 -1.78 -49.07 -3.95
CA GLY C 134 -1.14 -47.96 -4.64
C GLY C 134 -0.40 -48.41 -5.87
N SER C 135 0.25 -47.47 -6.57
CA SER C 135 0.94 -47.82 -7.81
C SER C 135 2.08 -48.82 -7.57
N LEU C 136 2.74 -48.73 -6.41
CA LEU C 136 3.81 -49.67 -6.10
C LEU C 136 3.24 -51.08 -6.08
N THR C 137 2.13 -51.25 -5.36
CA THR C 137 1.46 -52.53 -5.21
C THR C 137 0.95 -53.05 -6.56
N ASP C 138 0.37 -52.17 -7.37
CA ASP C 138 -0.11 -52.57 -8.69
C ASP C 138 1.02 -53.06 -9.57
N ALA C 139 2.14 -52.36 -9.51
CA ALA C 139 3.28 -52.70 -10.36
C ALA C 139 3.91 -54.03 -9.91
N ALA C 140 3.98 -54.23 -8.60
CA ALA C 140 4.55 -55.46 -8.07
C ALA C 140 3.66 -56.68 -8.32
N ALA C 141 2.36 -56.44 -8.51
CA ALA C 141 1.40 -57.52 -8.69
C ALA C 141 1.70 -58.32 -9.94
N GLY C 142 2.32 -57.67 -10.93
CA GLY C 142 2.63 -58.32 -12.19
C GLY C 142 4.10 -58.64 -12.34
N ALA C 143 4.86 -58.48 -11.26
CA ALA C 143 6.29 -58.74 -11.30
C ALA C 143 6.62 -60.19 -10.98
N SER C 144 7.77 -60.64 -11.45
CA SER C 144 8.27 -61.98 -11.13
C SER C 144 8.73 -61.99 -9.68
N GLU C 145 8.58 -63.12 -9.01
CA GLU C 145 9.13 -63.33 -7.67
C GLU C 145 10.64 -63.45 -7.69
N ALA C 146 11.18 -63.89 -8.82
CA ALA C 146 12.62 -64.18 -8.91
C ALA C 146 13.44 -62.90 -8.98
N PHE C 147 14.38 -62.77 -8.05
CA PHE C 147 15.29 -61.63 -8.07
C PHE C 147 16.64 -62.04 -7.52
N ALA C 148 17.69 -61.88 -8.33
CA ALA C 148 19.05 -62.16 -7.88
C ALA C 148 19.53 -61.06 -6.93
N THR C 149 19.42 -61.32 -5.64
CA THR C 149 19.83 -60.38 -4.61
C THR C 149 21.20 -59.79 -4.92
N ILE C 150 21.29 -58.47 -4.89
CA ILE C 150 22.50 -57.79 -5.31
C ILE C 150 23.62 -58.02 -4.30
N ASP C 151 24.80 -58.37 -4.80
CA ASP C 151 25.94 -58.55 -3.93
CA ASP C 151 25.96 -58.55 -3.94
C ASP C 151 26.31 -57.22 -3.27
N ARG C 152 26.40 -57.23 -1.94
CA ARG C 152 26.83 -56.07 -1.19
C ARG C 152 27.87 -56.51 -0.18
N GLY C 153 28.86 -55.64 0.06
CA GLY C 153 29.85 -55.90 1.09
C GLY C 153 29.43 -55.40 2.46
N ALA C 154 30.12 -55.88 3.48
CA ALA C 154 29.84 -55.51 4.86
C ALA C 154 29.73 -54.00 5.07
N ASP C 155 30.59 -53.25 4.38
CA ASP C 155 30.69 -51.82 4.63
C ASP C 155 29.90 -50.95 3.62
N ASP C 156 29.20 -51.61 2.69
CA ASP C 156 28.31 -50.91 1.75
C ASP C 156 27.04 -50.43 2.45
N LEU C 157 26.42 -49.40 1.91
CA LEU C 157 25.23 -48.81 2.52
C LEU C 157 23.98 -49.63 2.31
N ALA C 158 23.16 -49.69 3.38
CA ALA C 158 21.84 -50.32 3.35
C ALA C 158 20.74 -49.31 3.63
N ALA C 159 21.03 -48.28 4.41
CA ALA C 159 19.99 -47.32 4.82
C ALA C 159 20.59 -46.00 5.23
N ILE C 160 19.77 -44.95 5.14
CA ILE C 160 20.09 -43.68 5.75
C ILE C 160 18.91 -43.27 6.63
N LEU C 161 19.18 -43.00 7.90
CA LEU C 161 18.16 -42.47 8.80
C LEU C 161 18.58 -41.08 9.30
N TYR C 162 17.70 -40.09 9.17
CA TYR C 162 18.03 -38.74 9.58
C TYR C 162 17.88 -38.55 11.09
N THR C 163 18.78 -37.74 11.65
CA THR C 163 18.83 -37.50 13.08
C THR C 163 18.60 -36.01 13.31
N SER C 164 18.20 -35.65 14.52
CA SER C 164 18.02 -34.24 14.84
C SER C 164 18.75 -33.85 16.12
N GLY C 165 19.55 -32.80 16.05
CA GLY C 165 20.32 -32.35 17.20
C GLY C 165 19.48 -31.58 18.20
N THR C 167 20.50 -28.21 16.82
CA THR C 167 21.92 -27.85 16.82
C THR C 167 22.48 -27.81 15.41
N GLY C 168 21.61 -27.60 14.44
CA GLY C 168 22.01 -27.60 13.03
C GLY C 168 21.00 -28.38 12.21
N ARG C 169 21.25 -28.49 10.91
CA ARG C 169 20.31 -29.18 10.02
C ARG C 169 20.33 -30.67 10.30
N SER C 170 19.25 -31.34 9.94
CA SER C 170 19.13 -32.78 10.15
C SER C 170 20.15 -33.50 9.29
N LYS C 171 20.88 -34.42 9.91
CA LYS C 171 21.96 -35.13 9.23
C LYS C 171 21.56 -36.58 8.97
N GLY C 172 21.92 -37.08 7.79
CA GLY C 172 21.58 -38.45 7.41
C GLY C 172 22.64 -39.42 7.90
N ALA C 173 22.26 -40.26 8.86
CA ALA C 173 23.17 -41.30 9.36
C ALA C 173 23.26 -42.46 8.37
N LEU C 175 24.06 -46.05 7.29
CA LEU C 175 24.11 -47.34 7.95
C LEU C 175 24.43 -48.45 6.96
N SER C 176 25.42 -49.27 7.28
CA SER C 176 25.88 -50.33 6.38
C SER C 176 25.13 -51.63 6.60
N HIS C 177 25.29 -52.53 5.63
CA HIS C 177 24.77 -53.89 5.77
C HIS C 177 25.23 -54.57 7.04
N ASP C 178 26.52 -54.46 7.37
CA ASP C 178 27.03 -55.11 8.58
C ASP C 178 26.61 -54.39 9.86
N ASN C 179 26.42 -53.06 9.79
CA ASN C 179 25.94 -52.32 10.96
C ASN C 179 24.64 -52.98 11.39
N LEU C 180 23.74 -53.16 10.43
CA LEU C 180 22.41 -53.67 10.72
C LEU C 180 22.41 -55.16 11.06
N ALA C 181 23.13 -55.96 10.27
CA ALA C 181 23.16 -57.41 10.52
C ALA C 181 23.84 -57.74 11.84
N SER C 182 25.00 -57.13 12.08
CA SER C 182 25.79 -57.47 13.25
C SER C 182 25.00 -57.22 14.52
N ASN C 183 24.33 -56.08 14.57
CA ASN C 183 23.69 -55.65 15.81
C ASN C 183 22.47 -56.53 16.15
N SER C 184 21.65 -56.79 15.15
CA SER C 184 20.47 -57.60 15.41
C SER C 184 20.82 -59.06 15.66
N LEU C 185 21.85 -59.57 14.98
CA LEU C 185 22.30 -60.94 15.31
C LEU C 185 22.79 -61.06 16.75
N THR C 186 23.51 -60.05 17.22
CA THR C 186 23.98 -60.05 18.60
C THR C 186 22.80 -60.02 19.57
N LEU C 187 21.78 -59.25 19.25
CA LEU C 187 20.61 -59.15 20.12
C LEU C 187 19.80 -60.43 20.14
N VAL C 188 19.77 -61.16 19.03
CA VAL C 188 19.03 -62.43 19.00
C VAL C 188 19.51 -63.27 20.17
N ASP C 189 20.82 -63.33 20.35
CA ASP C 189 21.34 -64.20 21.39
C ASP C 189 21.29 -63.56 22.77
N TYR C 190 21.55 -62.26 22.83
CA TYR C 190 21.60 -61.57 24.11
C TYR C 190 20.22 -61.55 24.77
N TRP C 191 19.19 -61.46 23.94
CA TRP C 191 17.81 -61.43 24.41
C TRP C 191 17.13 -62.80 24.33
N ARG C 192 17.92 -63.82 23.97
CA ARG C 192 17.48 -65.22 23.96
C ARG C 192 16.24 -65.47 23.09
N PHE C 193 16.22 -64.85 21.92
CA PHE C 193 15.18 -65.09 20.93
C PHE C 193 15.30 -66.47 20.34
N THR C 194 14.16 -67.08 20.01
CA THR C 194 14.13 -68.35 19.30
C THR C 194 13.04 -68.29 18.24
N PRO C 195 12.99 -69.30 17.37
CA PRO C 195 11.95 -69.26 16.31
C PRO C 195 10.54 -69.37 16.87
N ASP C 196 10.40 -69.71 18.14
CA ASP C 196 9.08 -69.78 18.76
C ASP C 196 8.59 -68.44 19.29
N ASP C 197 9.43 -67.41 19.21
CA ASP C 197 9.02 -66.10 19.71
C ASP C 197 7.98 -65.45 18.82
N VAL C 198 7.05 -64.75 19.45
CA VAL C 198 6.06 -63.95 18.77
C VAL C 198 6.12 -62.54 19.33
N LEU C 199 6.52 -61.58 18.50
CA LEU C 199 6.69 -60.21 18.96
C LEU C 199 5.47 -59.36 18.64
N ILE C 200 4.96 -58.67 19.64
CA ILE C 200 3.91 -57.69 19.42
C ILE C 200 4.60 -56.43 18.95
N HIS C 201 4.33 -56.04 17.71
CA HIS C 201 5.01 -54.92 17.07
C HIS C 201 4.05 -53.76 16.90
N ALA C 202 4.16 -52.77 17.77
CA ALA C 202 3.24 -51.64 17.76
C ALA C 202 4.00 -50.33 17.69
N LEU C 203 5.23 -50.39 17.18
CA LEU C 203 6.11 -49.23 17.05
C LEU C 203 6.09 -48.72 15.61
N PRO C 204 6.37 -47.44 15.39
CA PRO C 204 6.49 -46.98 14.01
C PRO C 204 7.74 -47.58 13.35
N ILE C 205 7.74 -47.67 12.03
CA ILE C 205 8.87 -48.27 11.33
C ILE C 205 9.67 -47.25 10.52
N TYR C 206 9.60 -45.97 10.88
CA TYR C 206 10.52 -44.99 10.30
C TYR C 206 11.61 -44.57 11.29
N HIS C 207 11.71 -45.29 12.40
CA HIS C 207 12.77 -45.08 13.37
C HIS C 207 13.52 -46.40 13.61
N THR C 208 14.74 -46.29 14.13
CA THR C 208 15.59 -47.46 14.39
C THR C 208 14.90 -48.56 15.22
N HIS C 209 14.20 -48.15 16.26
CA HIS C 209 13.58 -49.12 17.18
C HIS C 209 12.64 -50.06 16.44
N GLY C 210 11.61 -49.52 15.80
CA GLY C 210 10.61 -50.35 15.14
C GLY C 210 11.08 -50.97 13.84
N LEU C 211 11.86 -50.21 13.08
CA LEU C 211 12.28 -50.67 11.76
C LEU C 211 13.33 -51.76 11.87
N PHE C 212 14.42 -51.47 12.56
CA PHE C 212 15.54 -52.40 12.64
C PHE C 212 15.50 -53.32 13.85
N VAL C 213 15.41 -52.77 15.05
CA VAL C 213 15.54 -53.61 16.23
C VAL C 213 14.40 -54.64 16.29
N ALA C 214 13.16 -54.16 16.36
CA ALA C 214 12.02 -55.07 16.42
C ALA C 214 11.98 -56.03 15.24
N SER C 215 12.04 -55.50 14.02
CA SER C 215 11.86 -56.33 12.82
C SER C 215 13.02 -57.27 12.54
N ASN C 216 14.24 -56.72 12.50
CA ASN C 216 15.42 -57.54 12.19
C ASN C 216 15.74 -58.61 13.24
N VAL C 217 15.57 -58.28 14.51
CA VAL C 217 15.82 -59.27 15.54
C VAL C 217 14.86 -60.45 15.38
N THR C 218 13.58 -60.13 15.21
CA THR C 218 12.58 -61.18 15.01
C THR C 218 12.89 -62.03 13.80
N LEU C 219 13.24 -61.39 12.69
CA LEU C 219 13.51 -62.14 11.45
C LEU C 219 14.79 -62.96 11.53
N PHE C 220 15.85 -62.42 12.12
CA PHE C 220 17.06 -63.22 12.30
C PHE C 220 16.81 -64.41 13.22
N ALA C 221 15.89 -64.26 14.18
CA ALA C 221 15.57 -65.34 15.11
C ALA C 221 14.67 -66.40 14.48
N ARG C 222 14.14 -66.09 13.30
CA ARG C 222 13.17 -66.95 12.62
C ARG C 222 11.87 -67.04 13.40
N GLY C 223 11.57 -66.00 14.18
CA GLY C 223 10.32 -65.91 14.92
C GLY C 223 9.25 -65.19 14.10
N SER C 224 8.16 -64.78 14.75
CA SER C 224 7.16 -64.00 14.04
C SER C 224 6.75 -62.76 14.79
N ILE C 226 3.41 -59.77 15.35
CA ILE C 226 2.04 -59.33 15.11
C ILE C 226 2.10 -57.83 14.88
N PHE C 227 1.71 -57.42 13.68
CA PHE C 227 2.05 -56.11 13.15
C PHE C 227 0.88 -55.16 13.34
N LEU C 228 0.91 -54.36 14.41
CA LEU C 228 -0.17 -53.43 14.74
C LEU C 228 0.16 -52.01 14.30
N PRO C 229 -0.87 -51.24 13.88
CA PRO C 229 -0.63 -49.87 13.38
C PRO C 229 -0.22 -48.89 14.48
N LYS C 230 -0.71 -49.07 15.71
CA LYS C 230 -0.34 -48.17 16.81
C LYS C 230 -0.64 -48.78 18.18
N PHE C 231 -0.12 -48.16 19.23
CA PHE C 231 -0.37 -48.63 20.60
C PHE C 231 -1.85 -48.62 20.94
N ASP C 232 -2.35 -49.77 21.36
CA ASP C 232 -3.71 -49.91 21.86
C ASP C 232 -3.66 -50.84 23.06
N PRO C 233 -3.90 -50.29 24.27
CA PRO C 233 -3.73 -51.05 25.51
C PRO C 233 -4.52 -52.36 25.55
N ASP C 234 -5.81 -52.30 25.24
CA ASP C 234 -6.65 -53.49 25.32
C ASP C 234 -6.28 -54.54 24.28
N LYS C 235 -5.92 -54.09 23.08
CA LYS C 235 -5.55 -55.03 22.01
C LYS C 235 -4.22 -55.71 22.35
N ILE C 236 -3.30 -54.95 22.91
CA ILE C 236 -2.03 -55.51 23.34
C ILE C 236 -2.22 -56.51 24.48
N LEU C 237 -3.05 -56.15 25.47
CA LEU C 237 -3.39 -57.07 26.54
C LEU C 237 -3.99 -58.37 25.98
N ASP C 238 -4.90 -58.24 25.01
CA ASP C 238 -5.50 -59.41 24.36
C ASP C 238 -4.41 -60.29 23.76
N LEU C 239 -3.49 -59.66 23.06
CA LEU C 239 -2.48 -60.38 22.28
C LEU C 239 -1.47 -61.11 23.15
N ALA C 241 -1.77 -63.12 25.51
CA ALA C 241 -2.10 -64.51 25.74
C ALA C 241 -1.49 -65.42 24.67
N ARG C 242 -1.17 -64.84 23.51
CA ARG C 242 -0.61 -65.64 22.42
C ARG C 242 0.65 -65.01 21.81
N ALA C 243 1.35 -64.21 22.59
CA ALA C 243 2.63 -63.66 22.13
C ALA C 243 3.67 -63.91 23.19
N THR C 244 4.92 -63.54 22.91
CA THR C 244 5.97 -63.77 23.88
C THR C 244 6.86 -62.56 24.15
N VAL C 245 6.89 -61.59 23.23
CA VAL C 245 7.75 -60.42 23.43
C VAL C 245 7.02 -59.12 23.14
N LEU C 246 7.28 -58.10 23.97
CA LEU C 246 6.82 -56.74 23.69
C LEU C 246 8.02 -55.79 23.74
N GLY C 248 8.62 -51.75 23.61
CA GLY C 248 7.88 -50.51 23.65
C GLY C 248 8.69 -49.35 24.18
N VAL C 249 7.99 -48.27 24.52
CA VAL C 249 8.60 -47.09 25.11
C VAL C 249 7.91 -46.90 26.45
N PRO C 250 8.45 -46.03 27.33
CA PRO C 250 7.90 -45.97 28.68
C PRO C 250 6.39 -45.77 28.74
N THR C 251 5.82 -44.96 27.84
CA THR C 251 4.37 -44.75 27.87
C THR C 251 3.55 -46.01 27.59
N PHE C 252 4.13 -46.98 26.88
CA PHE C 252 3.44 -48.26 26.70
C PHE C 252 3.17 -48.86 28.07
N TYR C 253 4.21 -48.86 28.91
CA TYR C 253 4.15 -49.49 30.22
C TYR C 253 3.32 -48.70 31.22
N THR C 254 3.49 -47.38 31.25
CA THR C 254 2.67 -46.58 32.15
C THR C 254 1.18 -46.67 31.79
N ARG C 255 0.87 -46.70 30.50
CA ARG C 255 -0.52 -46.84 30.06
C ARG C 255 -1.09 -48.21 30.39
N LEU C 256 -0.31 -49.27 30.18
CA LEU C 256 -0.79 -50.61 30.51
C LEU C 256 -1.04 -50.78 32.00
N LEU C 257 -0.21 -50.15 32.83
CA LEU C 257 -0.37 -50.24 34.28
C LEU C 257 -1.69 -49.63 34.75
N GLN C 258 -2.31 -48.81 33.90
CA GLN C 258 -3.61 -48.21 34.23
C GLN C 258 -4.77 -49.20 34.08
N SER C 259 -4.50 -50.34 33.45
CA SER C 259 -5.55 -51.33 33.22
C SER C 259 -5.67 -52.37 34.33
N PRO C 260 -6.89 -52.56 34.87
CA PRO C 260 -7.11 -53.58 35.89
C PRO C 260 -6.92 -54.98 35.30
N ARG C 261 -6.89 -55.07 33.98
CA ARG C 261 -6.67 -56.36 33.31
C ARG C 261 -5.22 -56.82 33.45
N LEU C 262 -4.31 -55.87 33.65
CA LEU C 262 -2.89 -56.19 33.73
C LEU C 262 -2.57 -56.96 35.00
N THR C 263 -2.40 -58.27 34.86
CA THR C 263 -2.15 -59.14 36.01
C THR C 263 -1.07 -60.16 35.69
N LYS C 264 -0.64 -60.91 36.70
CA LYS C 264 0.31 -61.99 36.48
C LYS C 264 -0.28 -63.07 35.58
N GLU C 265 -1.60 -63.27 35.66
CA GLU C 265 -2.23 -64.25 34.79
C GLU C 265 -2.31 -63.75 33.36
N THR C 266 -2.65 -62.48 33.21
CA THR C 266 -2.75 -61.87 31.88
C THR C 266 -1.41 -61.84 31.15
N THR C 267 -0.31 -61.77 31.89
CA THR C 267 1.03 -61.69 31.28
C THR C 267 1.80 -63.00 31.40
N GLY C 268 1.10 -64.08 31.74
CA GLY C 268 1.75 -65.34 32.03
C GLY C 268 2.43 -66.00 30.85
N HIS C 269 1.91 -65.75 29.66
CA HIS C 269 2.44 -66.37 28.45
C HIS C 269 3.66 -65.61 27.94
N ARG C 271 7.33 -63.78 27.61
CA ARG C 271 8.71 -64.13 27.95
C ARG C 271 9.55 -62.90 28.25
N LEU C 272 9.35 -61.84 27.48
CA LEU C 272 10.27 -60.72 27.52
C LEU C 272 9.63 -59.36 27.27
N PHE C 273 9.95 -58.40 28.12
CA PHE C 273 9.54 -57.00 27.92
C PHE C 273 10.77 -56.11 27.79
N ILE C 274 10.76 -55.23 26.80
CA ILE C 274 11.85 -54.29 26.58
C ILE C 274 11.28 -52.89 26.40
N SER C 275 11.99 -51.91 26.92
CA SER C 275 11.60 -50.51 26.76
C SER C 275 12.78 -49.70 26.24
N GLY C 276 12.50 -48.77 25.33
CA GLY C 276 13.54 -47.91 24.79
C GLY C 276 13.09 -46.49 24.55
N SER C 277 13.97 -45.69 23.94
CA SER C 277 13.67 -44.33 23.49
C SER C 277 13.76 -43.25 24.56
N ALA C 278 13.32 -43.59 25.77
CA ALA C 278 13.42 -42.70 26.91
C ALA C 278 13.49 -43.57 28.14
N PRO C 279 14.05 -43.05 29.23
CA PRO C 279 14.20 -43.91 30.42
C PRO C 279 12.86 -44.20 31.09
N LEU C 280 12.70 -45.43 31.58
CA LEU C 280 11.60 -45.79 32.47
C LEU C 280 11.90 -45.24 33.86
N LEU C 281 10.87 -44.76 34.55
CA LEU C 281 11.02 -44.43 35.95
C LEU C 281 11.25 -45.70 36.77
N ALA C 282 12.02 -45.58 37.85
CA ALA C 282 12.18 -46.70 38.77
C ALA C 282 10.82 -47.17 39.26
N ASP C 283 9.93 -46.20 39.55
CA ASP C 283 8.60 -46.53 40.02
C ASP C 283 7.88 -47.45 39.04
N THR C 284 8.09 -47.22 37.75
CA THR C 284 7.43 -48.03 36.72
C THR C 284 7.99 -49.45 36.71
N HIS C 285 9.31 -49.58 36.83
CA HIS C 285 9.95 -50.87 37.00
C HIS C 285 9.34 -51.61 38.20
N ARG C 286 9.20 -50.90 39.32
CA ARG C 286 8.67 -51.53 40.52
C ARG C 286 7.25 -52.01 40.32
N GLU C 287 6.41 -51.12 39.76
CA GLU C 287 5.00 -51.45 39.60
C GLU C 287 4.80 -52.56 38.59
N TRP C 288 5.59 -52.54 37.51
CA TRP C 288 5.49 -53.59 36.51
C TRP C 288 5.80 -54.94 37.12
N SER C 289 6.84 -55.01 37.95
CA SER C 289 7.20 -56.24 38.62
CA SER C 289 7.20 -56.25 38.61
C SER C 289 6.10 -56.69 39.56
N ALA C 290 5.54 -55.73 40.31
CA ALA C 290 4.47 -56.03 41.25
C ALA C 290 3.21 -56.61 40.58
N LYS C 291 2.82 -56.02 39.45
CA LYS C 291 1.58 -56.40 38.78
C LYS C 291 1.69 -57.61 37.84
N THR C 292 2.89 -57.84 37.30
CA THR C 292 3.07 -58.89 36.27
C THR C 292 4.10 -59.97 36.64
N GLY C 293 4.97 -59.67 37.60
CA GLY C 293 6.06 -60.55 37.97
C GLY C 293 7.22 -60.52 36.99
N HIS C 294 7.17 -59.60 36.03
CA HIS C 294 8.19 -59.49 35.00
C HIS C 294 9.12 -58.28 35.18
N ALA C 295 10.34 -58.42 34.73
CA ALA C 295 11.23 -57.28 34.57
C ALA C 295 10.99 -56.65 33.20
N VAL C 296 11.46 -55.43 33.03
CA VAL C 296 11.47 -54.78 31.73
C VAL C 296 12.92 -54.42 31.45
N LEU C 297 13.48 -54.93 30.36
CA LEU C 297 14.86 -54.62 30.06
C LEU C 297 14.96 -53.24 29.42
N GLU C 298 16.01 -52.50 29.76
CA GLU C 298 16.31 -51.26 29.06
C GLU C 298 17.65 -51.40 28.34
N ARG C 299 17.94 -50.48 27.42
CA ARG C 299 19.14 -50.62 26.59
C ARG C 299 19.51 -49.30 25.93
N TYR C 300 20.81 -49.03 25.86
CA TYR C 300 21.31 -47.77 25.31
C TYR C 300 21.44 -47.91 23.81
N GLY C 301 20.79 -47.04 23.07
CA GLY C 301 20.94 -47.05 21.62
C GLY C 301 20.70 -45.69 21.02
N THR C 303 20.44 -43.73 16.70
CA THR C 303 20.41 -44.01 15.27
C THR C 303 21.82 -44.30 14.76
N GLU C 304 22.79 -43.53 15.23
CA GLU C 304 24.17 -43.62 14.76
C GLU C 304 24.87 -44.90 15.18
N THR C 305 24.39 -45.55 16.24
CA THR C 305 25.12 -46.69 16.78
C THR C 305 24.29 -47.97 16.90
N ASN C 306 23.02 -47.93 16.49
CA ASN C 306 22.14 -49.03 16.83
C ASN C 306 22.23 -49.29 18.33
N ASN C 308 23.91 -50.32 21.85
CA ASN C 308 25.24 -50.43 22.43
C ASN C 308 25.33 -51.31 23.68
N THR C 309 24.26 -51.30 24.47
CA THR C 309 24.22 -52.04 25.74
C THR C 309 22.86 -52.70 25.88
N SER C 310 22.70 -53.54 26.92
CA SER C 310 21.38 -53.92 27.36
C SER C 310 21.47 -54.45 28.79
N ASN C 311 20.45 -54.17 29.60
CA ASN C 311 20.32 -54.91 30.85
C ASN C 311 20.41 -56.40 30.53
N PRO C 312 21.07 -57.18 31.39
CA PRO C 312 21.19 -58.61 31.08
C PRO C 312 19.86 -59.34 31.21
N TYR C 313 19.66 -60.34 30.37
CA TYR C 313 18.44 -61.13 30.41
C TYR C 313 18.45 -61.91 31.70
N ASP C 314 17.35 -61.86 32.45
CA ASP C 314 17.30 -62.60 33.72
C ASP C 314 18.45 -62.26 34.67
N GLY C 315 18.94 -61.02 34.60
CA GLY C 315 20.03 -60.59 35.46
C GLY C 315 19.65 -59.37 36.29
N ASP C 316 20.65 -58.74 36.92
CA ASP C 316 20.41 -57.59 37.78
C ASP C 316 20.14 -56.31 37.00
N ARG C 317 19.18 -55.53 37.47
CA ARG C 317 18.97 -54.17 37.00
C ARG C 317 19.65 -53.22 37.97
N VAL C 318 20.44 -52.29 37.45
CA VAL C 318 21.11 -51.28 38.27
C VAL C 318 20.40 -49.95 38.11
N PRO C 319 20.03 -49.32 39.23
CA PRO C 319 19.33 -48.02 39.14
C PRO C 319 20.12 -46.99 38.33
N GLY C 320 19.44 -46.35 37.39
CA GLY C 320 20.04 -45.29 36.61
C GLY C 320 20.95 -45.79 35.50
N ALA C 321 21.04 -47.10 35.34
CA ALA C 321 21.92 -47.69 34.32
C ALA C 321 21.12 -48.44 33.26
N VAL C 322 21.74 -48.67 32.10
CA VAL C 322 21.08 -49.41 31.03
C VAL C 322 21.92 -50.60 30.56
N GLY C 323 22.72 -51.13 31.49
CA GLY C 323 23.39 -52.40 31.26
C GLY C 323 24.79 -52.24 30.69
N PRO C 324 25.52 -53.35 30.64
CA PRO C 324 26.90 -53.35 30.12
C PRO C 324 26.88 -53.36 28.60
N ALA C 325 28.04 -53.07 28.01
CA ALA C 325 28.19 -53.15 26.55
C ALA C 325 27.84 -54.53 26.01
N LEU C 326 27.16 -54.53 24.86
CA LEU C 326 26.84 -55.76 24.14
C LEU C 326 28.09 -56.41 23.56
N PRO C 327 28.05 -57.73 23.36
CA PRO C 327 29.14 -58.41 22.67
C PRO C 327 29.53 -57.69 21.37
N GLY C 328 30.81 -57.49 21.16
CA GLY C 328 31.29 -56.85 19.94
C GLY C 328 31.39 -55.33 20.04
N VAL C 329 30.75 -54.76 21.06
CA VAL C 329 30.68 -53.30 21.19
C VAL C 329 31.59 -52.81 22.30
N SER C 330 32.37 -51.76 22.02
CA SER C 330 33.20 -51.12 23.05
C SER C 330 32.58 -49.80 23.47
N ALA C 331 32.43 -49.61 24.78
CA ALA C 331 31.97 -48.33 25.32
C ALA C 331 33.00 -47.84 26.30
N ARG C 332 33.34 -46.56 26.23
CA ARG C 332 34.30 -46.02 27.18
C ARG C 332 33.89 -44.61 27.59
N VAL C 333 34.52 -44.12 28.64
CA VAL C 333 34.26 -42.78 29.15
C VAL C 333 35.54 -41.97 29.11
N THR C 334 35.48 -40.76 28.55
CA THR C 334 36.68 -39.96 28.40
C THR C 334 36.53 -38.57 29.02
N ASP C 335 37.67 -37.97 29.38
CA ASP C 335 37.65 -36.63 29.93
C ASP C 335 37.24 -35.66 28.83
N PRO C 336 36.18 -34.89 29.08
CA PRO C 336 35.65 -33.98 28.05
C PRO C 336 36.71 -33.00 27.54
N GLU C 337 37.69 -32.68 28.38
CA GLU C 337 38.71 -31.70 28.02
C GLU C 337 39.96 -32.33 27.41
N THR C 338 40.51 -33.35 28.06
CA THR C 338 41.77 -33.95 27.62
C THR C 338 41.59 -35.11 26.64
N GLY C 339 40.41 -35.72 26.63
CA GLY C 339 40.13 -36.84 25.75
C GLY C 339 40.65 -38.16 26.29
N LYS C 340 41.37 -38.11 27.41
CA LYS C 340 41.93 -39.33 28.01
C LYS C 340 40.82 -40.19 28.61
N GLU C 341 40.98 -41.50 28.52
CA GLU C 341 40.01 -42.41 29.11
C GLU C 341 40.03 -42.29 30.63
N LEU C 342 38.85 -42.33 31.24
CA LEU C 342 38.69 -42.20 32.68
C LEU C 342 38.47 -43.58 33.32
N PRO C 343 38.85 -43.73 34.59
CA PRO C 343 38.59 -44.99 35.31
C PRO C 343 37.10 -45.21 35.53
N ARG C 344 36.69 -46.46 35.65
CA ARG C 344 35.29 -46.79 35.92
C ARG C 344 34.81 -45.99 37.14
N GLY C 345 33.59 -45.46 37.05
CA GLY C 345 33.01 -44.67 38.12
C GLY C 345 33.12 -43.17 37.92
N ASP C 346 34.10 -42.73 37.13
CA ASP C 346 34.24 -41.30 36.83
C ASP C 346 33.29 -40.86 35.71
N ILE C 347 32.74 -39.66 35.86
CA ILE C 347 31.83 -39.13 34.86
C ILE C 347 32.55 -38.39 33.73
N GLY C 348 32.18 -38.70 32.49
CA GLY C 348 32.75 -38.03 31.33
C GLY C 348 31.98 -38.29 30.06
N ILE C 350 30.75 -40.25 26.89
CA ILE C 350 30.59 -41.63 26.43
C ILE C 350 30.95 -41.74 24.96
N GLU C 351 31.85 -42.68 24.66
CA GLU C 351 32.26 -42.93 23.29
C GLU C 351 32.11 -44.40 23.00
N VAL C 352 31.77 -44.75 21.77
CA VAL C 352 31.48 -46.14 21.37
CA VAL C 352 31.59 -46.16 21.43
C VAL C 352 32.28 -46.53 20.13
N LYS C 353 32.66 -47.79 20.03
CA LYS C 353 33.25 -48.28 18.79
C LYS C 353 32.85 -49.73 18.58
N GLY C 354 32.58 -50.11 17.35
CA GLY C 354 32.24 -51.49 17.07
C GLY C 354 31.51 -51.62 15.74
N PRO C 355 31.15 -52.85 15.38
CA PRO C 355 30.56 -53.05 14.05
C PRO C 355 29.17 -52.45 13.93
N ASN C 356 28.62 -52.01 15.06
CA ASN C 356 27.30 -51.38 15.12
C ASN C 356 27.37 -49.90 14.74
N VAL C 357 28.54 -49.30 14.83
CA VAL C 357 28.70 -47.85 14.63
C VAL C 357 28.62 -47.46 13.15
N PHE C 358 27.76 -46.49 12.87
CA PHE C 358 27.51 -45.98 11.52
C PHE C 358 28.73 -45.49 10.76
N LYS C 359 28.53 -45.22 9.48
CA LYS C 359 29.64 -44.93 8.58
C LYS C 359 29.90 -43.44 8.39
N GLY C 360 29.05 -42.61 8.98
CA GLY C 360 29.22 -41.16 8.89
C GLY C 360 27.94 -40.51 8.46
N TYR C 361 27.95 -39.18 8.37
CA TYR C 361 26.77 -38.44 7.93
C TYR C 361 26.82 -38.21 6.42
N TRP C 362 25.67 -38.43 5.78
CA TRP C 362 25.54 -38.38 4.33
C TRP C 362 26.03 -37.07 3.74
N ARG C 363 27.06 -37.16 2.90
CA ARG C 363 27.65 -36.00 2.20
C ARG C 363 28.08 -34.88 3.14
N PRO C 365 31.37 -35.07 5.05
CA PRO C 365 32.61 -35.70 5.50
C PRO C 365 33.31 -34.90 6.60
N GLU C 366 33.20 -33.58 6.57
CA GLU C 366 33.84 -32.75 7.58
C GLU C 366 33.14 -32.84 8.94
N LYS C 367 31.81 -32.81 8.93
CA LYS C 367 31.04 -32.95 10.15
C LYS C 367 31.31 -34.33 10.72
N THR C 368 31.34 -35.33 9.85
CA THR C 368 31.64 -36.69 10.26
C THR C 368 32.97 -36.74 11.05
N LYS C 369 34.00 -36.14 10.48
CA LYS C 369 35.31 -36.13 11.14
C LYS C 369 35.26 -35.57 12.56
N SER C 370 34.47 -34.51 12.75
CA SER C 370 34.42 -33.83 14.04
C SER C 370 33.79 -34.68 15.15
N GLU C 371 33.04 -35.70 14.78
CA GLU C 371 32.35 -36.50 15.79
CA GLU C 371 32.35 -36.52 15.78
C GLU C 371 33.03 -37.86 16.03
N PHE C 372 34.21 -38.04 15.46
CA PHE C 372 34.98 -39.26 15.70
C PHE C 372 36.34 -38.90 16.28
N ARG C 373 36.76 -39.64 17.30
CA ARG C 373 38.11 -39.50 17.85
C ARG C 373 39.11 -39.99 16.81
N ASP C 374 40.35 -39.54 16.94
CA ASP C 374 41.41 -39.99 16.04
C ASP C 374 41.50 -41.50 15.99
N ASP C 375 41.19 -42.17 17.10
CA ASP C 375 41.28 -43.64 17.13
C ASP C 375 39.99 -44.35 16.71
N GLY C 376 39.07 -43.59 16.15
CA GLY C 376 37.89 -44.18 15.53
C GLY C 376 36.70 -44.39 16.43
N PHE C 377 36.81 -44.07 17.72
CA PHE C 377 35.63 -44.11 18.59
C PHE C 377 34.69 -42.96 18.23
N PHE C 378 33.39 -43.24 18.21
CA PHE C 378 32.36 -42.24 17.97
C PHE C 378 32.01 -41.47 19.26
N ILE C 379 31.98 -40.14 19.17
CA ILE C 379 31.64 -39.30 20.31
C ILE C 379 30.12 -39.18 20.36
N THR C 380 29.48 -39.77 21.37
CA THR C 380 28.02 -39.85 21.36
C THR C 380 27.35 -38.54 21.71
N GLY C 381 28.06 -37.69 22.44
CA GLY C 381 27.45 -36.47 22.94
C GLY C 381 26.80 -36.68 24.30
N ASP C 382 26.69 -37.93 24.73
CA ASP C 382 26.11 -38.26 26.04
C ASP C 382 27.18 -38.28 27.11
N LEU C 383 26.90 -37.65 28.25
CA LEU C 383 27.78 -37.76 29.39
C LEU C 383 27.31 -38.92 30.26
N GLY C 384 28.22 -39.53 30.99
CA GLY C 384 27.81 -40.65 31.81
C GLY C 384 28.99 -41.27 32.50
N LYS C 385 28.77 -42.45 33.06
CA LYS C 385 29.84 -43.20 33.70
C LYS C 385 29.59 -44.69 33.51
N ILE C 386 30.65 -45.48 33.66
CA ILE C 386 30.55 -46.92 33.62
C ILE C 386 30.94 -47.42 34.99
N ASP C 387 30.04 -48.14 35.66
CA ASP C 387 30.28 -48.52 37.05
C ASP C 387 31.18 -49.76 37.17
N GLU C 388 31.47 -50.16 38.40
CA GLU C 388 32.39 -51.27 38.63
C GLU C 388 31.87 -52.61 38.11
N ARG C 389 30.58 -52.68 37.81
CA ARG C 389 29.99 -53.89 37.21
C ARG C 389 29.93 -53.78 35.68
N GLY C 390 30.40 -52.66 35.16
CA GLY C 390 30.43 -52.44 33.72
C GLY C 390 29.13 -51.89 33.16
N TYR C 391 28.17 -51.59 34.03
CA TYR C 391 26.91 -51.02 33.55
C TYR C 391 27.10 -49.55 33.20
N VAL C 392 26.47 -49.15 32.09
CA VAL C 392 26.54 -47.78 31.59
C VAL C 392 25.41 -46.94 32.19
N HIS C 393 25.78 -45.81 32.79
CA HIS C 393 24.81 -44.83 33.29
C HIS C 393 24.82 -43.59 32.41
N ILE C 394 23.69 -43.30 31.77
CA ILE C 394 23.59 -42.11 30.93
C ILE C 394 23.14 -40.93 31.78
N LEU C 395 23.95 -39.87 31.81
CA LEU C 395 23.70 -38.76 32.74
C LEU C 395 23.31 -37.46 32.05
N GLY C 396 22.90 -37.56 30.79
CA GLY C 396 22.44 -36.38 30.05
C GLY C 396 23.46 -35.87 29.06
N ARG C 397 23.22 -34.69 28.52
CA ARG C 397 24.12 -34.11 27.53
C ARG C 397 24.77 -32.79 27.99
N GLY C 398 24.71 -32.58 29.30
CA GLY C 398 25.53 -31.58 29.94
C GLY C 398 24.91 -30.20 30.09
N LYS C 399 23.73 -30.00 29.51
CA LYS C 399 23.14 -28.66 29.55
C LYS C 399 22.50 -28.36 30.92
N ASP C 400 22.34 -29.39 31.74
CA ASP C 400 21.63 -29.27 33.01
C ASP C 400 22.58 -29.19 34.21
N LEU C 401 23.86 -28.92 33.94
CA LEU C 401 24.89 -28.96 34.99
C LEU C 401 24.57 -28.05 36.17
N VAL C 402 24.80 -28.56 37.38
CA VAL C 402 24.71 -27.75 38.59
C VAL C 402 26.11 -27.62 39.13
N ILE C 403 26.49 -26.43 39.60
CA ILE C 403 27.85 -26.24 40.10
C ILE C 403 27.82 -25.75 41.54
N THR C 404 28.24 -26.62 42.45
CA THR C 404 28.11 -26.30 43.87
C THR C 404 29.49 -26.38 44.52
N GLY C 405 29.88 -25.31 45.21
CA GLY C 405 31.22 -25.23 45.78
C GLY C 405 32.30 -25.41 44.72
N GLY C 406 32.00 -25.03 43.49
CA GLY C 406 32.95 -25.12 42.40
C GLY C 406 33.00 -26.46 41.72
N PHE C 407 32.19 -27.41 42.20
CA PHE C 407 32.22 -28.77 41.67
C PHE C 407 31.01 -29.07 40.79
N ASN C 408 31.26 -29.74 39.67
CA ASN C 408 30.18 -30.11 38.74
C ASN C 408 29.30 -31.20 39.34
N VAL C 409 27.99 -31.00 39.25
CA VAL C 409 27.01 -31.99 39.67
C VAL C 409 26.06 -32.28 38.51
N TYR C 410 25.82 -33.57 38.26
CA TYR C 410 24.92 -33.98 37.19
C TYR C 410 23.61 -34.48 37.81
N PRO C 411 22.54 -33.71 37.66
CA PRO C 411 21.28 -34.03 38.36
C PRO C 411 20.81 -35.47 38.18
N LYS C 412 20.98 -36.06 37.00
CA LYS C 412 20.48 -37.43 36.79
C LYS C 412 21.13 -38.44 37.72
N GLU C 413 22.37 -38.18 38.14
CA GLU C 413 23.03 -39.11 39.04
C GLU C 413 22.33 -39.17 40.40
N ILE C 414 21.86 -38.02 40.86
CA ILE C 414 21.14 -37.93 42.13
C ILE C 414 19.69 -38.38 41.99
N GLU C 415 19.05 -37.96 40.91
CA GLU C 415 17.67 -38.37 40.67
C GLU C 415 17.50 -39.87 40.68
N SER C 416 18.44 -40.60 40.07
CA SER C 416 18.29 -42.05 40.01
C SER C 416 18.25 -42.66 41.41
N GLU C 417 19.03 -42.10 42.32
CA GLU C 417 19.06 -42.60 43.70
C GLU C 417 17.79 -42.28 44.49
N ILE C 418 17.25 -41.08 44.29
CA ILE C 418 15.98 -40.73 44.93
C ILE C 418 14.83 -41.55 44.35
N ASP C 419 14.79 -41.69 43.03
CA ASP C 419 13.70 -42.40 42.34
C ASP C 419 13.62 -43.84 42.77
N ALA C 420 14.77 -44.41 43.14
CA ALA C 420 14.85 -45.81 43.53
C ALA C 420 14.19 -46.09 44.88
N PRO C 422 11.26 -46.60 47.40
CA PRO C 422 9.81 -46.85 47.40
C PRO C 422 9.04 -45.65 47.92
N GLY C 423 7.97 -45.29 47.21
CA GLY C 423 7.17 -44.13 47.55
C GLY C 423 7.50 -42.90 46.71
N VAL C 424 8.62 -42.95 45.99
CA VAL C 424 8.98 -41.87 45.07
C VAL C 424 8.59 -42.20 43.63
N VAL C 425 7.76 -41.37 43.04
CA VAL C 425 7.45 -41.51 41.61
C VAL C 425 8.52 -40.90 40.71
N GLU C 426 8.83 -39.61 40.91
CA GLU C 426 9.87 -38.98 40.12
C GLU C 426 10.50 -37.82 40.86
N SER C 427 11.81 -37.65 40.70
CA SER C 427 12.47 -36.47 41.25
C SER C 427 13.07 -35.58 40.16
N ALA C 428 13.19 -34.30 40.49
CA ALA C 428 13.90 -33.34 39.64
C ALA C 428 14.87 -32.57 40.52
N VAL C 429 16.15 -32.72 40.24
CA VAL C 429 17.18 -32.07 41.01
C VAL C 429 17.67 -30.83 40.28
N ILE C 430 17.67 -29.70 40.98
CA ILE C 430 18.02 -28.42 40.39
C ILE C 430 19.04 -27.71 41.26
N GLY C 431 19.65 -26.68 40.69
CA GLY C 431 20.54 -25.80 41.44
C GLY C 431 19.95 -24.41 41.56
N VAL C 432 19.66 -24.00 42.79
CA VAL C 432 19.19 -22.65 43.03
C VAL C 432 20.25 -21.81 43.73
N PRO C 433 20.30 -20.51 43.40
CA PRO C 433 21.32 -19.61 43.94
C PRO C 433 21.40 -19.72 45.46
N HIS C 434 22.63 -19.87 45.96
CA HIS C 434 22.87 -20.06 47.39
C HIS C 434 24.17 -19.39 47.77
N ALA C 435 24.10 -18.39 48.64
CA ALA C 435 25.27 -17.59 48.99
C ALA C 435 26.45 -18.44 49.46
N ASP C 436 26.16 -19.57 50.09
CA ASP C 436 27.19 -20.41 50.66
C ASP C 436 27.75 -21.45 49.69
N PHE C 437 26.98 -21.80 48.67
CA PHE C 437 27.33 -22.93 47.82
C PHE C 437 27.44 -22.60 46.33
N GLY C 438 27.09 -21.37 45.98
CA GLY C 438 27.01 -20.98 44.57
C GLY C 438 25.65 -21.39 44.06
N GLU C 439 25.47 -22.68 43.83
CA GLU C 439 24.14 -23.23 43.62
C GLU C 439 23.90 -24.30 44.69
N GLY C 440 22.73 -24.27 45.31
CA GLY C 440 22.35 -25.27 46.29
C GLY C 440 21.58 -26.41 45.63
N VAL C 441 22.11 -27.61 45.73
CA VAL C 441 21.47 -28.80 45.16
C VAL C 441 20.12 -28.99 45.85
N THR C 442 19.05 -29.10 45.07
CA THR C 442 17.70 -29.05 45.59
C THR C 442 16.85 -30.10 44.90
N ALA C 443 16.21 -30.96 45.68
CA ALA C 443 15.43 -32.04 45.06
C ALA C 443 13.95 -31.71 45.14
N VAL C 444 13.29 -31.71 43.98
CA VAL C 444 11.85 -31.53 43.94
C VAL C 444 11.26 -32.87 43.58
N VAL C 445 10.41 -33.39 44.46
CA VAL C 445 10.02 -34.79 44.40
C VAL C 445 8.51 -35.03 44.37
N VAL C 446 8.09 -35.85 43.42
CA VAL C 446 6.72 -36.31 43.38
C VAL C 446 6.65 -37.69 44.03
N ARG C 447 5.90 -37.78 45.12
CA ARG C 447 5.66 -39.04 45.79
C ARG C 447 4.40 -39.71 45.28
N ASP C 448 4.28 -41.01 45.54
CA ASP C 448 2.96 -41.63 45.60
C ASP C 448 2.05 -40.70 46.41
N LYS C 449 0.82 -40.47 45.96
CA LYS C 449 -0.09 -39.55 46.66
C LYS C 449 -0.37 -39.97 48.11
N GLY C 450 -0.27 -41.26 48.37
CA GLY C 450 -0.52 -41.79 49.70
C GLY C 450 0.73 -41.99 50.54
N ALA C 451 1.90 -41.80 49.93
CA ALA C 451 3.16 -42.05 50.64
C ALA C 451 3.48 -40.94 51.62
N THR C 452 4.16 -41.28 52.70
CA THR C 452 4.53 -40.27 53.68
C THR C 452 6.04 -40.03 53.78
N ILE C 453 6.81 -40.63 52.88
CA ILE C 453 8.26 -40.42 52.89
C ILE C 453 8.55 -38.91 52.95
N ASP C 454 9.43 -38.52 53.86
CA ASP C 454 9.70 -37.09 54.06
C ASP C 454 11.15 -36.72 53.78
N GLU C 455 11.46 -35.44 53.96
CA GLU C 455 12.77 -34.91 53.61
C GLU C 455 13.89 -35.68 54.32
N ALA C 456 13.77 -35.83 55.64
CA ALA C 456 14.75 -36.61 56.40
C ALA C 456 15.01 -38.00 55.89
N GLN C 457 13.94 -38.71 55.53
CA GLN C 457 14.07 -40.07 55.01
C GLN C 457 14.84 -40.09 53.69
N VAL C 458 14.52 -39.15 52.81
CA VAL C 458 15.21 -39.07 51.54
C VAL C 458 16.70 -38.81 51.73
N LEU C 459 17.04 -37.84 52.57
CA LEU C 459 18.44 -37.52 52.82
C LEU C 459 19.17 -38.71 53.47
N HIS C 460 18.51 -39.36 54.43
CA HIS C 460 19.09 -40.54 55.04
C HIS C 460 19.34 -41.64 54.01
N GLY C 461 18.40 -41.81 53.08
CA GLY C 461 18.54 -42.82 52.06
C GLY C 461 19.72 -42.56 51.15
N LEU C 462 20.02 -41.29 50.89
CA LEU C 462 21.12 -40.93 50.00
C LEU C 462 22.50 -41.03 50.66
N ASP C 463 22.55 -41.03 51.98
CA ASP C 463 23.82 -41.16 52.69
C ASP C 463 24.66 -42.34 52.19
N GLY C 464 25.90 -42.05 51.81
CA GLY C 464 26.82 -43.09 51.37
C GLY C 464 26.68 -43.45 49.90
N GLN C 465 25.65 -42.91 49.26
CA GLN C 465 25.38 -43.21 47.86
C GLN C 465 26.10 -42.26 46.92
N LEU C 466 26.30 -41.02 47.39
CA LEU C 466 26.90 -39.97 46.60
C LEU C 466 27.92 -39.21 47.43
N ALA C 467 28.93 -38.65 46.78
CA ALA C 467 29.83 -37.73 47.47
C ALA C 467 29.00 -36.71 48.24
N LYS C 468 29.53 -36.26 49.37
CA LYS C 468 28.80 -35.31 50.20
C LYS C 468 28.45 -34.01 49.48
N PHE C 469 29.30 -33.57 48.54
CA PHE C 469 29.00 -32.33 47.83
C PHE C 469 27.78 -32.47 46.91
N LYS C 470 27.40 -33.71 46.60
CA LYS C 470 26.24 -33.95 45.75
C LYS C 470 24.91 -34.00 46.52
N PRO C 472 21.52 -33.17 48.25
CA PRO C 472 20.53 -32.08 48.27
C PRO C 472 20.48 -31.39 49.64
N LYS C 473 20.35 -30.06 49.63
CA LYS C 473 20.24 -29.29 50.86
C LYS C 473 18.80 -29.27 51.37
N LYS C 474 17.87 -29.43 50.44
CA LYS C 474 16.44 -29.45 50.74
C LYS C 474 15.73 -30.40 49.80
N VAL C 475 14.68 -31.03 50.30
CA VAL C 475 13.80 -31.87 49.50
C VAL C 475 12.38 -31.33 49.63
N ILE C 476 11.81 -30.95 48.50
CA ILE C 476 10.48 -30.37 48.45
C ILE C 476 9.54 -31.30 47.70
N PHE C 477 8.37 -31.56 48.28
CA PHE C 477 7.40 -32.45 47.65
C PHE C 477 6.28 -31.69 46.94
N VAL C 478 5.97 -32.16 45.74
CA VAL C 478 4.94 -31.56 44.90
C VAL C 478 4.07 -32.66 44.30
N ASP C 479 2.87 -32.31 43.85
CA ASP C 479 1.98 -33.29 43.25
C ASP C 479 2.35 -33.57 41.80
N ASP C 480 2.96 -32.59 41.15
CA ASP C 480 3.40 -32.79 39.78
C ASP C 480 4.54 -31.85 39.42
N LEU C 481 5.27 -32.22 38.38
CA LEU C 481 6.36 -31.38 37.87
C LEU C 481 5.88 -30.63 36.63
N PRO C 482 6.39 -29.41 36.44
CA PRO C 482 6.05 -28.64 35.24
C PRO C 482 6.70 -29.27 34.03
N ARG C 483 5.92 -29.45 32.95
CA ARG C 483 6.44 -30.08 31.75
C ARG C 483 6.08 -29.28 30.53
N ASN C 484 6.90 -29.38 29.49
CA ASN C 484 6.50 -28.83 28.20
C ASN C 484 5.62 -29.85 27.48
N THR C 485 5.17 -29.51 26.28
CA THR C 485 4.26 -30.40 25.56
C THR C 485 4.89 -31.75 25.20
N GLY C 487 6.73 -33.34 27.15
CA GLY C 487 6.77 -34.11 28.39
C GLY C 487 8.05 -33.92 29.19
N LYS C 488 8.95 -33.07 28.71
CA LYS C 488 10.19 -32.80 29.43
C LYS C 488 9.96 -31.89 30.65
N VAL C 489 10.46 -32.30 31.81
CA VAL C 489 10.42 -31.42 32.99
C VAL C 489 11.15 -30.11 32.74
N GLN C 490 10.48 -29.01 33.05
CA GLN C 490 11.01 -27.67 32.84
CA GLN C 490 11.00 -27.66 32.85
C GLN C 490 11.73 -27.17 34.09
N LYS C 491 13.03 -27.39 34.14
CA LYS C 491 13.80 -27.03 35.33
C LYS C 491 13.97 -25.53 35.49
N ASN C 492 13.85 -24.77 34.40
CA ASN C 492 13.87 -23.33 34.50
C ASN C 492 12.68 -22.83 35.31
N VAL C 493 11.51 -23.45 35.09
CA VAL C 493 10.33 -23.11 35.86
C VAL C 493 10.53 -23.44 37.34
N LEU C 494 11.08 -24.62 37.62
CA LEU C 494 11.37 -24.99 38.99
C LEU C 494 12.37 -24.04 39.63
N ARG C 495 13.41 -23.66 38.90
CA ARG C 495 14.38 -22.73 39.48
C ARG C 495 13.73 -21.38 39.84
N GLU C 496 12.77 -20.95 39.03
CA GLU C 496 12.06 -19.70 39.29
C GLU C 496 11.17 -19.82 40.53
N THR C 497 10.41 -20.92 40.59
CA THR C 497 9.55 -21.18 41.74
C THR C 497 10.33 -21.19 43.04
N TYR C 498 11.51 -21.81 43.03
CA TYR C 498 12.27 -22.03 44.27
C TYR C 498 13.48 -21.12 44.45
N LYS C 499 13.50 -20.00 43.72
CA LYS C 499 14.67 -19.13 43.72
C LYS C 499 15.00 -18.61 45.11
N ASP C 500 13.99 -18.48 45.96
CA ASP C 500 14.18 -17.86 47.28
C ASP C 500 14.07 -18.82 48.45
N ILE C 501 14.29 -20.11 48.23
CA ILE C 501 14.12 -21.07 49.33
C ILE C 501 15.25 -21.04 50.35
N TYR C 502 16.43 -20.57 49.95
CA TYR C 502 17.54 -20.48 50.88
C TYR C 502 17.75 -19.05 51.38
N LYS C 503 16.66 -18.28 51.41
CA LYS C 503 16.70 -16.93 51.95
C LYS C 503 16.04 -16.87 53.33
N ASN D 2 -54.32 19.45 -37.64
CA ASN D 2 -53.13 18.76 -37.16
C ASN D 2 -52.04 19.77 -36.85
N ALA D 3 -51.54 19.74 -35.61
CA ALA D 3 -50.48 20.65 -35.19
C ALA D 3 -49.08 20.13 -35.50
N ASN D 4 -48.98 18.90 -36.03
CA ASN D 4 -47.70 18.39 -36.50
C ASN D 4 -47.05 19.42 -37.42
N LEU D 5 -45.81 19.79 -37.08
CA LEU D 5 -45.05 20.78 -37.84
C LEU D 5 -45.01 20.45 -39.32
N PHE D 6 -44.89 19.17 -39.66
CA PHE D 6 -44.89 18.80 -41.06
C PHE D 6 -46.21 19.17 -41.75
N ALA D 7 -47.32 18.92 -41.05
CA ALA D 7 -48.63 19.32 -41.58
C ALA D 7 -48.78 20.84 -41.64
N ARG D 8 -48.34 21.55 -40.61
CA ARG D 8 -48.40 23.01 -40.64
C ARG D 8 -47.63 23.53 -41.86
N LEU D 9 -46.46 22.96 -42.12
CA LEU D 9 -45.64 23.39 -43.25
C LEU D 9 -46.24 23.05 -44.60
N PHE D 10 -46.77 21.84 -44.75
CA PHE D 10 -47.02 21.33 -46.10
C PHE D 10 -48.48 21.02 -46.43
N ASP D 11 -49.37 21.19 -45.46
CA ASP D 11 -50.78 20.82 -45.65
C ASP D 11 -51.46 21.56 -46.77
N LYS D 12 -51.43 22.88 -46.70
CA LYS D 12 -52.14 23.70 -47.68
C LYS D 12 -51.14 24.49 -48.50
N LEU D 13 -50.85 23.99 -49.69
CA LEU D 13 -49.94 24.68 -50.59
C LEU D 13 -50.69 25.23 -51.79
N ASP D 14 -50.60 26.53 -52.01
CA ASP D 14 -51.24 27.15 -53.16
C ASP D 14 -50.54 26.72 -54.45
N ASP D 15 -49.23 26.51 -54.35
CA ASP D 15 -48.40 26.24 -55.53
C ASP D 15 -47.33 25.20 -55.22
N PRO D 16 -47.72 23.91 -55.22
CA PRO D 16 -46.82 22.82 -54.81
C PRO D 16 -45.65 22.60 -55.75
N HIS D 17 -45.75 23.07 -56.98
CA HIS D 17 -44.67 22.82 -57.92
C HIS D 17 -43.62 23.94 -57.92
N LYS D 18 -43.79 24.93 -57.05
CA LYS D 18 -42.77 25.97 -56.95
C LYS D 18 -41.52 25.42 -56.27
N LEU D 19 -40.38 26.03 -56.56
CA LEU D 19 -39.11 25.64 -55.96
C LEU D 19 -39.12 25.76 -54.43
N ALA D 20 -38.63 24.71 -53.76
CA ALA D 20 -38.36 24.76 -52.32
C ALA D 20 -36.87 24.85 -52.02
N ILE D 21 -36.08 23.98 -52.65
CA ILE D 21 -34.65 23.90 -52.40
C ILE D 21 -33.83 23.75 -53.68
N GLU D 22 -32.81 24.59 -53.83
CA GLU D 22 -31.79 24.37 -54.85
C GLU D 22 -30.55 23.84 -54.13
N THR D 23 -30.04 22.69 -54.54
CA THR D 23 -28.87 22.11 -53.89
C THR D 23 -27.59 22.81 -54.35
N ALA D 24 -26.50 22.56 -53.64
CA ALA D 24 -25.22 23.16 -53.98
C ALA D 24 -24.77 22.77 -55.39
N ALA D 25 -25.26 21.63 -55.88
CA ALA D 25 -24.90 21.15 -57.20
C ALA D 25 -25.81 21.74 -58.28
N GLY D 26 -26.83 22.45 -57.86
CA GLY D 26 -27.73 23.12 -58.79
C GLY D 26 -29.04 22.40 -59.05
N ASP D 27 -29.29 21.29 -58.36
CA ASP D 27 -30.52 20.54 -58.55
C ASP D 27 -31.71 21.25 -57.90
N LYS D 28 -32.88 21.16 -58.53
CA LYS D 28 -34.06 21.86 -58.06
C LYS D 28 -35.07 20.89 -57.50
N ILE D 29 -35.54 21.17 -56.29
CA ILE D 29 -36.54 20.33 -55.63
C ILE D 29 -37.74 21.18 -55.30
N SER D 30 -38.89 20.80 -55.86
CA SER D 30 -40.12 21.56 -55.59
C SER D 30 -40.69 21.22 -54.22
N TYR D 31 -41.69 21.99 -53.79
CA TYR D 31 -42.39 21.64 -52.55
C TYR D 31 -42.99 20.22 -52.63
N ALA D 32 -43.67 19.91 -53.73
CA ALA D 32 -44.26 18.57 -53.88
C ALA D 32 -43.21 17.49 -53.81
N GLU D 33 -42.07 17.74 -54.46
CA GLU D 33 -40.98 16.77 -54.45
C GLU D 33 -40.37 16.60 -53.07
N LEU D 34 -40.28 17.69 -52.32
CA LEU D 34 -39.75 17.63 -50.97
C LEU D 34 -40.67 16.80 -50.06
N VAL D 35 -41.98 17.00 -50.20
CA VAL D 35 -42.95 16.25 -49.41
C VAL D 35 -42.85 14.75 -49.75
N ALA D 36 -42.73 14.44 -51.04
CA ALA D 36 -42.60 13.05 -51.48
C ALA D 36 -41.35 12.41 -50.92
N ARG D 37 -40.23 13.14 -50.97
CA ARG D 37 -39.00 12.62 -50.39
C ARG D 37 -39.17 12.27 -48.93
N ALA D 38 -39.84 13.16 -48.19
CA ALA D 38 -40.07 12.96 -46.77
C ALA D 38 -41.00 11.76 -46.49
N GLY D 39 -41.97 11.53 -47.37
CA GLY D 39 -42.84 10.37 -47.23
C GLY D 39 -42.06 9.06 -47.38
N ARG D 40 -41.15 9.01 -48.33
CA ARG D 40 -40.38 7.78 -48.51
C ARG D 40 -39.54 7.52 -47.29
N VAL D 41 -38.85 8.56 -46.81
CA VAL D 41 -38.02 8.40 -45.62
C VAL D 41 -38.88 8.05 -44.39
N ALA D 42 -40.04 8.68 -44.25
CA ALA D 42 -40.89 8.37 -43.11
C ALA D 42 -41.30 6.89 -43.12
N ASN D 43 -41.62 6.37 -44.30
CA ASN D 43 -41.93 4.94 -44.41
C ASN D 43 -40.77 4.04 -44.01
N VAL D 44 -39.56 4.42 -44.40
CA VAL D 44 -38.38 3.68 -43.98
C VAL D 44 -38.23 3.70 -42.46
N LEU D 45 -38.37 4.87 -41.86
CA LEU D 45 -38.20 4.96 -40.41
C LEU D 45 -39.19 4.04 -39.69
N VAL D 46 -40.44 4.08 -40.13
CA VAL D 46 -41.47 3.24 -39.51
C VAL D 46 -41.15 1.76 -39.76
N ALA D 47 -40.68 1.45 -40.97
CA ALA D 47 -40.31 0.07 -41.29
C ALA D 47 -39.20 -0.44 -40.37
N ARG D 48 -38.30 0.47 -39.98
CA ARG D 48 -37.19 0.13 -39.11
C ARG D 48 -37.55 0.16 -37.62
N GLY D 49 -38.82 0.43 -37.32
CA GLY D 49 -39.30 0.31 -35.96
C GLY D 49 -39.61 1.61 -35.25
N LEU D 50 -39.52 2.74 -35.96
CA LEU D 50 -39.82 4.01 -35.32
C LEU D 50 -41.29 4.05 -34.95
N GLN D 51 -41.58 4.29 -33.68
CA GLN D 51 -42.96 4.46 -33.26
C GLN D 51 -43.16 5.88 -32.76
N VAL D 52 -44.41 6.28 -32.66
CA VAL D 52 -44.71 7.64 -32.23
C VAL D 52 -44.06 7.95 -30.87
N GLY D 53 -43.35 9.08 -30.82
CA GLY D 53 -42.66 9.48 -29.60
C GLY D 53 -41.20 9.07 -29.52
N ASP D 54 -40.78 8.13 -30.37
CA ASP D 54 -39.39 7.68 -30.39
C ASP D 54 -38.48 8.79 -30.93
N ARG D 55 -37.23 8.78 -30.49
CA ARG D 55 -36.24 9.73 -31.01
C ARG D 55 -35.47 9.14 -32.16
N VAL D 56 -35.14 10.01 -33.13
CA VAL D 56 -34.17 9.68 -34.18
C VAL D 56 -32.96 10.57 -33.93
N ALA D 57 -31.81 9.98 -33.59
CA ALA D 57 -30.57 10.76 -33.40
C ALA D 57 -29.80 10.76 -34.70
N ALA D 58 -29.37 11.94 -35.16
CA ALA D 58 -28.72 12.02 -36.46
C ALA D 58 -27.45 12.84 -36.37
N GLN D 59 -26.32 12.23 -36.69
CA GLN D 59 -25.06 12.99 -36.85
C GLN D 59 -24.72 12.93 -38.33
N THR D 60 -25.16 13.95 -39.04
CA THR D 60 -25.07 13.98 -40.50
C THR D 60 -24.41 15.27 -40.95
N GLU D 61 -23.66 15.20 -42.05
CA GLU D 61 -23.19 16.41 -42.69
C GLU D 61 -24.35 17.01 -43.45
N LYS D 62 -24.27 18.30 -43.71
CA LYS D 62 -25.37 19.02 -44.28
C LYS D 62 -25.67 18.65 -45.74
N SER D 63 -26.91 18.22 -45.99
CA SER D 63 -27.35 17.86 -47.33
C SER D 63 -28.87 17.98 -47.36
N VAL D 64 -29.46 18.05 -48.56
CA VAL D 64 -30.92 18.06 -48.63
CA VAL D 64 -30.92 18.05 -48.64
C VAL D 64 -31.47 16.79 -47.99
N GLU D 65 -30.78 15.67 -48.16
CA GLU D 65 -31.24 14.43 -47.56
C GLU D 65 -31.26 14.53 -46.03
N ALA D 66 -30.28 15.21 -45.45
CA ALA D 66 -30.24 15.41 -43.99
C ALA D 66 -31.42 16.25 -43.52
N LEU D 67 -31.78 17.27 -44.30
CA LEU D 67 -32.93 18.08 -43.97
C LEU D 67 -34.21 17.26 -44.09
N VAL D 68 -34.31 16.45 -45.14
CA VAL D 68 -35.46 15.58 -45.29
C VAL D 68 -35.60 14.61 -44.11
N LEU D 69 -34.50 14.12 -43.58
CA LEU D 69 -34.59 13.23 -42.42
C LEU D 69 -35.26 13.93 -41.23
N TYR D 70 -34.94 15.20 -41.02
CA TYR D 70 -35.58 15.99 -39.97
C TYR D 70 -37.09 16.08 -40.20
N LEU D 71 -37.48 16.46 -41.42
CA LEU D 71 -38.89 16.58 -41.77
C LEU D 71 -39.63 15.25 -41.67
N ALA D 72 -39.00 14.17 -42.14
CA ALA D 72 -39.61 12.84 -42.09
C ALA D 72 -39.80 12.35 -40.65
N THR D 73 -38.81 12.63 -39.81
CA THR D 73 -38.88 12.22 -38.41
C THR D 73 -40.09 12.86 -37.75
N VAL D 74 -40.27 14.16 -37.97
CA VAL D 74 -41.38 14.81 -37.30
C VAL D 74 -42.71 14.37 -37.91
N ARG D 75 -42.72 14.19 -39.22
CA ARG D 75 -43.90 13.72 -39.93
C ARG D 75 -44.40 12.39 -39.37
N ALA D 76 -43.46 11.51 -39.02
CA ALA D 76 -43.80 10.17 -38.55
C ALA D 76 -44.07 10.11 -37.05
N GLY D 77 -44.15 11.28 -36.41
CA GLY D 77 -44.49 11.36 -35.01
C GLY D 77 -43.29 11.19 -34.09
N GLY D 78 -42.11 11.16 -34.70
CA GLY D 78 -40.87 10.98 -33.97
C GLY D 78 -40.35 12.29 -33.42
N VAL D 79 -39.25 12.20 -32.68
CA VAL D 79 -38.64 13.37 -32.07
C VAL D 79 -37.24 13.46 -32.64
N TYR D 80 -36.97 14.53 -33.37
CA TYR D 80 -35.71 14.65 -34.08
C TYR D 80 -34.61 15.18 -33.19
N LEU D 81 -33.48 14.48 -33.18
CA LEU D 81 -32.33 14.83 -32.36
C LEU D 81 -31.05 14.98 -33.21
N PRO D 82 -30.76 16.23 -33.67
CA PRO D 82 -29.54 16.43 -34.44
C PRO D 82 -28.34 16.47 -33.50
N LEU D 83 -27.19 16.00 -33.99
CA LEU D 83 -25.97 15.96 -33.20
C LEU D 83 -24.81 16.59 -33.95
N ASN D 84 -24.11 17.49 -33.28
CA ASN D 84 -22.92 18.13 -33.84
C ASN D 84 -22.00 17.11 -34.54
N THR D 85 -21.54 17.44 -35.74
CA THR D 85 -20.71 16.53 -36.53
C THR D 85 -19.33 16.34 -35.91
N ALA D 86 -18.97 17.23 -34.97
CA ALA D 86 -17.68 17.13 -34.30
C ALA D 86 -17.59 16.04 -33.23
N TYR D 87 -18.72 15.54 -32.75
CA TYR D 87 -18.68 14.57 -31.67
C TYR D 87 -17.94 13.30 -32.06
N THR D 88 -17.01 12.89 -31.21
CA THR D 88 -16.33 11.61 -31.37
C THR D 88 -17.29 10.47 -31.01
N LEU D 89 -16.86 9.22 -31.27
CA LEU D 89 -17.66 8.07 -30.89
C LEU D 89 -17.93 8.09 -29.39
N HIS D 90 -16.90 8.35 -28.59
CA HIS D 90 -17.06 8.42 -27.14
C HIS D 90 -18.09 9.48 -26.77
N GLU D 91 -18.01 10.63 -27.41
CA GLU D 91 -18.93 11.74 -27.13
C GLU D 91 -20.38 11.40 -27.50
N LEU D 92 -20.55 10.73 -28.64
CA LEU D 92 -21.88 10.27 -29.06
C LEU D 92 -22.52 9.35 -28.03
N ASP D 93 -21.69 8.56 -27.35
CA ASP D 93 -22.18 7.63 -26.35
C ASP D 93 -23.05 8.37 -25.33
N TYR D 94 -22.60 9.55 -24.91
CA TYR D 94 -23.34 10.30 -23.91
C TYR D 94 -24.76 10.61 -24.38
N PHE D 95 -24.88 11.08 -25.62
CA PHE D 95 -26.15 11.55 -26.12
C PHE D 95 -27.08 10.40 -26.46
N ILE D 96 -26.52 9.33 -27.05
CA ILE D 96 -27.34 8.17 -27.36
C ILE D 96 -27.86 7.51 -26.07
N THR D 97 -27.01 7.43 -25.06
CA THR D 97 -27.43 6.88 -23.77
C THR D 97 -28.53 7.74 -23.12
N ASP D 98 -28.38 9.05 -23.21
CA ASP D 98 -29.29 9.96 -22.53
C ASP D 98 -30.68 9.94 -23.18
N ALA D 99 -30.70 10.00 -24.50
CA ALA D 99 -31.96 10.15 -25.25
C ALA D 99 -32.63 8.83 -25.62
N GLU D 100 -31.87 7.74 -25.59
CA GLU D 100 -32.39 6.42 -26.00
C GLU D 100 -33.16 6.45 -27.31
N PRO D 101 -32.50 6.87 -28.39
CA PRO D 101 -33.18 6.88 -29.69
C PRO D 101 -33.45 5.47 -30.19
N LYS D 102 -34.46 5.33 -31.04
CA LYS D 102 -34.81 4.06 -31.65
C LYS D 102 -34.04 3.87 -32.96
N ILE D 103 -33.66 5.00 -33.59
CA ILE D 103 -32.87 4.97 -34.81
C ILE D 103 -31.72 5.96 -34.67
N VAL D 104 -30.53 5.53 -35.07
CA VAL D 104 -29.38 6.41 -35.11
C VAL D 104 -28.92 6.49 -36.55
N VAL D 105 -28.79 7.71 -37.07
CA VAL D 105 -28.28 7.89 -38.44
C VAL D 105 -26.93 8.58 -38.35
N CYS D 106 -25.92 8.00 -39.00
CA CYS D 106 -24.57 8.53 -38.90
C CYS D 106 -23.88 8.45 -40.25
N ASP D 107 -22.70 9.03 -40.35
CA ASP D 107 -21.88 8.87 -41.55
C ASP D 107 -21.55 7.39 -41.76
N PRO D 108 -21.50 6.93 -43.03
CA PRO D 108 -21.09 5.56 -43.32
C PRO D 108 -19.80 5.15 -42.59
N SER D 109 -18.90 6.10 -42.34
CA SER D 109 -17.62 5.81 -41.69
C SER D 109 -17.77 5.36 -40.23
N LYS D 110 -18.88 5.69 -39.60
CA LYS D 110 -19.09 5.37 -38.19
C LYS D 110 -20.05 4.21 -37.98
N ARG D 111 -20.53 3.61 -39.06
CA ARG D 111 -21.60 2.63 -38.92
C ARG D 111 -21.28 1.52 -37.93
N ASP D 112 -20.14 0.86 -38.13
CA ASP D 112 -19.78 -0.25 -37.24
C ASP D 112 -19.37 0.26 -35.85
N GLY D 113 -18.69 1.39 -35.81
CA GLY D 113 -18.17 1.92 -34.56
C GLY D 113 -19.29 2.30 -33.62
N ILE D 114 -20.43 2.65 -34.18
CA ILE D 114 -21.54 3.10 -33.36
C ILE D 114 -22.48 1.95 -32.99
N ALA D 115 -22.18 0.76 -33.50
CA ALA D 115 -23.08 -0.38 -33.31
C ALA D 115 -23.28 -0.77 -31.85
N ALA D 116 -22.19 -0.86 -31.10
CA ALA D 116 -22.26 -1.28 -29.70
C ALA D 116 -23.06 -0.26 -28.88
N ILE D 117 -22.78 1.01 -29.10
CA ILE D 117 -23.49 2.09 -28.44
C ILE D 117 -24.98 2.03 -28.79
N ALA D 118 -25.28 1.89 -30.07
CA ALA D 118 -26.68 1.77 -30.51
C ALA D 118 -27.35 0.54 -29.91
N ALA D 119 -26.65 -0.59 -29.94
CA ALA D 119 -27.17 -1.82 -29.37
C ALA D 119 -27.53 -1.65 -27.90
N LYS D 120 -26.73 -0.87 -27.17
CA LYS D 120 -26.96 -0.66 -25.74
C LYS D 120 -28.38 -0.13 -25.45
N VAL D 121 -28.90 0.72 -26.33
CA VAL D 121 -30.23 1.30 -26.12
C VAL D 121 -31.29 0.70 -27.04
N GLY D 122 -30.90 -0.31 -27.81
CA GLY D 122 -31.83 -0.99 -28.70
C GLY D 122 -32.18 -0.21 -29.97
N ALA D 123 -31.25 0.63 -30.42
CA ALA D 123 -31.46 1.40 -31.64
C ALA D 123 -30.94 0.67 -32.87
N THR D 124 -31.60 0.93 -34.00
CA THR D 124 -31.15 0.47 -35.32
C THR D 124 -30.31 1.57 -35.96
N VAL D 125 -29.26 1.20 -36.67
CA VAL D 125 -28.39 2.18 -37.31
C VAL D 125 -28.64 2.27 -38.82
N GLU D 126 -28.78 3.50 -39.33
CA GLU D 126 -28.81 3.74 -40.76
C GLU D 126 -27.74 4.78 -41.03
N THR D 127 -27.31 4.89 -42.29
CA THR D 127 -26.28 5.86 -42.62
C THR D 127 -26.70 6.89 -43.65
N LEU D 128 -26.03 8.05 -43.59
CA LEU D 128 -26.25 9.13 -44.53
C LEU D 128 -24.96 9.94 -44.56
N GLY D 129 -24.34 10.01 -45.73
CA GLY D 129 -23.06 10.65 -45.91
C GLY D 129 -23.19 12.06 -46.43
N PRO D 130 -22.05 12.75 -46.62
CA PRO D 130 -22.14 14.17 -46.98
C PRO D 130 -22.68 14.36 -48.39
N ASP D 131 -22.62 13.29 -49.20
CA ASP D 131 -23.18 13.32 -50.54
C ASP D 131 -24.68 12.98 -50.56
N GLY D 132 -25.25 12.76 -49.39
CA GLY D 132 -26.64 12.40 -49.26
C GLY D 132 -26.93 10.94 -49.61
N ARG D 133 -25.88 10.13 -49.72
CA ARG D 133 -26.04 8.72 -50.03
C ARG D 133 -25.84 7.92 -48.75
N GLY D 134 -26.27 6.66 -48.73
CA GLY D 134 -26.15 5.88 -47.51
C GLY D 134 -27.29 4.87 -47.43
N SER D 135 -27.33 4.09 -46.36
CA SER D 135 -28.37 3.08 -46.25
C SER D 135 -29.76 3.72 -46.18
N LEU D 136 -29.86 4.92 -45.61
CA LEU D 136 -31.18 5.56 -45.50
C LEU D 136 -31.67 5.88 -46.90
N THR D 137 -30.76 6.36 -47.73
CA THR D 137 -31.10 6.77 -49.09
C THR D 137 -31.41 5.56 -49.95
N ASP D 138 -30.64 4.50 -49.75
CA ASP D 138 -30.87 3.26 -50.51
C ASP D 138 -32.29 2.75 -50.23
N ALA D 139 -32.65 2.76 -48.96
CA ALA D 139 -33.95 2.23 -48.53
C ALA D 139 -35.08 3.12 -48.98
N ALA D 140 -34.89 4.43 -48.88
CA ALA D 140 -35.97 5.35 -49.21
C ALA D 140 -36.32 5.28 -50.69
N ALA D 141 -35.34 5.00 -51.54
CA ALA D 141 -35.60 4.95 -52.98
C ALA D 141 -36.63 3.87 -53.31
N GLY D 142 -36.64 2.80 -52.52
CA GLY D 142 -37.57 1.70 -52.77
C GLY D 142 -38.83 1.75 -51.92
N ALA D 143 -39.02 2.85 -51.18
CA ALA D 143 -40.17 3.00 -50.30
C ALA D 143 -41.28 3.76 -51.00
N SER D 144 -42.52 3.53 -50.58
CA SER D 144 -43.66 4.29 -51.09
C SER D 144 -43.55 5.75 -50.64
N GLU D 145 -44.02 6.68 -51.47
CA GLU D 145 -44.02 8.09 -51.08
C GLU D 145 -45.24 8.45 -50.23
N ALA D 146 -46.30 7.66 -50.32
CA ALA D 146 -47.51 7.95 -49.55
C ALA D 146 -47.32 7.72 -48.04
N PHE D 147 -47.59 8.75 -47.26
CA PHE D 147 -47.48 8.63 -45.81
C PHE D 147 -48.52 9.50 -45.09
N ALA D 148 -49.28 8.88 -44.20
CA ALA D 148 -50.27 9.62 -43.44
C ALA D 148 -49.59 10.32 -42.27
N THR D 149 -49.39 11.62 -42.42
CA THR D 149 -48.74 12.41 -41.38
C THR D 149 -49.39 12.17 -40.02
N ILE D 150 -48.57 11.87 -39.01
CA ILE D 150 -49.08 11.53 -37.69
C ILE D 150 -49.71 12.73 -37.00
N ASP D 151 -50.87 12.51 -36.39
CA ASP D 151 -51.48 13.57 -35.62
C ASP D 151 -50.60 13.93 -34.42
N ARG D 152 -50.35 15.22 -34.23
CA ARG D 152 -49.63 15.70 -33.05
C ARG D 152 -50.35 16.92 -32.50
N GLY D 153 -50.20 17.14 -31.20
CA GLY D 153 -50.79 18.30 -30.56
C GLY D 153 -49.72 19.36 -30.38
N ALA D 154 -50.16 20.57 -30.08
CA ALA D 154 -49.25 21.71 -29.97
C ALA D 154 -48.09 21.42 -29.03
N ASP D 155 -48.38 20.77 -27.91
CA ASP D 155 -47.37 20.62 -26.87
C ASP D 155 -46.59 19.31 -27.00
N ASP D 156 -46.90 18.51 -28.02
CA ASP D 156 -46.16 17.26 -28.24
C ASP D 156 -44.75 17.58 -28.70
N LEU D 157 -43.79 16.73 -28.36
CA LEU D 157 -42.42 16.98 -28.79
C LEU D 157 -42.16 16.79 -30.29
N ALA D 158 -41.38 17.70 -30.84
CA ALA D 158 -40.91 17.57 -32.22
C ALA D 158 -39.40 17.34 -32.29
N ALA D 159 -38.67 17.86 -31.31
CA ALA D 159 -37.20 17.80 -31.39
C ALA D 159 -36.57 17.87 -30.02
N ILE D 160 -35.35 17.37 -29.90
CA ILE D 160 -34.51 17.60 -28.72
C ILE D 160 -33.16 18.12 -29.23
N LEU D 161 -32.75 19.29 -28.75
CA LEU D 161 -31.42 19.81 -29.09
C LEU D 161 -30.62 19.97 -27.80
N TYR D 162 -29.40 19.44 -27.81
CA TYR D 162 -28.57 19.50 -26.61
C TYR D 162 -27.82 20.83 -26.49
N THR D 163 -27.75 21.34 -25.26
CA THR D 163 -27.06 22.59 -24.99
C THR D 163 -25.58 22.33 -24.75
N SER D 164 -24.81 23.40 -24.60
CA SER D 164 -23.41 23.28 -24.16
C SER D 164 -22.83 24.65 -23.81
N THR D 166 -21.09 26.44 -20.82
CA THR D 166 -21.76 26.35 -19.52
C THR D 166 -21.26 25.15 -18.71
N THR D 167 -21.51 25.18 -17.41
CA THR D 167 -21.09 24.11 -16.52
C THR D 167 -22.16 23.01 -16.46
N GLY D 168 -21.74 21.82 -16.05
CA GLY D 168 -22.63 20.69 -15.95
C GLY D 168 -22.76 19.95 -17.27
N ARG D 169 -23.24 18.70 -17.20
CA ARG D 169 -23.43 17.90 -18.39
C ARG D 169 -24.38 18.58 -19.37
N SER D 170 -24.22 18.26 -20.65
CA SER D 170 -25.04 18.82 -21.73
C SER D 170 -26.49 18.36 -21.56
N LYS D 171 -27.43 19.29 -21.71
CA LYS D 171 -28.83 19.03 -21.37
C LYS D 171 -29.69 19.00 -22.64
N GLY D 172 -30.64 18.08 -22.70
CA GLY D 172 -31.48 17.98 -23.89
C GLY D 172 -32.70 18.87 -23.80
N ALA D 173 -32.70 19.97 -24.56
CA ALA D 173 -33.85 20.87 -24.59
C ALA D 173 -35.00 20.28 -25.40
N LEU D 175 -38.26 20.43 -27.38
CA LEU D 175 -38.96 21.45 -28.18
C LEU D 175 -40.22 20.86 -28.79
N SER D 176 -41.33 21.56 -28.61
CA SER D 176 -42.61 21.06 -29.10
C SER D 176 -42.91 21.49 -30.53
N HIS D 177 -43.93 20.86 -31.09
CA HIS D 177 -44.43 21.26 -32.39
C HIS D 177 -44.83 22.73 -32.43
N ASP D 178 -45.52 23.22 -31.39
CA ASP D 178 -45.95 24.61 -31.40
C ASP D 178 -44.78 25.57 -31.11
N ASN D 179 -43.79 25.13 -30.32
CA ASN D 179 -42.60 25.94 -30.12
C ASN D 179 -42.04 26.32 -31.48
N LEU D 180 -41.92 25.33 -32.37
CA LEU D 180 -41.25 25.52 -33.65
C LEU D 180 -42.16 26.26 -34.63
N ALA D 181 -43.42 25.84 -34.70
CA ALA D 181 -44.36 26.47 -35.63
C ALA D 181 -44.62 27.92 -35.26
N SER D 182 -44.93 28.18 -33.99
CA SER D 182 -45.31 29.54 -33.61
C SER D 182 -44.17 30.49 -33.88
N ASN D 183 -42.94 30.08 -33.58
CA ASN D 183 -41.83 31.01 -33.67
C ASN D 183 -41.51 31.36 -35.12
N SER D 184 -41.44 30.37 -35.99
CA SER D 184 -41.13 30.69 -37.37
CA SER D 184 -41.14 30.64 -37.39
C SER D 184 -42.28 31.39 -38.09
N LEU D 185 -43.51 31.07 -37.72
CA LEU D 185 -44.65 31.80 -38.31
C LEU D 185 -44.60 33.27 -37.91
N THR D 186 -44.20 33.53 -36.67
CA THR D 186 -44.09 34.91 -36.21
C THR D 186 -43.02 35.64 -37.02
N LEU D 187 -41.89 34.96 -37.24
CA LEU D 187 -40.76 35.54 -37.97
C LEU D 187 -41.06 35.76 -39.46
N VAL D 188 -41.87 34.89 -40.05
CA VAL D 188 -42.31 35.11 -41.43
C VAL D 188 -42.92 36.52 -41.55
N ASP D 189 -43.81 36.85 -40.61
CA ASP D 189 -44.46 38.15 -40.62
C ASP D 189 -43.51 39.27 -40.24
N TYR D 190 -42.71 39.06 -39.20
CA TYR D 190 -41.89 40.13 -38.65
C TYR D 190 -40.77 40.53 -39.61
N TRP D 191 -40.25 39.55 -40.33
CA TRP D 191 -39.15 39.77 -41.26
C TRP D 191 -39.67 39.94 -42.70
N ARG D 192 -40.99 40.06 -42.83
CA ARG D 192 -41.65 40.33 -44.12
C ARG D 192 -41.26 39.37 -45.24
N PHE D 193 -41.20 38.08 -44.92
CA PHE D 193 -41.00 37.04 -45.93
C PHE D 193 -42.20 36.87 -46.84
N THR D 194 -41.93 36.56 -48.11
CA THR D 194 -42.96 36.24 -49.07
C THR D 194 -42.52 35.02 -49.89
N PRO D 195 -43.43 34.46 -50.70
CA PRO D 195 -43.03 33.28 -51.50
C PRO D 195 -41.96 33.59 -52.53
N ASP D 196 -41.69 34.87 -52.80
CA ASP D 196 -40.65 35.23 -53.75
C ASP D 196 -39.26 35.24 -53.12
N ASP D 197 -39.17 35.07 -51.80
CA ASP D 197 -37.86 35.13 -51.17
C ASP D 197 -37.03 33.91 -51.54
N VAL D 198 -35.72 34.15 -51.62
CA VAL D 198 -34.74 33.10 -51.86
C VAL D 198 -33.64 33.28 -50.82
N LEU D 199 -33.53 32.31 -49.91
CA LEU D 199 -32.58 32.39 -48.81
C LEU D 199 -31.28 31.67 -49.15
N ILE D 200 -30.17 32.37 -49.01
CA ILE D 200 -28.86 31.72 -49.11
C ILE D 200 -28.59 31.03 -47.79
N HIS D 201 -28.54 29.69 -47.82
CA HIS D 201 -28.44 28.90 -46.58
C HIS D 201 -27.05 28.28 -46.46
N ALA D 202 -26.20 28.91 -45.66
CA ALA D 202 -24.81 28.51 -45.54
C ALA D 202 -24.47 28.16 -44.09
N LEU D 203 -25.48 27.81 -43.29
CA LEU D 203 -25.32 27.49 -41.87
C LEU D 203 -25.45 26.01 -41.66
N PRO D 204 -24.83 25.48 -40.59
CA PRO D 204 -25.01 24.07 -40.21
C PRO D 204 -26.46 23.82 -39.85
N ILE D 205 -26.94 22.59 -40.01
CA ILE D 205 -28.32 22.30 -39.62
C ILE D 205 -28.44 21.44 -38.36
N TYR D 206 -27.40 21.42 -37.53
CA TYR D 206 -27.51 20.78 -36.21
C TYR D 206 -27.64 21.79 -35.06
N HIS D 207 -27.87 23.07 -35.39
CA HIS D 207 -28.20 24.08 -34.39
C HIS D 207 -29.52 24.74 -34.76
N THR D 208 -30.14 25.40 -33.79
CA THR D 208 -31.39 26.11 -33.98
C THR D 208 -31.40 27.06 -35.20
N HIS D 209 -30.33 27.83 -35.35
CA HIS D 209 -30.30 28.86 -36.41
C HIS D 209 -30.51 28.28 -37.82
N GLY D 210 -29.66 27.33 -38.20
CA GLY D 210 -29.75 26.79 -39.55
C GLY D 210 -30.85 25.77 -39.70
N LEU D 211 -31.15 25.02 -38.64
CA LEU D 211 -32.12 23.94 -38.77
C LEU D 211 -33.55 24.47 -38.78
N PHE D 212 -33.85 25.30 -37.79
CA PHE D 212 -35.21 25.76 -37.57
C PHE D 212 -35.47 27.14 -38.17
N VAL D 213 -34.67 28.13 -37.79
CA VAL D 213 -34.96 29.50 -38.19
C VAL D 213 -34.86 29.64 -39.71
N ALA D 214 -33.69 29.31 -40.26
CA ALA D 214 -33.51 29.43 -41.70
C ALA D 214 -34.48 28.54 -42.48
N SER D 215 -34.53 27.26 -42.13
CA SER D 215 -35.36 26.34 -42.90
C SER D 215 -36.85 26.54 -42.71
N ASN D 216 -37.31 26.63 -41.47
CA ASN D 216 -38.74 26.72 -41.21
C ASN D 216 -39.35 28.06 -41.64
N VAL D 217 -38.61 29.14 -41.43
CA VAL D 217 -39.11 30.43 -41.88
C VAL D 217 -39.29 30.44 -43.40
N THR D 218 -38.30 29.90 -44.12
CA THR D 218 -38.39 29.87 -45.58
C THR D 218 -39.56 29.01 -46.05
N LEU D 219 -39.70 27.82 -45.46
CA LEU D 219 -40.75 26.92 -45.86
C LEU D 219 -42.14 27.43 -45.50
N PHE D 220 -42.30 28.02 -44.31
CA PHE D 220 -43.58 28.62 -43.95
C PHE D 220 -43.94 29.78 -44.87
N ALA D 221 -42.92 30.47 -45.37
CA ALA D 221 -43.13 31.61 -46.27
C ALA D 221 -43.49 31.16 -47.69
N ARG D 222 -43.30 29.88 -47.95
CA ARG D 222 -43.40 29.29 -49.29
C ARG D 222 -42.35 29.86 -50.23
N GLY D 223 -41.22 30.31 -49.65
CA GLY D 223 -40.09 30.76 -50.43
C GLY D 223 -39.18 29.59 -50.76
N SER D 224 -37.94 29.87 -51.16
CA SER D 224 -37.00 28.81 -51.45
C SER D 224 -35.62 29.11 -50.88
N ILE D 226 -31.18 28.19 -51.18
CA ILE D 226 -30.08 27.61 -51.94
C ILE D 226 -29.17 27.06 -50.85
N PHE D 227 -29.00 25.74 -50.87
CA PHE D 227 -28.48 24.97 -49.75
C PHE D 227 -26.99 24.71 -49.88
N LEU D 228 -26.16 25.66 -49.44
CA LEU D 228 -24.70 25.51 -49.50
C LEU D 228 -24.15 24.70 -48.33
N PRO D 229 -23.14 23.85 -48.59
CA PRO D 229 -22.64 23.04 -47.48
C PRO D 229 -21.79 23.83 -46.49
N LYS D 230 -21.25 24.96 -46.93
CA LYS D 230 -20.38 25.78 -46.08
C LYS D 230 -20.37 27.25 -46.52
N PHE D 231 -19.85 28.12 -45.67
CA PHE D 231 -19.69 29.53 -46.01
C PHE D 231 -18.50 29.75 -46.93
N ASP D 232 -18.74 30.44 -48.03
CA ASP D 232 -17.68 30.84 -48.96
C ASP D 232 -18.04 32.20 -49.50
N PRO D 233 -17.16 33.20 -49.28
CA PRO D 233 -17.46 34.59 -49.62
C PRO D 233 -17.82 34.81 -51.08
N ASP D 234 -17.02 34.28 -51.99
CA ASP D 234 -17.24 34.52 -53.42
C ASP D 234 -18.49 33.81 -53.93
N LYS D 235 -18.77 32.62 -53.41
CA LYS D 235 -19.97 31.90 -53.80
C LYS D 235 -21.20 32.67 -53.34
N ILE D 236 -21.17 33.14 -52.09
CA ILE D 236 -22.29 33.91 -51.55
C ILE D 236 -22.49 35.18 -52.37
N LEU D 237 -21.41 35.88 -52.67
CA LEU D 237 -21.47 37.06 -53.50
C LEU D 237 -22.07 36.77 -54.88
N ASP D 238 -21.71 35.64 -55.46
CA ASP D 238 -22.27 35.28 -56.77
C ASP D 238 -23.77 35.10 -56.67
N LEU D 239 -24.22 34.48 -55.58
CA LEU D 239 -25.62 34.12 -55.46
C LEU D 239 -26.52 35.32 -55.17
N ALA D 241 -26.96 37.97 -56.63
CA ALA D 241 -27.62 38.49 -57.82
C ALA D 241 -29.00 37.84 -58.03
N ARG D 242 -29.20 36.65 -57.47
CA ARG D 242 -30.46 35.93 -57.68
C ARG D 242 -31.07 35.40 -56.37
N ALA D 243 -30.69 36.01 -55.25
CA ALA D 243 -31.28 35.65 -53.96
C ALA D 243 -31.77 36.92 -53.29
N THR D 244 -32.44 36.77 -52.14
CA THR D 244 -32.98 37.94 -51.46
C THR D 244 -32.66 37.99 -49.98
N VAL D 245 -32.29 36.87 -49.38
CA VAL D 245 -32.06 36.85 -47.94
C VAL D 245 -30.76 36.14 -47.59
N LEU D 246 -30.02 36.70 -46.65
CA LEU D 246 -28.90 36.00 -46.04
C LEU D 246 -29.04 35.98 -44.52
N GLY D 248 -26.70 34.85 -41.28
CA GLY D 248 -25.33 34.47 -40.98
C GLY D 248 -24.96 34.77 -39.54
N VAL D 249 -23.66 34.76 -39.27
CA VAL D 249 -23.12 35.14 -37.99
C VAL D 249 -22.12 36.24 -38.29
N PRO D 250 -21.69 36.99 -37.26
CA PRO D 250 -20.81 38.13 -37.52
C PRO D 250 -19.65 37.84 -38.48
N THR D 251 -19.04 36.67 -38.40
CA THR D 251 -17.90 36.41 -39.28
C THR D 251 -18.28 36.38 -40.76
N PHE D 252 -19.54 36.07 -41.07
CA PHE D 252 -19.99 36.13 -42.46
C PHE D 252 -19.80 37.55 -42.95
N TYR D 253 -20.19 38.50 -42.10
CA TYR D 253 -20.26 39.90 -42.50
C TYR D 253 -18.89 40.56 -42.49
N THR D 254 -18.08 40.25 -41.49
CA THR D 254 -16.73 40.84 -41.48
C THR D 254 -15.90 40.28 -42.64
N ARG D 255 -16.08 39.00 -42.95
CA ARG D 255 -15.39 38.40 -44.08
C ARG D 255 -15.87 38.97 -45.42
N LEU D 256 -17.19 39.06 -45.59
CA LEU D 256 -17.72 39.66 -46.82
C LEU D 256 -17.23 41.10 -47.01
N LEU D 257 -17.05 41.85 -45.92
CA LEU D 257 -16.64 43.25 -46.01
C LEU D 257 -15.20 43.38 -46.50
N GLN D 258 -14.46 42.29 -46.45
CA GLN D 258 -13.07 42.30 -46.91
C GLN D 258 -12.98 42.19 -48.42
N SER D 259 -14.10 41.84 -49.05
CA SER D 259 -14.14 41.68 -50.50
C SER D 259 -14.39 42.98 -51.25
N PRO D 260 -13.55 43.28 -52.26
CA PRO D 260 -13.74 44.46 -53.09
C PRO D 260 -15.05 44.38 -53.87
N ARG D 261 -15.60 43.17 -54.01
CA ARG D 261 -16.86 42.95 -54.72
C ARG D 261 -18.09 43.46 -53.97
N LEU D 262 -17.97 43.63 -52.67
CA LEU D 262 -19.13 44.04 -51.87
C LEU D 262 -19.50 45.51 -52.07
N THR D 263 -20.48 45.76 -52.94
CA THR D 263 -20.93 47.11 -53.24
C THR D 263 -22.45 47.16 -53.24
N LYS D 264 -23.00 48.36 -53.37
CA LYS D 264 -24.45 48.53 -53.47
C LYS D 264 -24.99 47.85 -54.72
N GLU D 265 -24.23 47.93 -55.82
CA GLU D 265 -24.64 47.25 -57.06
C GLU D 265 -24.72 45.73 -56.88
N THR D 266 -23.65 45.15 -56.34
CA THR D 266 -23.60 43.70 -56.10
C THR D 266 -24.69 43.21 -55.15
N THR D 267 -25.09 44.03 -54.19
CA THR D 267 -26.06 43.61 -53.18
C THR D 267 -27.46 44.14 -53.48
N GLY D 268 -27.61 44.79 -54.63
CA GLY D 268 -28.86 45.45 -54.98
C GLY D 268 -30.09 44.57 -55.06
N HIS D 269 -29.92 43.29 -55.38
CA HIS D 269 -31.06 42.38 -55.49
C HIS D 269 -31.50 41.90 -54.11
N ARG D 271 -32.78 41.65 -50.26
CA ARG D 271 -33.82 42.29 -49.47
C ARG D 271 -33.43 42.41 -48.00
N LEU D 272 -32.84 41.34 -47.46
CA LEU D 272 -32.69 41.22 -46.01
C LEU D 272 -31.43 40.48 -45.58
N PHE D 273 -30.71 41.08 -44.63
CA PHE D 273 -29.56 40.46 -44.01
C PHE D 273 -29.82 40.34 -42.52
N ILE D 274 -29.54 39.17 -41.97
CA ILE D 274 -29.72 38.90 -40.54
C ILE D 274 -28.43 38.30 -39.99
N SER D 275 -28.10 38.65 -38.75
CA SER D 275 -26.92 38.06 -38.10
C SER D 275 -27.33 37.53 -36.75
N GLY D 276 -26.80 36.35 -36.41
CA GLY D 276 -27.13 35.72 -35.15
C GLY D 276 -25.93 35.20 -34.38
N SER D 277 -26.23 34.53 -33.28
CA SER D 277 -25.22 34.12 -32.33
C SER D 277 -24.60 35.37 -31.72
N ALA D 278 -23.33 35.57 -32.01
CA ALA D 278 -22.54 36.59 -31.34
C ALA D 278 -22.94 37.97 -31.83
N PRO D 279 -22.67 39.00 -31.02
CA PRO D 279 -23.00 40.37 -31.44
C PRO D 279 -22.11 40.87 -32.58
N LEU D 280 -22.72 41.62 -33.49
CA LEU D 280 -21.96 42.40 -34.47
C LEU D 280 -21.41 43.65 -33.80
N LEU D 281 -20.18 44.03 -34.12
CA LEU D 281 -19.67 45.34 -33.71
C LEU D 281 -20.46 46.46 -34.39
N ALA D 282 -20.65 47.56 -33.67
CA ALA D 282 -21.30 48.72 -34.27
C ALA D 282 -20.56 49.14 -35.54
N ASP D 283 -19.23 49.01 -35.53
CA ASP D 283 -18.44 49.41 -36.69
C ASP D 283 -18.81 48.56 -37.89
N THR D 284 -19.09 47.28 -37.66
CA THR D 284 -19.51 46.39 -38.74
C THR D 284 -20.89 46.79 -39.26
N HIS D 285 -21.82 47.10 -38.36
CA HIS D 285 -23.11 47.67 -38.79
C HIS D 285 -22.90 48.89 -39.69
N ARG D 286 -22.07 49.83 -39.23
CA ARG D 286 -21.86 51.05 -39.99
C ARG D 286 -21.26 50.77 -41.36
N GLU D 287 -20.22 49.94 -41.40
CA GLU D 287 -19.55 49.66 -42.66
C GLU D 287 -20.46 48.92 -43.62
N TRP D 288 -21.25 47.99 -43.10
CA TRP D 288 -22.19 47.26 -43.96
C TRP D 288 -23.18 48.23 -44.61
N SER D 289 -23.68 49.18 -43.82
CA SER D 289 -24.61 50.17 -44.33
CA SER D 289 -24.60 50.19 -44.32
C SER D 289 -23.95 51.07 -45.38
N ALA D 290 -22.69 51.45 -45.13
CA ALA D 290 -21.99 52.31 -46.06
C ALA D 290 -21.76 51.62 -47.41
N LYS D 291 -21.44 50.34 -47.39
CA LYS D 291 -21.05 49.63 -48.61
C LYS D 291 -22.21 48.98 -49.36
N THR D 292 -23.30 48.68 -48.67
CA THR D 292 -24.41 47.96 -49.29
C THR D 292 -25.71 48.73 -49.26
N GLY D 293 -25.78 49.73 -48.39
CA GLY D 293 -27.00 50.48 -48.17
C GLY D 293 -28.03 49.71 -47.36
N HIS D 294 -27.66 48.52 -46.88
CA HIS D 294 -28.55 47.68 -46.09
C HIS D 294 -28.20 47.68 -44.60
N ALA D 295 -29.22 47.51 -43.77
CA ALA D 295 -29.01 47.18 -42.37
C ALA D 295 -28.81 45.68 -42.26
N VAL D 296 -28.31 45.25 -41.10
CA VAL D 296 -28.26 43.84 -40.78
C VAL D 296 -29.04 43.68 -39.48
N LEU D 297 -30.14 42.93 -39.51
CA LEU D 297 -30.93 42.73 -38.30
C LEU D 297 -30.25 41.78 -37.34
N GLU D 298 -30.32 42.10 -36.05
CA GLU D 298 -29.88 41.16 -35.03
C GLU D 298 -31.07 40.72 -34.20
N ARG D 299 -30.90 39.64 -33.45
CA ARG D 299 -32.04 39.05 -32.75
C ARG D 299 -31.56 38.11 -31.64
N TYR D 300 -32.26 38.13 -30.51
CA TYR D 300 -31.87 37.35 -29.33
C TYR D 300 -32.54 36.00 -29.43
N GLY D 301 -31.76 34.93 -29.39
CA GLY D 301 -32.34 33.61 -29.40
C GLY D 301 -31.45 32.63 -28.66
N THR D 303 -31.22 27.99 -27.81
CA THR D 303 -31.84 26.69 -28.05
C THR D 303 -33.15 26.53 -27.31
N GLU D 304 -33.16 26.92 -26.04
CA GLU D 304 -34.36 26.72 -25.22
C GLU D 304 -35.54 27.61 -25.59
N THR D 305 -35.29 28.70 -26.31
CA THR D 305 -36.34 29.70 -26.49
C THR D 305 -36.66 30.01 -27.93
N ASN D 306 -35.92 29.41 -28.85
CA ASN D 306 -35.95 29.88 -30.23
C ASN D 306 -35.72 31.39 -30.23
N ASN D 308 -36.41 35.28 -29.44
CA ASN D 308 -37.17 36.07 -28.47
C ASN D 308 -37.43 37.50 -28.92
N THR D 309 -36.49 38.08 -29.65
CA THR D 309 -36.59 39.47 -30.09
C THR D 309 -36.13 39.58 -31.53
N SER D 310 -36.24 40.79 -32.09
CA SER D 310 -35.52 41.13 -33.31
C SER D 310 -35.49 42.62 -33.44
N ASN D 311 -34.39 43.18 -33.92
CA ASN D 311 -34.45 44.56 -34.40
C ASN D 311 -35.60 44.67 -35.40
N PRO D 312 -36.35 45.79 -35.34
CA PRO D 312 -37.49 45.95 -36.24
C PRO D 312 -37.09 46.09 -37.72
N TYR D 313 -37.90 45.53 -38.60
CA TYR D 313 -37.65 45.64 -40.02
C TYR D 313 -37.79 47.09 -40.45
N ASP D 314 -36.71 47.69 -40.97
CA ASP D 314 -36.76 49.10 -41.37
C ASP D 314 -37.09 50.07 -40.22
N GLY D 315 -36.85 49.65 -38.99
CA GLY D 315 -37.03 50.49 -37.82
C GLY D 315 -35.67 50.79 -37.22
N ASP D 316 -35.66 51.37 -36.03
CA ASP D 316 -34.41 51.83 -35.40
C ASP D 316 -33.59 50.67 -34.86
N ARG D 317 -32.28 50.72 -35.08
CA ARG D 317 -31.35 49.88 -34.33
C ARG D 317 -30.86 50.68 -33.11
N VAL D 318 -30.91 50.07 -31.92
CA VAL D 318 -30.40 50.73 -30.71
C VAL D 318 -29.05 50.11 -30.35
N PRO D 319 -28.05 50.96 -30.13
CA PRO D 319 -26.70 50.45 -29.79
C PRO D 319 -26.71 49.53 -28.58
N GLY D 320 -26.14 48.33 -28.74
CA GLY D 320 -26.00 47.44 -27.63
C GLY D 320 -27.24 46.59 -27.39
N ALA D 321 -28.26 46.79 -28.22
CA ALA D 321 -29.52 46.07 -28.07
C ALA D 321 -29.80 45.18 -29.27
N VAL D 322 -30.67 44.20 -29.08
CA VAL D 322 -31.07 43.30 -30.15
C VAL D 322 -32.58 43.29 -30.35
N GLY D 323 -33.20 44.41 -30.04
CA GLY D 323 -34.59 44.64 -30.40
C GLY D 323 -35.55 44.31 -29.28
N PRO D 324 -36.81 44.71 -29.44
CA PRO D 324 -37.86 44.40 -28.48
C PRO D 324 -38.35 42.97 -28.65
N ALA D 325 -39.06 42.46 -27.65
CA ALA D 325 -39.68 41.14 -27.75
C ALA D 325 -40.53 41.00 -29.02
N LEU D 326 -40.43 39.84 -29.67
CA LEU D 326 -41.31 39.54 -30.79
C LEU D 326 -42.77 39.42 -30.38
N PRO D 327 -43.68 39.61 -31.34
CA PRO D 327 -45.10 39.41 -31.04
C PRO D 327 -45.30 38.04 -30.40
N GLY D 328 -46.06 38.04 -29.30
CA GLY D 328 -46.38 36.81 -28.59
C GLY D 328 -45.40 36.46 -27.49
N VAL D 329 -44.25 37.14 -27.48
CA VAL D 329 -43.19 36.81 -26.52
C VAL D 329 -43.12 37.90 -25.47
N SER D 330 -42.92 37.50 -24.22
CA SER D 330 -42.74 38.43 -23.11
C SER D 330 -41.30 38.32 -22.61
N ALA D 331 -40.68 39.47 -22.35
CA ALA D 331 -39.33 39.50 -21.79
C ALA D 331 -39.33 40.46 -20.61
N ARG D 332 -38.64 40.11 -19.55
CA ARG D 332 -38.51 41.02 -18.41
C ARG D 332 -37.16 40.86 -17.75
N VAL D 333 -36.80 41.82 -16.92
CA VAL D 333 -35.51 41.76 -16.22
C VAL D 333 -35.80 41.72 -14.72
N THR D 334 -35.16 40.79 -14.00
CA THR D 334 -35.45 40.57 -12.59
C THR D 334 -34.21 40.61 -11.69
N ASP D 335 -34.42 40.81 -10.39
CA ASP D 335 -33.31 40.69 -9.46
C ASP D 335 -32.91 39.22 -9.43
N PRO D 336 -31.61 38.92 -9.59
CA PRO D 336 -31.20 37.52 -9.55
C PRO D 336 -31.01 37.06 -8.10
N THR D 338 -33.92 37.77 -6.34
CA THR D 338 -35.21 37.53 -5.69
C THR D 338 -36.31 37.19 -6.69
N GLY D 339 -36.01 37.35 -7.97
CA GLY D 339 -36.98 37.04 -9.02
C GLY D 339 -37.94 38.18 -9.32
N LYS D 340 -37.88 39.24 -8.50
CA LYS D 340 -38.76 40.39 -8.68
C LYS D 340 -38.29 41.30 -9.81
N GLU D 341 -39.24 41.77 -10.61
CA GLU D 341 -38.92 42.63 -11.76
C GLU D 341 -38.31 43.95 -11.33
N LEU D 342 -37.29 44.37 -12.07
CA LEU D 342 -36.58 45.61 -11.81
C LEU D 342 -37.13 46.76 -12.62
N PRO D 343 -36.89 47.99 -12.17
CA PRO D 343 -37.31 49.15 -12.95
C PRO D 343 -36.66 49.10 -14.32
N ARG D 344 -37.38 49.59 -15.33
CA ARG D 344 -36.88 49.62 -16.70
C ARG D 344 -35.53 50.33 -16.77
N GLY D 345 -34.55 49.67 -17.39
CA GLY D 345 -33.22 50.25 -17.50
C GLY D 345 -32.23 49.74 -16.48
N ASP D 346 -32.74 49.10 -15.43
CA ASP D 346 -31.86 48.47 -14.45
C ASP D 346 -31.39 47.09 -14.92
N ILE D 347 -30.21 46.70 -14.45
CA ILE D 347 -29.57 45.47 -14.92
C ILE D 347 -29.84 44.30 -13.98
N GLY D 348 -30.28 43.18 -14.56
CA GLY D 348 -30.55 41.96 -13.81
C GLY D 348 -30.70 40.76 -14.73
N ILE D 350 -32.33 38.27 -17.31
CA ILE D 350 -33.34 38.25 -18.36
C ILE D 350 -34.17 36.97 -18.28
N GLU D 351 -35.49 37.14 -18.32
CA GLU D 351 -36.41 36.01 -18.30
C GLU D 351 -37.37 36.17 -19.46
N VAL D 352 -37.80 35.05 -20.05
CA VAL D 352 -38.68 35.09 -21.21
CA VAL D 352 -38.73 35.12 -21.17
C VAL D 352 -39.86 34.12 -21.05
N LYS D 353 -41.00 34.45 -21.63
CA LYS D 353 -42.17 33.58 -21.58
C LYS D 353 -42.90 33.72 -22.90
N GLY D 354 -43.40 32.61 -23.43
CA GLY D 354 -44.11 32.66 -24.69
C GLY D 354 -44.23 31.29 -25.31
N PRO D 355 -44.95 31.21 -26.44
CA PRO D 355 -45.20 29.92 -27.09
C PRO D 355 -43.93 29.36 -27.70
N ASN D 356 -42.90 30.20 -27.75
CA ASN D 356 -41.57 29.84 -28.23
C ASN D 356 -40.74 29.07 -27.21
N VAL D 357 -41.11 29.18 -25.94
CA VAL D 357 -40.27 28.65 -24.87
C VAL D 357 -40.42 27.13 -24.71
N PHE D 358 -39.28 26.45 -24.67
CA PHE D 358 -39.24 24.98 -24.57
C PHE D 358 -39.96 24.37 -23.38
N LYS D 359 -40.06 23.04 -23.43
CA LYS D 359 -40.87 22.28 -22.50
C LYS D 359 -40.10 21.81 -21.27
N GLY D 360 -38.77 21.96 -21.31
CA GLY D 360 -37.93 21.53 -20.21
C GLY D 360 -36.77 20.68 -20.70
N TYR D 361 -35.98 20.15 -19.77
CA TYR D 361 -34.81 19.34 -20.11
C TYR D 361 -35.09 17.85 -19.96
N TRP D 362 -34.69 17.10 -20.99
CA TRP D 362 -34.96 15.67 -21.09
C TRP D 362 -34.46 14.88 -19.89
N ARG D 363 -35.40 14.21 -19.22
CA ARG D 363 -35.10 13.40 -18.04
C ARG D 363 -34.37 14.15 -16.92
N PRO D 365 -35.89 16.57 -14.40
CA PRO D 365 -36.99 17.35 -13.81
C PRO D 365 -36.52 18.39 -12.80
N GLU D 366 -35.50 18.08 -12.02
CA GLU D 366 -34.98 19.03 -11.03
C GLU D 366 -34.43 20.29 -11.68
N LYS D 367 -33.62 20.10 -12.72
CA LYS D 367 -33.02 21.24 -13.40
C LYS D 367 -34.12 22.03 -14.09
N THR D 368 -35.09 21.34 -14.67
CA THR D 368 -36.21 22.01 -15.30
C THR D 368 -36.97 22.90 -14.32
N LYS D 369 -37.28 22.37 -13.15
CA LYS D 369 -38.03 23.12 -12.14
C LYS D 369 -37.24 24.37 -11.72
N SER D 370 -35.94 24.22 -11.55
CA SER D 370 -35.12 25.30 -11.05
C SER D 370 -34.97 26.46 -12.04
N GLU D 371 -35.13 26.18 -13.33
CA GLU D 371 -34.93 27.23 -14.33
C GLU D 371 -36.22 27.94 -14.78
N PHE D 372 -37.35 27.57 -14.17
CA PHE D 372 -38.61 28.25 -14.44
C PHE D 372 -39.14 28.92 -13.19
N ARG D 373 -39.60 30.15 -13.34
CA ARG D 373 -40.25 30.86 -12.24
C ARG D 373 -41.66 30.29 -12.04
N ASP D 374 -42.27 30.61 -10.91
CA ASP D 374 -43.60 30.10 -10.60
C ASP D 374 -44.63 30.55 -11.63
N ASP D 375 -44.42 31.71 -12.24
CA ASP D 375 -45.37 32.21 -13.25
C ASP D 375 -45.01 31.82 -14.68
N GLY D 376 -44.13 30.85 -14.86
CA GLY D 376 -43.87 30.30 -16.17
C GLY D 376 -42.76 30.95 -16.98
N PHE D 377 -42.14 32.00 -16.45
CA PHE D 377 -41.00 32.60 -17.14
C PHE D 377 -39.77 31.70 -17.02
N PHE D 378 -39.02 31.60 -18.11
CA PHE D 378 -37.79 30.83 -18.14
C PHE D 378 -36.61 31.74 -17.81
N ILE D 379 -35.76 31.29 -16.89
CA ILE D 379 -34.54 32.02 -16.53
C ILE D 379 -33.45 31.76 -17.58
N THR D 380 -33.05 32.78 -18.32
CA THR D 380 -32.18 32.55 -19.47
C THR D 380 -30.72 32.32 -19.08
N GLY D 381 -30.35 32.83 -17.92
CA GLY D 381 -28.95 32.88 -17.52
C GLY D 381 -28.20 34.10 -18.02
N ASP D 382 -28.84 34.87 -18.88
CA ASP D 382 -28.21 36.09 -19.40
C ASP D 382 -28.59 37.29 -18.56
N LEU D 383 -27.60 38.12 -18.25
CA LEU D 383 -27.87 39.37 -17.54
C LEU D 383 -28.06 40.47 -18.57
N GLY D 384 -28.82 41.50 -18.23
CA GLY D 384 -29.04 42.57 -19.17
C GLY D 384 -30.04 43.57 -18.65
N LYS D 385 -30.53 44.42 -19.57
CA LYS D 385 -31.54 45.40 -19.22
C LYS D 385 -32.51 45.52 -20.38
N ILE D 386 -33.70 46.04 -20.09
CA ILE D 386 -34.63 46.42 -21.14
C ILE D 386 -34.82 47.93 -21.04
N ASP D 387 -34.58 48.63 -22.14
CA ASP D 387 -34.65 50.09 -22.13
C ASP D 387 -36.08 50.62 -22.25
N GLU D 388 -36.23 51.96 -22.23
CA GLU D 388 -37.55 52.57 -22.25
CA GLU D 388 -37.56 52.56 -22.26
C GLU D 388 -38.32 52.26 -23.54
N ARG D 389 -37.61 51.87 -24.59
CA ARG D 389 -38.26 51.53 -25.85
C ARG D 389 -38.64 50.04 -25.89
N GLY D 390 -38.31 49.33 -24.82
CA GLY D 390 -38.55 47.90 -24.77
C GLY D 390 -37.49 47.05 -25.46
N TYR D 391 -36.41 47.67 -25.91
CA TYR D 391 -35.34 46.89 -26.55
C TYR D 391 -34.50 46.16 -25.52
N VAL D 392 -34.14 44.92 -25.83
CA VAL D 392 -33.39 44.08 -24.92
C VAL D 392 -31.89 44.27 -25.15
N HIS D 393 -31.16 44.57 -24.08
CA HIS D 393 -29.71 44.68 -24.11
C HIS D 393 -29.10 43.51 -23.33
N ILE D 394 -28.39 42.63 -24.03
CA ILE D 394 -27.71 41.50 -23.39
C ILE D 394 -26.32 41.93 -22.91
N LEU D 395 -26.08 41.77 -21.62
CA LEU D 395 -24.87 42.33 -21.02
C LEU D 395 -23.92 41.26 -20.50
N GLY D 396 -24.17 40.01 -20.88
CA GLY D 396 -23.25 38.92 -20.56
C GLY D 396 -23.79 38.03 -19.46
N ARG D 397 -22.92 37.19 -18.90
CA ARG D 397 -23.37 36.23 -17.90
C ARG D 397 -22.73 36.47 -16.54
N GLY D 398 -22.18 37.68 -16.36
CA GLY D 398 -21.75 38.12 -15.05
C GLY D 398 -20.31 37.84 -14.64
N LYS D 399 -19.57 37.11 -15.46
CA LYS D 399 -18.21 36.72 -15.06
C LYS D 399 -17.21 37.86 -15.24
N ASP D 400 -17.62 38.90 -15.96
CA ASP D 400 -16.74 40.00 -16.32
C ASP D 400 -16.97 41.25 -15.47
N LEU D 401 -17.68 41.08 -14.36
CA LEU D 401 -18.07 42.22 -13.52
C LEU D 401 -16.88 43.05 -13.03
N VAL D 402 -17.00 44.36 -13.13
CA VAL D 402 -16.07 45.31 -12.52
C VAL D 402 -16.75 45.92 -11.30
N ILE D 403 -16.02 46.09 -10.21
CA ILE D 403 -16.60 46.67 -9.00
C ILE D 403 -15.85 47.94 -8.62
N THR D 404 -16.51 49.08 -8.77
CA THR D 404 -15.87 50.35 -8.52
C THR D 404 -16.66 51.11 -7.47
N GLY D 405 -15.98 51.53 -6.40
CA GLY D 405 -16.65 52.18 -5.28
C GLY D 405 -17.77 51.34 -4.69
N GLY D 406 -17.64 50.02 -4.81
CA GLY D 406 -18.64 49.12 -4.27
C GLY D 406 -19.82 48.87 -5.20
N PHE D 407 -19.80 49.50 -6.37
CA PHE D 407 -20.90 49.37 -7.34
C PHE D 407 -20.54 48.42 -8.47
N ASN D 408 -21.49 47.56 -8.86
CA ASN D 408 -21.30 46.67 -10.00
C ASN D 408 -21.32 47.42 -11.31
N VAL D 409 -20.34 47.13 -12.17
CA VAL D 409 -20.30 47.67 -13.53
C VAL D 409 -20.18 46.54 -14.53
N TYR D 410 -21.03 46.56 -15.54
CA TYR D 410 -21.05 45.55 -16.60
C TYR D 410 -20.39 46.15 -17.82
N PRO D 411 -19.17 45.69 -18.14
CA PRO D 411 -18.39 46.28 -19.24
C PRO D 411 -19.16 46.44 -20.56
N LYS D 412 -20.00 45.47 -20.93
CA LYS D 412 -20.71 45.57 -22.21
C LYS D 412 -21.60 46.80 -22.30
N GLU D 413 -22.11 47.27 -21.16
CA GLU D 413 -22.99 48.43 -21.20
C GLU D 413 -22.23 49.68 -21.66
N ILE D 414 -20.97 49.78 -21.23
CA ILE D 414 -20.13 50.92 -21.58
C ILE D 414 -19.54 50.73 -22.98
N GLU D 415 -19.10 49.52 -23.27
CA GLU D 415 -18.56 49.20 -24.58
C GLU D 415 -19.50 49.55 -25.72
N SER D 416 -20.78 49.25 -25.56
CA SER D 416 -21.72 49.52 -26.64
CA SER D 416 -21.75 49.54 -26.62
C SER D 416 -21.82 51.03 -26.93
N GLU D 417 -21.66 51.84 -25.90
CA GLU D 417 -21.75 53.30 -26.06
C GLU D 417 -20.51 53.85 -26.76
N ILE D 418 -19.34 53.38 -26.36
CA ILE D 418 -18.10 53.78 -27.01
C ILE D 418 -18.04 53.29 -28.47
N ASP D 419 -18.45 52.04 -28.71
CA ASP D 419 -18.40 51.46 -30.04
C ASP D 419 -19.28 52.23 -31.01
N ALA D 420 -20.31 52.88 -30.48
CA ALA D 420 -21.27 53.62 -31.32
C ALA D 420 -20.71 54.95 -31.84
N PRO D 422 -18.34 57.47 -33.91
CA PRO D 422 -17.64 57.39 -35.19
C PRO D 422 -16.14 57.25 -35.00
N GLY D 423 -15.52 56.33 -35.73
CA GLY D 423 -14.08 56.15 -35.67
C GLY D 423 -13.65 55.05 -34.71
N VAL D 424 -14.59 54.56 -33.90
CA VAL D 424 -14.29 53.48 -32.96
C VAL D 424 -14.57 52.11 -33.60
N VAL D 425 -13.53 51.31 -33.75
CA VAL D 425 -13.72 49.96 -34.26
C VAL D 425 -14.25 49.04 -33.16
N GLU D 426 -13.57 49.03 -32.02
CA GLU D 426 -13.99 48.18 -30.91
C GLU D 426 -13.36 48.67 -29.61
N SER D 427 -14.11 48.58 -28.51
CA SER D 427 -13.59 48.91 -27.20
C SER D 427 -13.66 47.72 -26.27
N ALA D 428 -12.79 47.73 -25.27
CA ALA D 428 -12.83 46.72 -24.23
C ALA D 428 -12.73 47.44 -22.91
N VAL D 429 -13.71 47.24 -22.06
CA VAL D 429 -13.72 47.92 -20.77
C VAL D 429 -13.32 46.94 -19.68
N ILE D 430 -12.32 47.35 -18.89
CA ILE D 430 -11.77 46.53 -17.82
C ILE D 430 -11.69 47.29 -16.50
N GLY D 431 -11.41 46.55 -15.44
CA GLY D 431 -11.19 47.14 -14.13
C GLY D 431 -9.81 46.78 -13.65
N VAL D 432 -8.98 47.78 -13.35
CA VAL D 432 -7.64 47.52 -12.83
C VAL D 432 -7.47 48.24 -11.50
N PRO D 433 -6.49 47.82 -10.67
CA PRO D 433 -6.43 48.35 -9.31
C PRO D 433 -6.41 49.87 -9.27
N HIS D 434 -7.18 50.44 -8.34
CA HIS D 434 -7.24 51.89 -8.18
C HIS D 434 -7.46 52.17 -6.70
N ALA D 435 -6.49 52.83 -6.07
CA ALA D 435 -6.50 52.97 -4.61
C ALA D 435 -7.79 53.60 -4.10
N ASP D 436 -8.43 54.43 -4.92
CA ASP D 436 -9.63 55.14 -4.50
C ASP D 436 -10.91 54.34 -4.72
N PHE D 437 -10.95 53.54 -5.77
CA PHE D 437 -12.22 52.91 -6.17
C PHE D 437 -12.17 51.39 -6.17
N GLY D 438 -11.05 50.84 -5.76
CA GLY D 438 -10.85 49.40 -5.79
C GLY D 438 -10.43 48.99 -7.18
N GLU D 439 -11.37 49.08 -8.11
CA GLU D 439 -11.08 48.91 -9.52
C GLU D 439 -11.46 50.19 -10.27
N GLY D 440 -10.57 50.65 -11.14
CA GLY D 440 -10.82 51.82 -11.96
C GLY D 440 -11.33 51.37 -13.30
N VAL D 441 -12.53 51.82 -13.66
CA VAL D 441 -13.10 51.51 -14.96
C VAL D 441 -12.22 52.11 -16.05
N THR D 442 -11.79 51.28 -16.98
CA THR D 442 -10.80 51.68 -17.96
C THR D 442 -11.22 51.22 -19.35
N ALA D 443 -11.17 52.11 -20.33
CA ALA D 443 -11.51 51.72 -21.69
C ALA D 443 -10.28 51.59 -22.59
N VAL D 444 -10.19 50.45 -23.28
CA VAL D 444 -9.10 50.18 -24.21
C VAL D 444 -9.74 50.12 -25.59
N VAL D 445 -9.34 51.03 -26.46
CA VAL D 445 -10.12 51.35 -27.66
C VAL D 445 -9.30 51.23 -28.93
N VAL D 446 -9.84 50.53 -29.91
CA VAL D 446 -9.22 50.48 -31.24
C VAL D 446 -9.95 51.46 -32.13
N ARG D 447 -9.20 52.40 -32.72
CA ARG D 447 -9.78 53.38 -33.63
C ARG D 447 -9.47 53.05 -35.08
N ASP D 448 -10.26 53.63 -35.99
CA ASP D 448 -9.94 53.66 -37.40
C ASP D 448 -8.63 54.39 -37.64
N LYS D 449 -7.85 53.92 -38.61
CA LYS D 449 -6.64 54.66 -38.96
C LYS D 449 -7.08 56.03 -39.49
N GLY D 450 -6.58 57.09 -38.87
CA GLY D 450 -6.95 58.44 -39.26
C GLY D 450 -7.98 59.08 -38.34
N ALA D 451 -8.85 58.26 -37.76
CA ALA D 451 -9.89 58.75 -36.87
C ALA D 451 -9.36 59.83 -35.94
N THR D 452 -10.16 60.87 -35.71
CA THR D 452 -9.72 61.99 -34.90
C THR D 452 -10.20 61.92 -33.45
N ILE D 453 -11.05 60.95 -33.14
CA ILE D 453 -11.58 60.84 -31.79
C ILE D 453 -10.44 60.63 -30.78
N ASP D 454 -10.47 61.36 -29.68
CA ASP D 454 -9.45 61.20 -28.63
C ASP D 454 -10.06 60.89 -27.27
N GLU D 455 -9.22 60.83 -26.24
CA GLU D 455 -9.69 60.44 -24.91
C GLU D 455 -10.79 61.38 -24.42
N ALA D 456 -10.53 62.69 -24.52
CA ALA D 456 -11.47 63.69 -24.06
C ALA D 456 -12.83 63.54 -24.76
N GLN D 457 -12.79 63.26 -26.07
CA GLN D 457 -14.02 63.15 -26.84
C GLN D 457 -14.82 61.92 -26.42
N VAL D 458 -14.13 60.82 -26.15
CA VAL D 458 -14.82 59.62 -25.71
C VAL D 458 -15.51 59.90 -24.38
N LEU D 459 -14.75 60.48 -23.45
CA LEU D 459 -15.31 60.78 -22.13
C LEU D 459 -16.49 61.75 -22.24
N HIS D 460 -16.35 62.78 -23.06
CA HIS D 460 -17.44 63.72 -23.28
C HIS D 460 -18.66 63.03 -23.89
N GLY D 461 -18.42 62.12 -24.83
CA GLY D 461 -19.51 61.42 -25.49
C GLY D 461 -20.27 60.51 -24.53
N LEU D 462 -19.58 60.02 -23.50
CA LEU D 462 -20.23 59.16 -22.51
C LEU D 462 -20.98 59.98 -21.46
N ASP D 463 -20.49 61.20 -21.21
CA ASP D 463 -21.11 62.09 -20.24
C ASP D 463 -22.62 62.15 -20.43
N GLY D 464 -23.37 61.83 -19.38
CA GLY D 464 -24.82 61.90 -19.46
C GLY D 464 -25.48 60.69 -20.11
N GLN D 465 -24.68 59.83 -20.73
CA GLN D 465 -25.19 58.61 -21.34
C GLN D 465 -25.29 57.50 -20.30
N LEU D 466 -24.40 57.54 -19.32
CA LEU D 466 -24.38 56.55 -18.25
C LEU D 466 -24.21 57.23 -16.91
N ALA D 467 -24.57 56.52 -15.85
CA ALA D 467 -24.37 57.01 -14.49
C ALA D 467 -22.90 57.36 -14.30
N LYS D 468 -22.65 58.39 -13.50
CA LYS D 468 -21.28 58.85 -13.26
C LYS D 468 -20.34 57.76 -12.79
N PHE D 469 -20.83 56.83 -11.97
CA PHE D 469 -19.93 55.83 -11.39
C PHE D 469 -19.42 54.87 -12.46
N LYS D 470 -20.05 54.89 -13.63
CA LYS D 470 -19.66 54.01 -14.73
C LYS D 470 -18.64 54.64 -15.68
N PRO D 472 -15.39 55.67 -17.48
CA PRO D 472 -13.97 55.28 -17.50
C PRO D 472 -13.10 56.41 -16.93
N LYS D 473 -12.09 56.04 -16.15
CA LYS D 473 -11.18 57.01 -15.58
C LYS D 473 -10.09 57.36 -16.58
N LYS D 474 -9.88 56.45 -17.52
CA LYS D 474 -8.91 56.61 -18.59
C LYS D 474 -9.44 55.93 -19.84
N VAL D 475 -9.10 56.49 -21.00
CA VAL D 475 -9.29 55.84 -22.27
C VAL D 475 -7.92 55.67 -22.90
N ILE D 476 -7.61 54.44 -23.28
CA ILE D 476 -6.31 54.08 -23.83
C ILE D 476 -6.51 53.57 -25.25
N PHE D 477 -5.76 54.10 -26.21
CA PHE D 477 -5.90 53.64 -27.58
C PHE D 477 -4.81 52.66 -28.00
N VAL D 478 -5.24 51.62 -28.70
CA VAL D 478 -4.35 50.58 -29.17
C VAL D 478 -4.61 50.24 -30.63
N ASP D 479 -3.65 49.60 -31.28
CA ASP D 479 -3.81 49.13 -32.66
C ASP D 479 -4.71 47.90 -32.74
N ASP D 480 -4.65 47.04 -31.72
CA ASP D 480 -5.50 45.87 -31.68
C ASP D 480 -5.65 45.35 -30.24
N LEU D 481 -6.59 44.44 -30.05
CA LEU D 481 -6.84 43.85 -28.74
C LEU D 481 -6.30 42.43 -28.69
N PRO D 482 -5.79 42.01 -27.52
CA PRO D 482 -5.31 40.63 -27.37
C PRO D 482 -6.45 39.65 -27.45
N ARG D 483 -6.32 38.62 -28.28
CA ARG D 483 -7.38 37.64 -28.44
C ARG D 483 -6.87 36.23 -28.24
N ASN D 484 -7.73 35.36 -27.75
CA ASN D 484 -7.37 33.96 -27.67
C ASN D 484 -7.47 33.37 -29.06
N THR D 485 -7.22 32.08 -29.18
CA THR D 485 -7.22 31.42 -30.47
C THR D 485 -8.61 31.40 -31.10
N GLY D 487 -10.56 34.04 -31.01
CA GLY D 487 -10.84 35.41 -31.40
C GLY D 487 -11.52 36.24 -30.32
N LYS D 488 -11.68 35.65 -29.13
CA LYS D 488 -12.28 36.37 -28.02
C LYS D 488 -11.26 37.26 -27.32
N VAL D 489 -11.65 38.50 -27.04
CA VAL D 489 -10.77 39.45 -26.36
C VAL D 489 -10.43 38.97 -24.95
N GLN D 490 -9.13 38.97 -24.63
CA GLN D 490 -8.64 38.46 -23.35
CA GLN D 490 -8.68 38.45 -23.35
C GLN D 490 -8.51 39.56 -22.33
N LYS D 491 -9.55 39.78 -21.53
CA LYS D 491 -9.48 40.85 -20.55
C LYS D 491 -8.45 40.61 -19.46
N ASN D 492 -8.12 39.34 -19.19
CA ASN D 492 -7.04 39.08 -18.23
C ASN D 492 -5.71 39.65 -18.72
N VAL D 493 -5.43 39.50 -20.01
CA VAL D 493 -4.20 40.02 -20.58
C VAL D 493 -4.20 41.55 -20.48
N LEU D 494 -5.32 42.17 -20.83
CA LEU D 494 -5.45 43.62 -20.71
C LEU D 494 -5.21 44.10 -19.28
N ARG D 495 -5.78 43.39 -18.31
CA ARG D 495 -5.61 43.77 -16.91
C ARG D 495 -4.15 43.66 -16.47
N GLU D 496 -3.44 42.67 -17.00
CA GLU D 496 -2.01 42.53 -16.68
C GLU D 496 -1.23 43.68 -17.31
N THR D 497 -1.51 43.94 -18.58
CA THR D 497 -0.84 45.02 -19.30
C THR D 497 -0.97 46.38 -18.61
N TYR D 498 -2.19 46.69 -18.17
CA TYR D 498 -2.51 47.99 -17.60
C TYR D 498 -2.64 47.98 -16.08
N LYS D 499 -2.02 47.01 -15.43
CA LYS D 499 -2.16 46.82 -13.99
C LYS D 499 -1.74 48.04 -13.16
N ASP D 500 -0.81 48.84 -13.68
CA ASP D 500 -0.23 49.95 -12.91
C ASP D 500 -0.66 51.35 -13.37
N ILE D 501 -1.66 51.44 -14.23
CA ILE D 501 -2.03 52.74 -14.79
C ILE D 501 -2.57 53.73 -13.76
N TYR D 502 -2.98 53.26 -12.59
CA TYR D 502 -3.46 54.19 -11.55
C TYR D 502 -2.54 54.25 -10.35
N LYS D 503 -1.35 53.68 -10.48
CA LYS D 503 -0.38 53.74 -9.40
C LYS D 503 0.38 55.06 -9.48
#